data_6F8Z
#
_entry.id   6F8Z
#
_cell.length_a   272.301
_cell.length_b   272.301
_cell.length_c   190.047
_cell.angle_alpha   90.00
_cell.angle_beta   90.00
_cell.angle_gamma   120.00
#
_symmetry.space_group_name_H-M   'P 62 2 2'
#
loop_
_entity.id
_entity.type
_entity.pdbx_description
1 polymer 'Alpha-1,2-mannosidase, putative'
2 non-polymer 'CALCIUM ION'
3 non-polymer 1,2-ETHANEDIOL
4 water water
#
_entity_poly.entity_id   1
_entity_poly.type   'polypeptide(L)'
_entity_poly.pdbx_seq_one_letter_code
;MGQAGEITKYVNPFIGTGAIDGGLSGNNYPGATSPFGMIQLSPDTSEAPNWGDASGYDYNRNTIFGFSHTRLSGTGASDL
IDITLMPTSSGRTSSAFTHDEEKARPGYYQVMLKDENINAELTTTQRNGIHRYQYPAGKDAEIILDMDHSADKGSWGRRI
INSQIRILNDHAVEGYRIITGWAKLRKIYFYMEFSSPILTSTLRDGGRVHENTAVINGTNLHGCFRFGQLNGKPLTCKVA
LSSVSMENARQNMEQEAPHWDFDRYVAAADADWEKQLGKIEVKGTEVQKEIFYTALYHTMIQPNTMSDVNGEYMAADYTT
RKVANNETHYTTFSLWDTFRASHPLYTLLEPERVTDFVKSMIRQYEYYGYLPIWQLWGQDNYCMIGNHSIPVITDAILKG
IPGIDMEKAYEAVYNSSVTSHPNSPFEVWEKYGFMPENIQTQSVSITLEQAFDDWCVAQLAAKLNKDADYQRFHKRSEYY
RNLFHPKTKFFQSKNDKGEWIEPFDPYQYGGNGGHPFTEGNAWQYFWYVPHNIQALMELTGGTKAFEQKLDTFFTSTYKS
EQMNHNASGFVGQYAHGNEPSHHVAYLYNFAGQPWKTQKYVSHILNTLYNNTSSGYAGNDDCGQMSAWYVFSAMGFYPVN
PADGRYIIGSPLLDECTLKLAGNKEFRIRTIRKSPEDIYIQSVTLNGKKHKDFFITHQDIMNGGTMVFKMGKKPSGWGKL
EHHHHHH
;
_entity_poly.pdbx_strand_id   A,B,C
#
# COMPACT_ATOMS: atom_id res chain seq x y z
N GLN A 3 6.02 -18.77 1.86
CA GLN A 3 5.32 -19.42 3.00
C GLN A 3 6.25 -20.42 3.72
N ALA A 4 6.96 -19.94 4.76
CA ALA A 4 7.90 -20.78 5.52
C ALA A 4 7.17 -21.80 6.40
N GLY A 5 7.59 -23.07 6.30
CA GLY A 5 6.90 -24.18 6.92
C GLY A 5 5.67 -24.68 6.18
N GLU A 6 5.45 -24.29 4.92
CA GLU A 6 4.28 -24.73 4.14
C GLU A 6 4.20 -26.25 4.07
N ILE A 7 5.33 -26.88 3.73
CA ILE A 7 5.45 -28.35 3.68
C ILE A 7 5.94 -28.96 5.00
N THR A 8 6.96 -28.37 5.63
CA THR A 8 7.54 -28.99 6.83
C THR A 8 6.54 -29.14 7.99
N LYS A 9 5.53 -28.26 8.05
CA LYS A 9 4.51 -28.35 9.13
C LYS A 9 3.70 -29.64 9.11
N TYR A 10 3.68 -30.33 7.97
CA TYR A 10 2.98 -31.60 7.86
C TYR A 10 3.69 -32.80 8.47
N VAL A 11 5.01 -32.75 8.59
CA VAL A 11 5.76 -33.88 9.09
C VAL A 11 5.48 -34.03 10.60
N ASN A 12 5.10 -35.21 11.03
CA ASN A 12 4.92 -35.54 12.44
C ASN A 12 5.92 -36.63 12.84
N PRO A 13 7.08 -36.24 13.40
CA PRO A 13 8.08 -37.24 13.79
C PRO A 13 7.64 -38.28 14.82
N PHE A 14 6.50 -38.09 15.49
CA PHE A 14 5.95 -39.09 16.40
C PHE A 14 5.24 -40.25 15.70
N ILE A 15 4.96 -40.14 14.41
CA ILE A 15 4.36 -41.26 13.67
C ILE A 15 5.40 -42.38 13.55
N GLY A 16 5.07 -43.53 14.12
CA GLY A 16 5.93 -44.70 14.08
C GLY A 16 6.80 -44.88 15.32
N THR A 17 6.63 -44.03 16.33
CA THR A 17 7.44 -44.08 17.55
C THR A 17 6.87 -44.94 18.66
N GLY A 18 5.70 -45.52 18.45
CA GLY A 18 5.08 -46.33 19.50
C GLY A 18 4.25 -47.45 18.95
N ALA A 19 3.37 -47.96 19.81
CA ALA A 19 2.48 -49.05 19.48
C ALA A 19 1.31 -48.95 20.44
N ILE A 20 0.12 -49.33 19.96
CA ILE A 20 -1.13 -49.04 20.69
C ILE A 20 -1.81 -50.38 21.00
N ASP A 21 -2.17 -50.56 22.29
CA ASP A 21 -2.38 -51.88 22.89
C ASP A 21 -1.03 -52.63 22.82
N GLY A 22 -1.02 -53.86 22.33
CA GLY A 22 0.23 -54.58 22.05
C GLY A 22 0.55 -54.69 20.57
N GLY A 23 0.08 -53.73 19.76
CA GLY A 23 0.22 -53.74 18.30
C GLY A 23 1.65 -53.49 17.84
N LEU A 24 1.79 -52.89 16.65
CA LEU A 24 3.07 -52.87 15.94
C LEU A 24 3.60 -51.44 15.75
N SER A 25 4.92 -51.26 15.88
CA SER A 25 5.58 -49.94 15.79
C SER A 25 6.53 -49.90 14.61
N GLY A 26 6.73 -48.70 14.12
CA GLY A 26 7.74 -48.43 13.13
C GLY A 26 9.17 -48.44 13.62
N ASN A 27 9.40 -48.30 14.93
CA ASN A 27 10.74 -48.06 15.48
C ASN A 27 11.40 -46.79 14.93
N ASN A 28 10.57 -45.78 14.65
CA ASN A 28 11.06 -44.47 14.23
C ASN A 28 11.38 -43.67 15.48
N TYR A 29 12.02 -42.52 15.27
CA TYR A 29 12.43 -41.66 16.37
C TYR A 29 11.99 -40.22 16.08
N PRO A 30 11.68 -39.43 17.14
CA PRO A 30 11.19 -38.05 16.94
C PRO A 30 12.24 -36.96 16.97
N GLY A 31 13.48 -37.29 17.34
CA GLY A 31 14.54 -36.27 17.45
C GLY A 31 14.98 -35.67 16.15
N ALA A 32 15.86 -34.69 16.26
CA ALA A 32 16.26 -33.87 15.14
C ALA A 32 17.29 -34.58 14.26
N THR A 33 17.17 -34.39 12.95
CA THR A 33 18.20 -34.81 12.03
C THR A 33 18.10 -33.99 10.76
N SER A 34 19.12 -34.14 9.92
CA SER A 34 19.22 -33.47 8.64
C SER A 34 19.10 -34.52 7.52
N PRO A 35 18.77 -34.08 6.30
CA PRO A 35 18.62 -35.05 5.21
C PRO A 35 19.90 -35.86 4.94
N PHE A 36 19.77 -37.19 4.99
CA PHE A 36 20.86 -38.13 4.74
C PHE A 36 22.09 -37.84 5.61
N GLY A 37 21.85 -37.51 6.87
CA GLY A 37 22.87 -36.95 7.74
C GLY A 37 23.67 -37.96 8.54
N MET A 38 24.71 -37.44 9.22
CA MET A 38 25.54 -38.22 10.13
C MET A 38 24.96 -38.22 11.54
N ILE A 39 24.19 -37.18 11.86
CA ILE A 39 23.72 -36.96 13.22
C ILE A 39 22.21 -37.13 13.35
N GLN A 40 21.81 -38.00 14.29
CA GLN A 40 20.43 -38.17 14.71
C GLN A 40 20.35 -37.89 16.23
N LEU A 41 20.04 -36.63 16.56
CA LEU A 41 20.05 -36.11 17.92
C LEU A 41 18.67 -36.27 18.52
N SER A 42 18.53 -37.19 19.46
CA SER A 42 17.22 -37.62 19.89
C SER A 42 17.29 -38.19 21.31
N PRO A 43 16.21 -38.03 22.10
CA PRO A 43 16.17 -38.63 23.43
C PRO A 43 16.02 -40.13 23.40
N ASP A 44 16.66 -40.80 24.34
CA ASP A 44 16.48 -42.23 24.55
C ASP A 44 15.56 -42.43 25.75
N THR A 45 14.50 -43.21 25.58
CA THR A 45 13.56 -43.51 26.68
C THR A 45 13.84 -44.86 27.36
N SER A 46 15.06 -45.35 27.14
CA SER A 46 15.53 -46.60 27.69
C SER A 46 17.00 -46.39 28.09
N GLU A 47 17.46 -47.07 29.14
CA GLU A 47 18.88 -47.08 29.52
C GLU A 47 19.71 -47.83 28.48
N ALA A 48 19.12 -48.85 27.86
CA ALA A 48 19.81 -49.70 26.91
C ALA A 48 18.87 -50.17 25.78
N PRO A 49 18.74 -49.37 24.70
CA PRO A 49 17.88 -49.72 23.58
C PRO A 49 18.08 -51.14 23.04
N ASN A 50 16.96 -51.82 22.77
CA ASN A 50 16.91 -53.21 22.31
C ASN A 50 15.99 -53.27 21.06
N TRP A 51 15.60 -54.47 20.62
CA TRP A 51 14.84 -54.64 19.38
C TRP A 51 13.43 -54.04 19.45
N GLY A 52 12.83 -54.04 20.63
CA GLY A 52 11.53 -53.42 20.84
C GLY A 52 11.52 -51.90 20.80
N ASP A 53 12.70 -51.27 20.87
CA ASP A 53 12.83 -49.82 20.79
C ASP A 53 14.19 -49.45 20.19
N ALA A 54 14.45 -50.00 19.02
CA ALA A 54 15.80 -49.96 18.42
C ALA A 54 16.35 -48.58 18.07
N SER A 55 15.46 -47.61 17.81
CA SER A 55 15.88 -46.23 17.58
C SER A 55 16.20 -45.47 18.85
N GLY A 56 15.80 -46.05 20.00
CA GLY A 56 16.04 -45.47 21.31
C GLY A 56 14.83 -44.88 21.98
N TYR A 57 13.74 -44.69 21.23
CA TYR A 57 12.55 -43.99 21.73
C TYR A 57 11.32 -44.86 21.64
N ASP A 58 10.47 -44.76 22.66
CA ASP A 58 9.19 -45.48 22.70
C ASP A 58 8.12 -44.54 23.26
N TYR A 59 7.04 -44.38 22.50
CA TYR A 59 5.96 -43.43 22.84
C TYR A 59 5.21 -43.80 24.12
N ASN A 60 5.20 -45.08 24.45
CA ASN A 60 4.61 -45.54 25.70
C ASN A 60 5.42 -45.25 26.96
N ARG A 61 6.62 -44.68 26.83
CA ARG A 61 7.48 -44.42 27.97
C ARG A 61 7.37 -42.97 28.43
N ASN A 62 7.75 -42.73 29.68
CA ASN A 62 7.61 -41.43 30.33
C ASN A 62 8.90 -40.86 30.96
N THR A 63 10.04 -41.54 30.71
CA THR A 63 11.35 -41.16 31.25
C THR A 63 12.37 -41.05 30.12
N ILE A 64 13.17 -39.98 30.15
CA ILE A 64 14.28 -39.75 29.22
C ILE A 64 15.60 -39.99 29.95
N PHE A 65 16.49 -40.78 29.37
CA PHE A 65 17.78 -41.14 29.99
C PHE A 65 18.99 -40.45 29.37
N GLY A 66 18.76 -39.51 28.46
CA GLY A 66 19.83 -38.72 27.84
C GLY A 66 19.48 -38.47 26.39
N PHE A 67 20.23 -37.57 25.76
CA PHE A 67 20.13 -37.28 24.33
C PHE A 67 21.41 -37.75 23.62
N SER A 68 21.31 -38.79 22.81
CA SER A 68 22.46 -39.32 22.06
C SER A 68 22.44 -38.82 20.62
N HIS A 69 23.47 -39.13 19.84
CA HIS A 69 23.72 -38.48 18.57
C HIS A 69 23.67 -39.35 17.33
N THR A 70 23.41 -40.64 17.50
CA THR A 70 23.37 -41.57 16.36
C THR A 70 22.32 -42.65 16.61
N ARG A 71 21.66 -43.08 15.54
CA ARG A 71 20.73 -44.23 15.58
C ARG A 71 20.29 -44.66 14.19
N LEU A 72 19.64 -45.81 14.16
CA LEU A 72 18.96 -46.33 12.99
C LEU A 72 17.46 -46.05 13.14
N SER A 73 16.78 -45.83 12.00
CA SER A 73 15.34 -45.64 11.97
C SER A 73 14.66 -46.90 11.46
N GLY A 74 13.83 -47.48 12.30
CA GLY A 74 12.95 -48.57 11.90
C GLY A 74 13.56 -49.95 11.75
N THR A 75 14.72 -50.18 12.37
CA THR A 75 15.37 -51.49 12.28
C THR A 75 14.87 -52.43 13.34
N GLY A 76 15.05 -53.73 13.10
CA GLY A 76 14.66 -54.77 14.06
C GLY A 76 15.76 -55.15 15.04
N ALA A 77 16.88 -54.45 15.02
CA ALA A 77 17.96 -54.65 16.00
C ALA A 77 18.58 -53.30 16.28
N SER A 78 19.03 -53.06 17.50
CA SER A 78 19.56 -51.76 17.87
C SER A 78 21.08 -51.69 17.77
N ASP A 79 21.56 -50.51 17.40
CA ASP A 79 22.98 -50.23 17.41
C ASP A 79 23.13 -48.72 17.42
N LEU A 80 24.37 -48.23 17.36
CA LEU A 80 24.71 -46.79 17.40
C LEU A 80 24.47 -46.22 18.81
N ILE A 81 23.59 -45.23 19.00
CA ILE A 81 23.30 -44.70 20.36
C ILE A 81 24.56 -44.12 21.04
N ASP A 82 25.32 -43.31 20.30
CA ASP A 82 26.64 -42.82 20.72
C ASP A 82 26.62 -41.38 21.16
N ILE A 83 27.35 -41.09 22.24
CA ILE A 83 27.63 -39.74 22.72
C ILE A 83 26.36 -39.12 23.28
N THR A 84 26.20 -39.25 24.59
CA THR A 84 24.94 -38.98 25.27
C THR A 84 25.09 -37.86 26.29
N LEU A 85 24.40 -36.73 26.05
CA LEU A 85 24.33 -35.62 27.01
C LEU A 85 23.02 -35.63 27.79
N MET A 86 23.09 -35.18 29.04
CA MET A 86 21.91 -34.95 29.87
C MET A 86 22.08 -33.71 30.72
N PRO A 87 21.15 -32.73 30.60
CA PRO A 87 21.22 -31.56 31.50
C PRO A 87 20.71 -31.90 32.90
N THR A 88 21.28 -31.26 33.91
CA THR A 88 20.81 -31.41 35.29
C THR A 88 21.30 -30.26 36.15
N SER A 89 20.72 -30.14 37.33
CA SER A 89 21.16 -29.18 38.35
C SER A 89 21.75 -29.87 39.58
N SER A 90 21.59 -31.19 39.72
CA SER A 90 22.02 -31.89 40.91
C SER A 90 22.66 -33.23 40.56
N GLY A 91 23.44 -33.21 39.48
CA GLY A 91 24.08 -34.43 38.95
C GLY A 91 23.19 -35.62 38.64
N ARG A 92 21.94 -35.38 38.24
CA ARG A 92 21.00 -36.46 37.91
C ARG A 92 21.13 -36.92 36.45
N THR A 93 20.76 -38.18 36.19
CA THR A 93 20.96 -38.83 34.88
C THR A 93 19.70 -39.17 34.06
N SER A 94 18.52 -39.05 34.69
CA SER A 94 17.24 -39.32 34.06
C SER A 94 16.20 -38.25 34.45
N SER A 95 15.08 -38.25 33.76
CA SER A 95 13.98 -37.34 34.04
C SER A 95 12.66 -37.80 33.45
N ALA A 96 11.58 -37.54 34.19
CA ALA A 96 10.24 -37.68 33.65
C ALA A 96 9.94 -36.60 32.58
N PHE A 97 9.05 -36.94 31.65
CA PHE A 97 8.51 -35.98 30.69
C PHE A 97 7.10 -36.41 30.30
N THR A 98 6.32 -35.47 29.76
CA THR A 98 5.01 -35.77 29.16
C THR A 98 4.96 -35.30 27.72
N HIS A 99 4.21 -36.05 26.93
CA HIS A 99 3.95 -35.68 25.53
C HIS A 99 3.23 -34.35 25.37
N ASP A 100 2.47 -33.93 26.39
CA ASP A 100 1.84 -32.61 26.41
C ASP A 100 2.83 -31.45 26.38
N GLU A 101 4.06 -31.67 26.88
CA GLU A 101 5.11 -30.64 26.88
C GLU A 101 6.31 -31.18 26.09
N GLU A 102 6.09 -31.33 24.77
CA GLU A 102 7.03 -31.93 23.83
C GLU A 102 6.57 -31.62 22.42
N LYS A 103 7.46 -31.07 21.59
CA LYS A 103 7.17 -30.77 20.18
C LYS A 103 8.26 -31.37 19.28
N ALA A 104 7.93 -31.63 18.02
CA ALA A 104 8.92 -32.07 17.04
C ALA A 104 8.49 -31.72 15.63
N ARG A 105 9.45 -31.28 14.83
CA ARG A 105 9.22 -31.02 13.42
CA ARG A 105 9.23 -31.00 13.41
C ARG A 105 10.58 -31.13 12.69
N PRO A 106 10.59 -31.16 11.33
CA PRO A 106 11.84 -31.42 10.64
C PRO A 106 13.00 -30.55 11.11
N GLY A 107 14.05 -31.19 11.60
CA GLY A 107 15.24 -30.51 12.10
C GLY A 107 15.14 -29.94 13.51
N TYR A 108 14.12 -30.35 14.29
CA TYR A 108 13.87 -29.75 15.59
C TYR A 108 13.12 -30.67 16.55
N TYR A 109 13.58 -30.71 17.81
CA TYR A 109 12.89 -31.46 18.88
C TYR A 109 12.96 -30.63 20.16
N GLN A 110 11.90 -30.66 20.96
CA GLN A 110 11.87 -29.97 22.23
C GLN A 110 11.13 -30.82 23.25
N VAL A 111 11.59 -30.74 24.50
CA VAL A 111 10.88 -31.41 25.59
C VAL A 111 11.21 -30.68 26.89
N MET A 112 10.25 -30.66 27.81
CA MET A 112 10.48 -30.10 29.13
C MET A 112 10.79 -31.29 30.01
N LEU A 113 11.97 -31.26 30.65
CA LEU A 113 12.38 -32.32 31.57
C LEU A 113 11.85 -31.92 32.95
N LYS A 114 10.93 -32.72 33.46
CA LYS A 114 10.06 -32.31 34.56
C LYS A 114 10.64 -32.43 35.96
N ASP A 115 11.63 -33.29 36.15
CA ASP A 115 12.18 -33.55 37.49
C ASP A 115 12.83 -32.29 38.07
N GLU A 116 13.54 -31.54 37.23
CA GLU A 116 14.19 -30.29 37.65
C GLU A 116 13.81 -29.10 36.77
N ASN A 117 12.73 -29.25 36.00
CA ASN A 117 12.14 -28.14 35.27
C ASN A 117 13.14 -27.50 34.29
N ILE A 118 13.79 -28.34 33.48
CA ILE A 118 14.76 -27.89 32.48
C ILE A 118 14.19 -28.15 31.09
N ASN A 119 14.26 -27.12 30.25
CA ASN A 119 13.78 -27.23 28.90
C ASN A 119 14.93 -27.59 27.95
N ALA A 120 14.72 -28.63 27.15
CA ALA A 120 15.70 -29.11 26.17
C ALA A 120 15.20 -28.86 24.74
N GLU A 121 16.02 -28.20 23.92
CA GLU A 121 15.81 -28.08 22.48
C GLU A 121 16.99 -28.63 21.68
N LEU A 122 16.69 -29.33 20.57
CA LEU A 122 17.68 -29.96 19.68
C LEU A 122 17.49 -29.56 18.22
N THR A 123 18.61 -29.36 17.52
CA THR A 123 18.63 -29.27 16.03
C THR A 123 19.94 -29.88 15.49
N THR A 124 20.13 -29.90 14.18
CA THR A 124 21.33 -30.50 13.59
C THR A 124 21.78 -29.78 12.34
N THR A 125 23.04 -29.99 12.00
CA THR A 125 23.54 -29.82 10.64
C THR A 125 23.87 -31.23 10.14
N GLN A 126 24.49 -31.32 8.97
CA GLN A 126 24.84 -32.59 8.36
C GLN A 126 25.73 -33.46 9.27
N ARG A 127 26.64 -32.82 9.99
CA ARG A 127 27.58 -33.51 10.85
C ARG A 127 27.71 -32.94 12.28
N ASN A 128 26.82 -32.02 12.68
CA ASN A 128 26.81 -31.50 14.03
C ASN A 128 25.46 -31.63 14.69
N GLY A 129 25.44 -31.85 16.00
CA GLY A 129 24.24 -31.74 16.83
C GLY A 129 24.31 -30.47 17.67
N ILE A 130 23.23 -29.70 17.70
CA ILE A 130 23.18 -28.45 18.49
C ILE A 130 22.10 -28.59 19.56
N HIS A 131 22.44 -28.24 20.81
CA HIS A 131 21.55 -28.37 21.96
C HIS A 131 21.38 -27.00 22.55
N ARG A 132 20.22 -26.78 23.15
CA ARG A 132 20.02 -25.60 23.96
C ARG A 132 19.21 -25.97 25.16
N TYR A 133 19.77 -25.65 26.33
CA TYR A 133 19.18 -26.01 27.60
C TYR A 133 18.88 -24.74 28.38
N GLN A 134 17.65 -24.67 28.92
CA GLN A 134 17.18 -23.55 29.74
C GLN A 134 16.93 -24.07 31.14
N TYR A 135 17.69 -23.56 32.10
CA TYR A 135 17.59 -23.97 33.50
C TYR A 135 16.78 -22.93 34.26
N PRO A 136 16.14 -23.34 35.36
CA PRO A 136 15.45 -22.35 36.16
C PRO A 136 16.43 -21.31 36.68
N ALA A 137 15.99 -20.05 36.77
CA ALA A 137 16.81 -19.01 37.41
C ALA A 137 16.95 -19.40 38.90
N GLY A 138 18.11 -19.12 39.47
CA GLY A 138 18.39 -19.59 40.82
C GLY A 138 18.90 -21.03 40.96
N LYS A 139 18.96 -21.80 39.87
CA LYS A 139 19.46 -23.18 39.91
C LYS A 139 20.80 -23.32 39.15
N ASP A 140 21.64 -24.24 39.60
CA ASP A 140 22.93 -24.52 38.94
C ASP A 140 22.72 -25.22 37.59
N ALA A 141 23.53 -24.85 36.60
CA ALA A 141 23.57 -25.53 35.29
C ALA A 141 24.70 -26.57 35.21
N GLU A 142 24.33 -27.81 34.88
CA GLU A 142 25.30 -28.89 34.68
C GLU A 142 24.92 -29.72 33.46
N ILE A 143 25.93 -30.31 32.81
CA ILE A 143 25.78 -31.27 31.72
C ILE A 143 26.50 -32.55 32.11
N ILE A 144 25.82 -33.68 31.99
CA ILE A 144 26.45 -35.00 32.11
C ILE A 144 26.72 -35.56 30.70
N LEU A 145 27.93 -36.06 30.49
CA LEU A 145 28.32 -36.76 29.28
C LEU A 145 28.45 -38.21 29.64
N ASP A 146 27.70 -39.10 28.97
CA ASP A 146 27.75 -40.54 29.24
C ASP A 146 28.26 -41.28 27.99
N MET A 147 29.45 -41.86 28.09
CA MET A 147 30.10 -42.61 27.00
C MET A 147 29.87 -44.10 27.11
N ASP A 148 29.19 -44.56 28.15
CA ASP A 148 28.85 -45.98 28.28
C ASP A 148 27.46 -46.31 27.67
N HIS A 149 26.52 -45.37 27.80
CA HIS A 149 25.16 -45.48 27.27
C HIS A 149 25.19 -45.95 25.81
N SER A 150 24.49 -47.04 25.54
CA SER A 150 24.53 -47.68 24.24
C SER A 150 23.33 -48.63 24.09
N ALA A 151 23.24 -49.23 22.91
CA ALA A 151 22.35 -50.38 22.73
C ALA A 151 22.71 -51.51 23.70
N ASP A 152 21.73 -52.37 24.00
CA ASP A 152 21.87 -53.48 24.96
C ASP A 152 23.16 -54.27 24.81
N LYS A 153 23.96 -54.37 25.89
CA LYS A 153 25.29 -55.01 25.81
C LYS A 153 25.24 -56.53 25.88
N GLY A 154 24.08 -57.11 26.17
CA GLY A 154 23.90 -58.57 26.10
C GLY A 154 23.62 -59.17 24.73
N SER A 155 23.68 -58.37 23.67
CA SER A 155 23.50 -58.87 22.29
C SER A 155 24.75 -58.55 21.46
N TRP A 156 25.07 -59.44 20.52
CA TRP A 156 26.13 -59.23 19.52
C TRP A 156 27.57 -59.20 20.10
N GLY A 157 27.75 -59.69 21.32
CA GLY A 157 29.01 -59.55 22.06
C GLY A 157 29.46 -58.12 22.29
N ARG A 158 28.50 -57.19 22.38
CA ARG A 158 28.77 -55.75 22.39
C ARG A 158 29.52 -55.35 23.63
N ARG A 159 30.71 -54.77 23.44
CA ARG A 159 31.44 -54.16 24.54
C ARG A 159 32.23 -52.99 24.02
N ILE A 160 32.45 -52.02 24.89
CA ILE A 160 33.34 -50.91 24.61
C ILE A 160 34.79 -51.38 24.82
N ILE A 161 35.59 -51.25 23.78
CA ILE A 161 36.97 -51.70 23.76
C ILE A 161 37.84 -50.67 24.44
N ASN A 162 37.67 -49.40 24.05
CA ASN A 162 38.29 -48.28 24.73
C ASN A 162 37.54 -46.99 24.44
N SER A 163 37.75 -45.98 25.29
CA SER A 163 37.16 -44.67 25.14
C SER A 163 37.93 -43.64 25.93
N GLN A 164 37.61 -42.38 25.65
CA GLN A 164 38.28 -41.21 26.19
C GLN A 164 37.30 -40.04 26.36
N ILE A 165 37.46 -39.28 27.44
CA ILE A 165 36.90 -37.93 27.57
C ILE A 165 38.08 -37.04 27.96
N ARG A 166 38.21 -35.90 27.28
CA ARG A 166 39.34 -35.02 27.46
C ARG A 166 38.95 -33.55 27.39
N ILE A 167 39.15 -32.82 28.49
CA ILE A 167 38.78 -31.41 28.55
C ILE A 167 39.96 -30.60 28.03
N LEU A 168 39.75 -29.87 26.95
CA LEU A 168 40.83 -29.18 26.25
C LEU A 168 41.09 -27.80 26.83
N ASN A 169 40.01 -27.07 27.13
CA ASN A 169 40.05 -25.75 27.75
C ASN A 169 38.71 -25.54 28.48
N ASP A 170 38.39 -24.32 28.91
CA ASP A 170 37.13 -24.15 29.66
C ASP A 170 35.82 -24.24 28.80
N HIS A 171 35.92 -24.22 27.48
CA HIS A 171 34.73 -24.35 26.61
C HIS A 171 34.75 -25.55 25.64
N ALA A 172 35.73 -26.45 25.73
CA ALA A 172 35.92 -27.52 24.73
C ALA A 172 36.28 -28.88 25.33
N VAL A 173 35.65 -29.93 24.81
CA VAL A 173 35.83 -31.30 25.26
C VAL A 173 35.91 -32.19 24.02
N GLU A 174 36.85 -33.12 24.00
CA GLU A 174 36.95 -34.08 22.89
C GLU A 174 36.99 -35.46 23.48
N GLY A 175 36.80 -36.46 22.63
CA GLY A 175 36.93 -37.84 23.05
C GLY A 175 36.57 -38.81 21.96
N TYR A 176 36.33 -40.06 22.33
CA TYR A 176 35.96 -41.08 21.37
C TYR A 176 35.49 -42.31 22.12
N ARG A 177 34.93 -43.24 21.37
CA ARG A 177 34.67 -44.59 21.87
C ARG A 177 34.86 -45.58 20.72
N ILE A 178 35.35 -46.77 21.06
CA ILE A 178 35.46 -47.87 20.12
C ILE A 178 34.67 -48.99 20.71
N ILE A 179 33.77 -49.54 19.90
CA ILE A 179 32.72 -50.42 20.40
C ILE A 179 32.38 -51.47 19.36
N THR A 180 32.00 -52.64 19.84
CA THR A 180 31.55 -53.74 18.98
C THR A 180 30.02 -53.84 19.09
N GLY A 181 29.42 -54.67 18.23
CA GLY A 181 27.98 -54.85 18.26
C GLY A 181 27.51 -55.47 16.96
N TRP A 182 26.34 -55.04 16.51
CA TRP A 182 25.72 -55.58 15.29
C TRP A 182 26.67 -55.33 14.12
N ALA A 183 27.23 -54.12 14.08
CA ALA A 183 28.45 -53.84 13.33
C ALA A 183 29.67 -54.30 14.16
N LYS A 184 30.57 -55.05 13.54
CA LYS A 184 31.67 -55.70 14.27
C LYS A 184 32.54 -54.73 15.06
N LEU A 185 32.91 -53.61 14.46
CA LEU A 185 33.78 -52.63 15.11
C LEU A 185 33.50 -51.23 14.61
N ARG A 186 33.16 -50.34 15.52
CA ARG A 186 32.94 -48.94 15.19
C ARG A 186 33.79 -48.03 16.06
N LYS A 187 34.35 -47.00 15.44
CA LYS A 187 35.10 -45.97 16.11
C LYS A 187 34.35 -44.66 15.94
N ILE A 188 33.94 -44.05 17.07
CA ILE A 188 33.19 -42.79 17.06
C ILE A 188 33.96 -41.71 17.79
N TYR A 189 34.47 -40.72 17.05
CA TYR A 189 35.23 -39.62 17.60
C TYR A 189 34.32 -38.39 17.73
N PHE A 190 34.51 -37.60 18.78
CA PHE A 190 33.74 -36.37 18.97
C PHE A 190 34.55 -35.12 19.35
N TYR A 191 33.98 -33.96 19.03
CA TYR A 191 34.46 -32.67 19.48
C TYR A 191 33.22 -31.84 19.91
N MET A 192 33.27 -31.27 21.12
CA MET A 192 32.13 -30.60 21.75
C MET A 192 32.55 -29.24 22.29
N GLU A 193 31.68 -28.24 22.16
CA GLU A 193 31.92 -26.94 22.77
C GLU A 193 30.70 -26.44 23.54
N PHE A 194 30.95 -25.63 24.57
CA PHE A 194 29.90 -25.00 25.39
C PHE A 194 29.92 -23.48 25.27
N SER A 195 28.74 -22.86 25.36
CA SER A 195 28.61 -21.41 25.21
C SER A 195 29.00 -20.66 26.48
N SER A 196 29.08 -21.38 27.60
CA SER A 196 29.54 -20.87 28.89
C SER A 196 30.74 -21.68 29.40
N PRO A 197 31.67 -21.02 30.11
CA PRO A 197 32.87 -21.72 30.61
C PRO A 197 32.58 -22.76 31.69
N ILE A 198 33.29 -23.88 31.61
CA ILE A 198 33.24 -24.93 32.62
C ILE A 198 33.97 -24.41 33.86
N LEU A 199 33.30 -24.46 35.02
CA LEU A 199 33.84 -23.96 36.27
C LEU A 199 34.45 -25.09 37.08
N THR A 200 33.69 -26.17 37.27
CA THR A 200 34.25 -27.40 37.83
C THR A 200 33.78 -28.62 37.04
N SER A 201 34.43 -29.75 37.29
CA SER A 201 34.13 -30.97 36.57
C SER A 201 34.60 -32.19 37.32
N THR A 202 34.06 -33.31 36.88
CA THR A 202 34.41 -34.63 37.39
C THR A 202 34.42 -35.59 36.20
N LEU A 203 35.41 -36.49 36.15
CA LEU A 203 35.41 -37.60 35.21
C LEU A 203 35.46 -38.88 35.99
N ARG A 204 34.79 -39.92 35.52
CA ARG A 204 34.93 -41.20 36.16
C ARG A 204 34.91 -42.35 35.16
N ASP A 205 35.43 -43.49 35.61
CA ASP A 205 35.43 -44.75 34.88
C ASP A 205 34.97 -45.76 35.91
N GLY A 206 33.68 -46.10 35.89
CA GLY A 206 33.13 -47.03 36.88
C GLY A 206 33.20 -46.34 38.23
N GLY A 207 33.72 -47.06 39.22
CA GLY A 207 33.98 -46.49 40.56
C GLY A 207 35.17 -45.55 40.72
N ARG A 208 35.99 -45.39 39.67
CA ARG A 208 37.18 -44.57 39.76
C ARG A 208 36.82 -43.14 39.39
N VAL A 209 36.84 -42.24 40.37
CA VAL A 209 36.45 -40.84 40.21
C VAL A 209 37.65 -39.90 40.29
N HIS A 210 37.73 -38.92 39.39
CA HIS A 210 38.77 -37.90 39.39
C HIS A 210 38.17 -36.51 39.26
N GLU A 211 38.39 -35.69 40.28
CA GLU A 211 37.82 -34.35 40.34
C GLU A 211 38.73 -33.41 39.59
N ASN A 212 38.15 -32.47 38.84
CA ASN A 212 38.91 -31.44 38.10
C ASN A 212 40.19 -31.98 37.47
N THR A 213 39.99 -32.97 36.61
CA THR A 213 41.05 -33.70 35.95
C THR A 213 40.79 -33.62 34.46
N ALA A 214 41.82 -33.28 33.68
CA ALA A 214 41.64 -32.90 32.28
C ALA A 214 41.40 -34.04 31.26
N VAL A 215 41.56 -35.30 31.69
CA VAL A 215 41.41 -36.43 30.79
C VAL A 215 41.19 -37.71 31.58
N ILE A 216 40.47 -38.65 30.95
CA ILE A 216 40.29 -40.00 31.47
C ILE A 216 40.17 -41.00 30.30
N ASN A 217 40.63 -42.23 30.51
CA ASN A 217 40.54 -43.29 29.53
C ASN A 217 40.02 -44.55 30.23
N GLY A 218 39.28 -45.36 29.49
CA GLY A 218 38.66 -46.56 30.02
C GLY A 218 37.48 -47.04 29.19
N THR A 219 36.71 -47.97 29.76
CA THR A 219 35.60 -48.58 29.08
C THR A 219 34.21 -48.16 29.56
N ASN A 220 34.12 -47.48 30.71
CA ASN A 220 32.84 -47.10 31.29
C ASN A 220 32.89 -45.66 31.77
N LEU A 221 33.07 -44.73 30.83
CA LEU A 221 33.34 -43.32 31.17
C LEU A 221 32.10 -42.40 31.31
N HIS A 222 32.21 -41.48 32.25
CA HIS A 222 31.18 -40.48 32.52
C HIS A 222 31.82 -39.14 32.89
N GLY A 223 31.22 -38.06 32.39
CA GLY A 223 31.66 -36.70 32.70
C GLY A 223 30.51 -35.90 33.32
N CYS A 224 30.87 -34.94 34.17
CA CYS A 224 29.94 -33.95 34.68
C CYS A 224 30.62 -32.60 34.60
N PHE A 225 30.03 -31.67 33.86
CA PHE A 225 30.57 -30.32 33.69
C PHE A 225 29.62 -29.35 34.36
N ARG A 226 30.14 -28.47 35.23
CA ARG A 226 29.33 -27.54 36.03
C ARG A 226 29.62 -26.11 35.64
N PHE A 227 28.56 -25.36 35.28
CA PHE A 227 28.68 -24.01 34.74
C PHE A 227 28.28 -22.89 35.69
N GLY A 228 27.82 -23.26 36.88
CA GLY A 228 27.33 -22.31 37.88
C GLY A 228 25.91 -21.84 37.63
N GLN A 229 25.57 -20.70 38.24
CA GLN A 229 24.26 -20.06 38.07
C GLN A 229 24.30 -19.33 36.75
N LEU A 230 23.44 -19.70 35.82
CA LEU A 230 23.34 -18.99 34.52
C LEU A 230 22.27 -17.91 34.54
N ASN A 231 21.31 -18.05 35.46
CA ASN A 231 20.36 -17.00 35.76
C ASN A 231 19.66 -16.53 34.49
N GLY A 232 19.03 -17.49 33.80
CA GLY A 232 18.28 -17.22 32.58
C GLY A 232 18.98 -17.31 31.23
N LYS A 233 20.31 -17.16 31.16
CA LYS A 233 21.01 -17.42 29.89
C LYS A 233 20.92 -18.93 29.64
N PRO A 234 20.43 -19.31 28.46
CA PRO A 234 20.45 -20.74 28.13
C PRO A 234 21.88 -21.21 27.86
N LEU A 235 22.13 -22.48 28.14
CA LEU A 235 23.39 -23.14 27.74
C LEU A 235 23.22 -23.75 26.35
N THR A 236 24.03 -23.31 25.40
CA THR A 236 24.10 -23.93 24.07
C THR A 236 25.29 -24.89 24.00
N CYS A 237 25.05 -26.11 23.52
CA CYS A 237 26.13 -27.10 23.26
C CYS A 237 26.20 -27.48 21.78
N LYS A 238 27.42 -27.61 21.25
CA LYS A 238 27.62 -28.10 19.87
C LYS A 238 28.48 -29.34 19.91
N VAL A 239 28.10 -30.36 19.16
CA VAL A 239 28.78 -31.66 19.14
C VAL A 239 28.94 -32.12 17.70
N ALA A 240 30.17 -32.32 17.25
CA ALA A 240 30.45 -32.90 15.95
C ALA A 240 31.02 -34.31 16.12
N LEU A 241 30.77 -35.16 15.12
CA LEU A 241 31.25 -36.54 15.10
C LEU A 241 32.14 -36.83 13.90
N SER A 242 32.87 -37.94 14.00
CA SER A 242 33.65 -38.52 12.90
C SER A 242 33.92 -39.99 13.14
N SER A 243 34.05 -40.74 12.05
CA SER A 243 34.42 -42.15 12.10
C SER A 243 35.95 -42.34 12.12
N VAL A 244 36.70 -41.25 11.96
CA VAL A 244 38.13 -41.26 11.71
C VAL A 244 38.94 -40.59 12.86
N SER A 245 38.65 -39.33 13.20
CA SER A 245 39.46 -38.61 14.20
C SER A 245 38.78 -37.40 14.86
N MET A 246 39.27 -37.03 16.03
CA MET A 246 38.85 -35.80 16.71
C MET A 246 39.18 -34.54 15.93
N GLU A 247 40.31 -34.55 15.23
CA GLU A 247 40.68 -33.45 14.36
C GLU A 247 39.62 -33.24 13.26
N ASN A 248 39.17 -34.34 12.65
CA ASN A 248 38.13 -34.25 11.62
C ASN A 248 36.82 -33.73 12.17
N ALA A 249 36.44 -34.20 13.35
CA ALA A 249 35.21 -33.74 14.01
C ALA A 249 35.25 -32.24 14.28
N ARG A 250 36.37 -31.74 14.79
CA ARG A 250 36.56 -30.31 15.04
C ARG A 250 36.41 -29.52 13.74
N GLN A 251 37.02 -30.02 12.67
CA GLN A 251 36.92 -29.40 11.38
C GLN A 251 35.47 -29.41 10.84
N ASN A 252 34.74 -30.50 11.12
CA ASN A 252 33.33 -30.57 10.77
C ASN A 252 32.55 -29.43 11.44
N MET A 253 32.89 -29.13 12.69
CA MET A 253 32.26 -28.01 13.42
C MET A 253 32.70 -26.66 12.89
N GLU A 254 33.99 -26.49 12.61
CA GLU A 254 34.47 -25.22 12.06
C GLU A 254 33.75 -24.86 10.76
N GLN A 255 33.51 -25.84 9.91
CA GLN A 255 32.92 -25.58 8.60
C GLN A 255 31.40 -25.43 8.65
N GLU A 256 30.71 -26.32 9.37
CA GLU A 256 29.24 -26.37 9.34
C GLU A 256 28.57 -25.58 10.45
N ALA A 257 29.25 -25.43 11.60
CA ALA A 257 28.60 -24.89 12.79
C ALA A 257 29.51 -24.00 13.64
N PRO A 258 30.09 -22.96 13.05
CA PRO A 258 31.02 -22.06 13.79
C PRO A 258 30.36 -21.08 14.75
N HIS A 259 29.11 -20.71 14.50
CA HIS A 259 28.40 -19.68 15.27
C HIS A 259 27.63 -20.25 16.44
N TRP A 260 27.04 -19.35 17.22
CA TRP A 260 26.32 -19.71 18.45
C TRP A 260 24.83 -19.31 18.48
N ASP A 261 24.29 -19.01 17.30
CA ASP A 261 22.86 -18.69 17.11
C ASP A 261 22.00 -19.94 16.87
N PHE A 262 21.40 -20.45 17.95
CA PHE A 262 20.57 -21.66 17.89
C PHE A 262 19.41 -21.56 16.90
N ASP A 263 18.68 -20.45 16.94
CA ASP A 263 17.49 -20.28 16.08
C ASP A 263 17.85 -20.23 14.61
N ARG A 264 19.03 -19.71 14.33
CA ARG A 264 19.57 -19.72 12.98
C ARG A 264 19.86 -21.16 12.50
N TYR A 265 20.36 -22.03 13.38
CA TYR A 265 20.56 -23.45 13.02
C TYR A 265 19.22 -24.11 12.75
N VAL A 266 18.28 -23.93 13.68
CA VAL A 266 16.92 -24.44 13.51
C VAL A 266 16.34 -24.00 12.17
N ALA A 267 16.50 -22.73 11.85
CA ALA A 267 15.89 -22.19 10.63
C ALA A 267 16.50 -22.76 9.35
N ALA A 268 17.81 -22.96 9.33
CA ALA A 268 18.50 -23.58 8.19
C ALA A 268 18.11 -25.06 8.03
N ALA A 269 18.00 -25.77 9.14
CA ALA A 269 17.55 -27.14 9.10
C ALA A 269 16.15 -27.23 8.47
N ASP A 270 15.25 -26.33 8.89
CA ASP A 270 13.88 -26.27 8.34
C ASP A 270 13.86 -25.89 6.86
N ALA A 271 14.69 -24.93 6.45
CA ALA A 271 14.81 -24.57 5.04
C ALA A 271 15.34 -25.73 4.20
N ASP A 272 16.29 -26.46 4.76
CA ASP A 272 16.88 -27.61 4.11
C ASP A 272 15.82 -28.70 3.90
N TRP A 273 15.02 -28.96 4.94
CA TRP A 273 13.96 -29.95 4.82
C TRP A 273 12.82 -29.53 3.85
N GLU A 274 12.59 -28.23 3.75
CA GLU A 274 11.55 -27.68 2.87
C GLU A 274 11.96 -27.90 1.43
N LYS A 275 13.24 -27.67 1.08
CA LYS A 275 13.73 -27.97 -0.27
C LYS A 275 13.60 -29.48 -0.62
N GLN A 276 13.91 -30.35 0.35
CA GLN A 276 13.88 -31.79 0.16
C GLN A 276 12.47 -32.35 -0.01
N LEU A 277 11.62 -32.06 0.96
CA LEU A 277 10.23 -32.51 0.92
C LEU A 277 9.45 -31.83 -0.24
N GLY A 278 9.86 -30.62 -0.61
CA GLY A 278 9.32 -29.91 -1.78
C GLY A 278 9.49 -30.60 -3.11
N LYS A 279 10.39 -31.59 -3.20
CA LYS A 279 10.58 -32.37 -4.43
C LYS A 279 9.33 -33.13 -4.88
N ILE A 280 8.42 -33.40 -3.97
CA ILE A 280 7.08 -33.83 -4.33
C ILE A 280 6.08 -32.91 -3.66
N GLU A 281 5.38 -32.12 -4.48
CA GLU A 281 4.32 -31.25 -4.00
C GLU A 281 3.00 -32.01 -4.14
N VAL A 282 2.26 -32.22 -3.05
CA VAL A 282 1.01 -33.01 -3.11
C VAL A 282 -0.21 -32.24 -2.60
N LYS A 283 -1.37 -32.68 -3.07
CA LYS A 283 -2.67 -32.10 -2.72
C LYS A 283 -3.63 -33.22 -2.31
N GLY A 284 -4.19 -33.10 -1.11
CA GLY A 284 -5.13 -34.09 -0.57
C GLY A 284 -5.70 -33.57 0.74
N THR A 285 -6.31 -34.45 1.54
CA THR A 285 -6.79 -34.05 2.88
C THR A 285 -5.60 -33.73 3.78
N GLU A 286 -5.87 -33.09 4.91
CA GLU A 286 -4.82 -32.68 5.82
C GLU A 286 -4.10 -33.89 6.44
N VAL A 287 -4.87 -34.92 6.77
CA VAL A 287 -4.34 -36.17 7.29
C VAL A 287 -3.46 -36.87 6.25
N GLN A 288 -3.91 -36.93 5.00
CA GLN A 288 -3.11 -37.57 3.94
C GLN A 288 -1.78 -36.84 3.72
N LYS A 289 -1.79 -35.51 3.83
CA LYS A 289 -0.55 -34.76 3.66
C LYS A 289 0.41 -35.01 4.82
N GLU A 290 -0.13 -35.13 6.03
CA GLU A 290 0.64 -35.49 7.21
C GLU A 290 1.26 -36.90 7.03
N ILE A 291 0.46 -37.88 6.64
CA ILE A 291 0.98 -39.21 6.47
C ILE A 291 1.99 -39.24 5.33
N PHE A 292 1.68 -38.58 4.22
CA PHE A 292 2.57 -38.61 3.06
C PHE A 292 3.92 -37.94 3.31
N TYR A 293 3.89 -36.73 3.85
CA TYR A 293 5.14 -35.98 4.08
C TYR A 293 5.99 -36.58 5.20
N THR A 294 5.34 -37.13 6.23
CA THR A 294 6.05 -37.90 7.24
C THR A 294 6.72 -39.15 6.64
N ALA A 295 6.03 -39.86 5.75
CA ALA A 295 6.64 -40.99 5.03
C ALA A 295 7.82 -40.52 4.17
N LEU A 296 7.66 -39.41 3.45
CA LEU A 296 8.73 -38.92 2.58
C LEU A 296 9.97 -38.55 3.43
N TYR A 297 9.73 -37.89 4.57
CA TYR A 297 10.76 -37.61 5.58
C TYR A 297 11.51 -38.90 5.99
N HIS A 298 10.77 -39.95 6.33
CA HIS A 298 11.40 -41.19 6.76
C HIS A 298 12.30 -41.87 5.73
N THR A 299 12.07 -41.60 4.45
CA THR A 299 12.93 -42.12 3.39
C THR A 299 14.19 -41.31 3.24
N MET A 300 14.20 -40.08 3.77
CA MET A 300 15.29 -39.12 3.52
C MET A 300 16.27 -38.93 4.71
N ILE A 301 16.04 -39.66 5.81
CA ILE A 301 16.88 -39.60 7.01
C ILE A 301 18.03 -40.65 7.00
N GLN A 302 18.10 -41.42 5.92
CA GLN A 302 19.22 -42.34 5.64
C GLN A 302 19.09 -42.75 4.15
N PRO A 303 20.15 -43.20 3.49
CA PRO A 303 21.46 -43.52 4.04
C PRO A 303 22.16 -42.35 4.71
N ASN A 304 23.10 -42.64 5.59
CA ASN A 304 23.75 -41.64 6.42
C ASN A 304 25.13 -41.23 5.93
N THR A 305 25.41 -39.92 5.97
CA THR A 305 26.74 -39.39 5.68
C THR A 305 27.76 -40.00 6.63
N MET A 306 28.85 -40.52 6.08
CA MET A 306 29.93 -41.10 6.88
C MET A 306 31.25 -40.35 6.72
N SER A 307 31.57 -39.85 5.51
CA SER A 307 32.80 -39.10 5.32
C SER A 307 32.71 -37.73 5.97
N ASP A 308 33.85 -37.27 6.47
CA ASP A 308 33.96 -35.96 7.11
C ASP A 308 34.03 -34.87 6.03
N VAL A 309 34.01 -33.59 6.44
CA VAL A 309 34.11 -32.49 5.47
C VAL A 309 35.42 -32.49 4.65
N ASN A 310 36.47 -33.13 5.14
CA ASN A 310 37.72 -33.33 4.38
C ASN A 310 37.73 -34.59 3.48
N GLY A 311 36.60 -35.28 3.38
CA GLY A 311 36.48 -36.47 2.55
C GLY A 311 36.88 -37.80 3.19
N GLU A 312 37.42 -37.77 4.40
CA GLU A 312 37.95 -38.98 5.02
C GLU A 312 36.83 -39.83 5.63
N TYR A 313 37.03 -41.14 5.62
CA TYR A 313 36.07 -42.09 6.17
C TYR A 313 36.78 -43.39 6.58
N MET A 314 36.17 -44.19 7.46
CA MET A 314 36.69 -45.54 7.73
C MET A 314 36.14 -46.50 6.69
N ALA A 315 37.03 -47.13 5.93
CA ALA A 315 36.64 -48.07 4.87
C ALA A 315 36.36 -49.45 5.44
N ALA A 316 35.92 -50.37 4.58
CA ALA A 316 35.46 -51.69 5.04
C ALA A 316 36.58 -52.66 5.44
N ASP A 317 37.82 -52.31 5.09
CA ASP A 317 39.03 -52.98 5.64
C ASP A 317 39.58 -52.29 6.91
N TYR A 318 38.76 -51.40 7.51
CA TYR A 318 39.07 -50.68 8.75
C TYR A 318 40.22 -49.66 8.65
N THR A 319 40.60 -49.30 7.42
CA THR A 319 41.62 -48.28 7.16
C THR A 319 40.95 -46.95 6.83
N THR A 320 41.69 -45.88 7.02
CA THR A 320 41.25 -44.53 6.73
C THR A 320 41.56 -44.20 5.28
N ARG A 321 40.53 -43.79 4.55
CA ARG A 321 40.63 -43.40 3.14
C ARG A 321 39.90 -42.08 2.93
N LYS A 322 40.00 -41.56 1.72
CA LYS A 322 39.46 -40.25 1.36
C LYS A 322 38.75 -40.32 0.00
N VAL A 323 37.53 -39.81 -0.07
CA VAL A 323 36.83 -39.64 -1.34
C VAL A 323 37.32 -38.37 -2.04
N ALA A 324 36.95 -38.20 -3.31
CA ALA A 324 37.25 -36.97 -4.05
C ALA A 324 36.42 -35.79 -3.54
N ASN A 325 36.79 -34.58 -3.97
CA ASN A 325 36.29 -33.33 -3.34
C ASN A 325 34.78 -33.18 -3.40
N ASN A 326 34.25 -33.42 -4.59
CA ASN A 326 32.82 -33.39 -4.86
C ASN A 326 32.00 -34.65 -4.44
N GLU A 327 32.63 -35.61 -3.77
CA GLU A 327 31.98 -36.84 -3.40
C GLU A 327 31.67 -36.88 -1.91
N THR A 328 30.79 -37.80 -1.54
CA THR A 328 30.44 -38.09 -0.15
C THR A 328 30.30 -39.60 0.01
N HIS A 329 30.93 -40.16 1.04
CA HIS A 329 30.83 -41.59 1.35
C HIS A 329 29.63 -41.73 2.28
N TYR A 330 28.75 -42.68 1.98
CA TYR A 330 27.53 -42.92 2.75
C TYR A 330 27.54 -44.33 3.28
N THR A 331 26.76 -44.59 4.32
CA THR A 331 26.49 -45.95 4.79
C THR A 331 25.05 -46.04 5.33
N THR A 332 24.72 -47.14 6.00
CA THR A 332 23.34 -47.47 6.40
C THR A 332 22.52 -47.86 5.17
N PHE A 333 22.77 -49.09 4.72
CA PHE A 333 22.15 -49.69 3.54
C PHE A 333 21.40 -50.94 3.96
N SER A 334 20.12 -50.80 4.29
CA SER A 334 19.30 -51.89 4.79
C SER A 334 18.73 -52.66 3.60
N LEU A 335 19.62 -53.19 2.77
CA LEU A 335 19.30 -53.52 1.37
C LEU A 335 18.19 -54.55 1.16
N TRP A 336 18.06 -55.56 2.01
CA TRP A 336 17.00 -56.55 1.84
C TRP A 336 15.61 -55.90 1.81
N ASP A 337 15.46 -54.78 2.52
CA ASP A 337 14.23 -53.99 2.46
C ASP A 337 14.28 -52.95 1.34
N THR A 338 15.36 -52.16 1.31
CA THR A 338 15.38 -50.91 0.55
C THR A 338 15.59 -51.02 -0.97
N PHE A 339 16.08 -52.17 -1.45
CA PHE A 339 16.18 -52.35 -2.91
C PHE A 339 14.80 -52.37 -3.59
N ARG A 340 13.77 -52.69 -2.81
CA ARG A 340 12.42 -52.90 -3.34
C ARG A 340 11.72 -51.61 -3.76
N ALA A 341 11.83 -50.54 -2.97
CA ALA A 341 11.14 -49.27 -3.24
C ALA A 341 11.96 -48.03 -2.88
N SER A 342 12.62 -48.03 -1.73
CA SER A 342 13.40 -46.88 -1.32
C SER A 342 14.43 -46.48 -2.36
N HIS A 343 15.16 -47.44 -2.90
CA HIS A 343 16.20 -47.10 -3.89
C HIS A 343 15.64 -46.62 -5.25
N PRO A 344 14.58 -47.28 -5.74
CA PRO A 344 13.84 -46.73 -6.86
C PRO A 344 13.38 -45.27 -6.63
N LEU A 345 12.82 -45.00 -5.45
CA LEU A 345 12.44 -43.64 -5.10
C LEU A 345 13.63 -42.67 -5.19
N TYR A 346 14.81 -43.06 -4.72
CA TYR A 346 15.99 -42.20 -4.81
C TYR A 346 16.41 -41.92 -6.25
N THR A 347 16.14 -42.83 -7.18
CA THR A 347 16.47 -42.57 -8.60
C THR A 347 15.62 -41.46 -9.21
N LEU A 348 14.40 -41.27 -8.68
CA LEU A 348 13.52 -40.18 -9.10
C LEU A 348 13.92 -38.84 -8.46
N LEU A 349 14.16 -38.85 -7.14
CA LEU A 349 14.38 -37.63 -6.37
C LEU A 349 15.81 -37.23 -6.08
N GLU A 350 16.76 -38.17 -6.11
CA GLU A 350 18.13 -37.94 -5.58
C GLU A 350 19.20 -38.56 -6.49
N PRO A 351 19.13 -38.29 -7.81
CA PRO A 351 20.09 -38.95 -8.73
C PRO A 351 21.55 -38.61 -8.46
N GLU A 352 21.77 -37.42 -7.94
CA GLU A 352 23.11 -36.94 -7.59
C GLU A 352 23.61 -37.75 -6.39
N ARG A 353 22.78 -37.94 -5.36
CA ARG A 353 23.14 -38.81 -4.23
C ARG A 353 23.29 -40.29 -4.61
N VAL A 354 22.48 -40.76 -5.57
CA VAL A 354 22.52 -42.16 -5.95
C VAL A 354 23.90 -42.53 -6.50
N THR A 355 24.49 -41.62 -7.27
CA THR A 355 25.87 -41.78 -7.71
C THR A 355 26.83 -42.04 -6.54
N ASP A 356 26.70 -41.25 -5.47
CA ASP A 356 27.48 -41.48 -4.25
C ASP A 356 27.12 -42.77 -3.49
N PHE A 357 25.86 -43.17 -3.49
CA PHE A 357 25.46 -44.45 -2.87
C PHE A 357 26.15 -45.61 -3.60
N VAL A 358 26.07 -45.59 -4.92
CA VAL A 358 26.65 -46.64 -5.75
C VAL A 358 28.17 -46.70 -5.56
N LYS A 359 28.81 -45.54 -5.61
CA LYS A 359 30.25 -45.43 -5.34
C LYS A 359 30.61 -45.97 -3.96
N SER A 360 29.77 -45.69 -2.96
CA SER A 360 29.98 -46.20 -1.60
C SER A 360 29.87 -47.72 -1.53
N MET A 361 28.88 -48.29 -2.20
CA MET A 361 28.74 -49.74 -2.28
C MET A 361 29.98 -50.39 -2.95
N ILE A 362 30.47 -49.77 -4.02
CA ILE A 362 31.58 -50.30 -4.77
C ILE A 362 32.85 -50.30 -3.92
N ARG A 363 33.02 -49.30 -3.06
CA ARG A 363 34.13 -49.27 -2.12
C ARG A 363 34.17 -50.50 -1.22
N GLN A 364 33.02 -51.01 -0.78
CA GLN A 364 33.04 -52.25 -0.02
C GLN A 364 33.62 -53.36 -0.87
N TYR A 365 33.21 -53.44 -2.14
CA TYR A 365 33.80 -54.44 -3.01
C TYR A 365 35.32 -54.27 -3.11
N GLU A 366 35.74 -53.03 -3.36
CA GLU A 366 37.16 -52.73 -3.58
CA GLU A 366 37.15 -52.70 -3.56
C GLU A 366 38.03 -53.13 -2.38
N TYR A 367 37.53 -52.99 -1.16
CA TYR A 367 38.34 -53.27 0.04
C TYR A 367 37.98 -54.49 0.85
N TYR A 368 36.83 -55.13 0.57
CA TYR A 368 36.34 -56.32 1.31
C TYR A 368 36.15 -57.56 0.42
N GLY A 369 35.96 -57.34 -0.87
CA GLY A 369 35.91 -58.43 -1.87
C GLY A 369 34.55 -58.73 -2.48
N TYR A 370 33.48 -58.22 -1.88
CA TYR A 370 32.15 -58.30 -2.50
C TYR A 370 31.23 -57.17 -2.01
N LEU A 371 30.17 -56.92 -2.77
CA LEU A 371 29.25 -55.83 -2.49
C LEU A 371 28.45 -56.04 -1.22
N PRO A 372 27.90 -54.94 -0.64
CA PRO A 372 27.18 -55.05 0.63
C PRO A 372 25.89 -55.83 0.57
N ILE A 373 25.64 -56.58 1.63
CA ILE A 373 24.42 -57.33 1.83
C ILE A 373 23.49 -56.53 2.75
N TRP A 374 24.05 -56.10 3.88
CA TRP A 374 23.38 -55.18 4.81
C TRP A 374 24.51 -54.41 5.48
N GLN A 375 24.56 -53.09 5.27
CA GLN A 375 25.73 -52.30 5.68
C GLN A 375 25.41 -51.25 6.71
N LEU A 376 26.33 -51.16 7.68
CA LEU A 376 26.15 -50.44 8.93
C LEU A 376 27.51 -49.90 9.35
N TRP A 377 27.59 -48.60 9.61
CA TRP A 377 28.86 -47.95 9.99
C TRP A 377 30.06 -48.41 9.13
N GLY A 378 29.85 -48.39 7.82
CA GLY A 378 30.87 -48.67 6.81
C GLY A 378 31.23 -50.11 6.57
N GLN A 379 30.52 -51.06 7.17
CA GLN A 379 30.84 -52.49 7.04
C GLN A 379 29.60 -53.41 6.97
N ASP A 380 29.80 -54.60 6.43
CA ASP A 380 28.71 -55.57 6.31
C ASP A 380 28.45 -56.29 7.62
N ASN A 381 27.16 -56.55 7.92
CA ASN A 381 26.75 -57.48 8.98
C ASN A 381 25.92 -58.68 8.51
N TYR A 382 25.75 -58.82 7.20
CA TYR A 382 25.13 -60.01 6.56
C TYR A 382 23.65 -60.24 6.88
N CYS A 383 22.98 -59.27 7.51
CA CYS A 383 21.60 -59.46 7.93
C CYS A 383 20.70 -59.78 6.72
N MET A 384 19.76 -60.70 6.93
CA MET A 384 18.82 -61.18 5.91
C MET A 384 19.56 -61.95 4.81
N ILE A 385 19.17 -61.79 3.54
CA ILE A 385 19.64 -62.64 2.43
C ILE A 385 19.78 -61.85 1.12
N GLY A 386 20.24 -62.53 0.08
CA GLY A 386 20.51 -61.90 -1.21
C GLY A 386 21.78 -61.07 -1.24
N ASN A 387 22.13 -60.61 -2.45
CA ASN A 387 23.21 -59.66 -2.70
C ASN A 387 22.59 -58.46 -3.36
N HIS A 388 21.81 -57.73 -2.57
CA HIS A 388 20.85 -56.78 -3.11
C HIS A 388 21.37 -55.36 -3.29
N SER A 389 22.68 -55.17 -3.19
CA SER A 389 23.32 -54.04 -3.85
C SER A 389 23.11 -54.16 -5.34
N ILE A 390 23.05 -55.39 -5.84
CA ILE A 390 23.10 -55.62 -7.28
C ILE A 390 21.92 -54.99 -8.05
N PRO A 391 20.66 -55.18 -7.59
CA PRO A 391 19.56 -54.48 -8.26
C PRO A 391 19.71 -52.96 -8.22
N VAL A 392 20.23 -52.42 -7.13
CA VAL A 392 20.37 -50.98 -6.96
C VAL A 392 21.38 -50.40 -7.94
N ILE A 393 22.51 -51.09 -8.13
CA ILE A 393 23.57 -50.64 -9.03
C ILE A 393 23.15 -50.80 -10.49
N THR A 394 22.55 -51.95 -10.77
CA THR A 394 21.98 -52.26 -12.06
C THR A 394 20.93 -51.22 -12.45
N ASP A 395 19.98 -50.97 -11.55
CA ASP A 395 18.92 -49.99 -11.80
C ASP A 395 19.49 -48.61 -12.15
N ALA A 396 20.45 -48.15 -11.37
CA ALA A 396 21.07 -46.84 -11.58
C ALA A 396 21.76 -46.73 -12.94
N ILE A 397 22.42 -47.81 -13.37
CA ILE A 397 23.15 -47.78 -14.64
C ILE A 397 22.19 -47.84 -15.83
N LEU A 398 21.23 -48.76 -15.80
CA LEU A 398 20.25 -48.86 -16.89
C LEU A 398 19.47 -47.56 -17.08
N LYS A 399 19.17 -46.87 -15.99
CA LYS A 399 18.45 -45.59 -16.04
C LYS A 399 19.34 -44.41 -16.43
N GLY A 400 20.65 -44.61 -16.50
CA GLY A 400 21.56 -43.53 -16.89
C GLY A 400 21.85 -42.47 -15.84
N ILE A 401 21.81 -42.86 -14.57
CA ILE A 401 22.29 -42.00 -13.48
C ILE A 401 23.75 -41.67 -13.79
N PRO A 402 24.11 -40.38 -13.86
CA PRO A 402 25.46 -40.05 -14.36
C PRO A 402 26.60 -40.18 -13.35
N GLY A 403 27.82 -40.31 -13.86
CA GLY A 403 29.05 -40.33 -13.06
C GLY A 403 29.44 -41.66 -12.47
N ILE A 404 28.83 -42.75 -12.94
CA ILE A 404 29.16 -44.09 -12.50
C ILE A 404 30.06 -44.73 -13.54
N ASP A 405 31.25 -45.14 -13.12
CA ASP A 405 32.14 -45.96 -13.93
C ASP A 405 31.52 -47.35 -14.13
N MET A 406 31.09 -47.64 -15.34
CA MET A 406 30.29 -48.83 -15.61
C MET A 406 31.08 -50.13 -15.60
N GLU A 407 32.29 -50.10 -16.17
CA GLU A 407 33.16 -51.29 -16.20
C GLU A 407 33.58 -51.69 -14.78
N LYS A 408 33.91 -50.69 -13.94
CA LYS A 408 34.25 -50.95 -12.54
C LYS A 408 33.05 -51.50 -11.77
N ALA A 409 31.88 -50.89 -11.98
CA ALA A 409 30.63 -51.37 -11.38
C ALA A 409 30.32 -52.82 -11.78
N TYR A 410 30.57 -53.17 -13.03
CA TYR A 410 30.31 -54.52 -13.51
C TYR A 410 31.28 -55.54 -12.88
N GLU A 411 32.54 -55.14 -12.75
CA GLU A 411 33.52 -55.94 -11.99
C GLU A 411 33.01 -56.30 -10.60
N ALA A 412 32.56 -55.26 -9.89
CA ALA A 412 32.02 -55.43 -8.54
C ALA A 412 30.81 -56.36 -8.53
N VAL A 413 29.89 -56.14 -9.48
CA VAL A 413 28.66 -56.93 -9.56
C VAL A 413 28.96 -58.38 -9.94
N TYR A 414 29.73 -58.55 -11.03
CA TYR A 414 30.15 -59.88 -11.48
C TYR A 414 30.85 -60.68 -10.36
N ASN A 415 31.90 -60.12 -9.78
CA ASN A 415 32.70 -60.85 -8.80
C ASN A 415 31.92 -61.14 -7.54
N SER A 416 31.00 -60.25 -7.18
CA SER A 416 30.10 -60.51 -6.04
C SER A 416 29.14 -61.66 -6.33
N SER A 417 28.91 -61.97 -7.61
CA SER A 417 27.99 -63.04 -8.02
C SER A 417 28.65 -64.39 -8.31
N VAL A 418 29.98 -64.41 -8.45
CA VAL A 418 30.74 -65.68 -8.62
C VAL A 418 31.69 -66.05 -7.48
N THR A 419 31.94 -65.14 -6.54
CA THR A 419 32.84 -65.38 -5.41
C THR A 419 32.02 -65.77 -4.20
N SER A 420 32.05 -67.05 -3.84
CA SER A 420 31.24 -67.54 -2.74
C SER A 420 31.60 -66.85 -1.42
N HIS A 421 30.59 -66.72 -0.56
CA HIS A 421 30.70 -66.00 0.71
C HIS A 421 29.50 -66.39 1.59
N PRO A 422 29.40 -65.90 2.83
CA PRO A 422 28.30 -66.44 3.65
C PRO A 422 26.91 -66.30 3.01
N ASN A 423 26.14 -67.38 3.08
CA ASN A 423 24.82 -67.49 2.44
C ASN A 423 24.77 -67.40 0.90
N SER A 424 25.93 -67.43 0.25
CA SER A 424 26.04 -67.45 -1.21
C SER A 424 27.05 -68.53 -1.64
N PRO A 425 26.68 -69.81 -1.52
CA PRO A 425 27.54 -70.88 -2.05
C PRO A 425 27.34 -71.04 -3.55
N PHE A 426 28.08 -70.26 -4.34
CA PHE A 426 27.82 -70.20 -5.76
C PHE A 426 28.17 -71.46 -6.54
N GLU A 427 29.02 -72.34 -5.99
CA GLU A 427 29.34 -73.61 -6.66
C GLU A 427 28.22 -74.61 -6.38
N VAL A 428 27.62 -74.54 -5.20
CA VAL A 428 26.39 -75.29 -4.92
C VAL A 428 25.27 -74.79 -5.87
N TRP A 429 25.16 -73.46 -6.02
CA TRP A 429 24.11 -72.81 -6.81
C TRP A 429 24.08 -73.35 -8.23
N GLU A 430 25.22 -73.30 -8.91
CA GLU A 430 25.33 -73.72 -10.31
C GLU A 430 25.35 -75.25 -10.52
N LYS A 431 25.76 -76.00 -9.52
CA LYS A 431 25.76 -77.45 -9.61
C LYS A 431 24.33 -77.97 -9.51
N TYR A 432 23.57 -77.52 -8.53
CA TYR A 432 22.20 -78.03 -8.35
C TYR A 432 21.10 -77.25 -9.13
N GLY A 433 21.36 -76.01 -9.51
CA GLY A 433 20.29 -75.15 -10.00
C GLY A 433 19.26 -74.75 -8.94
N PHE A 434 19.66 -74.83 -7.66
CA PHE A 434 18.91 -74.32 -6.51
C PHE A 434 19.81 -74.44 -5.26
N MET A 435 19.39 -73.86 -4.13
CA MET A 435 20.02 -74.11 -2.83
C MET A 435 19.32 -75.30 -2.18
N PRO A 436 20.06 -76.43 -1.96
CA PRO A 436 19.45 -77.53 -1.20
C PRO A 436 19.39 -77.19 0.27
N GLU A 437 18.25 -77.43 0.91
CA GLU A 437 18.03 -76.95 2.29
C GLU A 437 19.01 -77.56 3.29
N ASN A 438 19.35 -78.83 3.07
CA ASN A 438 20.36 -79.52 3.89
C ASN A 438 21.83 -79.08 3.68
N ILE A 439 22.12 -78.30 2.65
CA ILE A 439 23.44 -77.63 2.50
C ILE A 439 23.41 -76.12 2.84
N GLN A 440 22.32 -75.43 2.55
CA GLN A 440 22.21 -73.97 2.76
C GLN A 440 20.81 -73.73 3.25
N THR A 441 20.68 -73.21 4.45
CA THR A 441 19.37 -72.97 5.04
C THR A 441 18.82 -71.65 4.48
N GLN A 442 17.56 -71.34 4.82
CA GLN A 442 16.81 -70.27 4.13
C GLN A 442 16.81 -70.46 2.59
N SER A 443 16.76 -71.73 2.18
CA SER A 443 17.07 -72.13 0.81
C SER A 443 16.09 -71.67 -0.26
N VAL A 444 14.80 -71.60 0.09
CA VAL A 444 13.78 -71.25 -0.90
C VAL A 444 13.77 -69.73 -1.06
N SER A 445 13.77 -69.00 0.05
CA SER A 445 13.92 -67.55 -0.04
C SER A 445 15.19 -67.14 -0.79
N ILE A 446 16.32 -67.78 -0.50
CA ILE A 446 17.58 -67.42 -1.16
C ILE A 446 17.49 -67.74 -2.64
N THR A 447 16.92 -68.89 -2.99
CA THR A 447 16.81 -69.28 -4.39
C THR A 447 16.01 -68.27 -5.20
N LEU A 448 14.90 -67.80 -4.64
CA LEU A 448 14.05 -66.82 -5.32
C LEU A 448 14.74 -65.47 -5.42
N GLU A 449 15.24 -64.97 -4.30
CA GLU A 449 15.87 -63.65 -4.27
C GLU A 449 17.17 -63.61 -5.06
N GLN A 450 17.97 -64.68 -4.98
CA GLN A 450 19.25 -64.73 -5.70
C GLN A 450 19.02 -64.85 -7.21
N ALA A 451 18.00 -65.61 -7.59
CA ALA A 451 17.63 -65.69 -9.02
C ALA A 451 17.32 -64.28 -9.58
N PHE A 452 16.59 -63.49 -8.80
CA PHE A 452 16.35 -62.10 -9.18
C PHE A 452 17.64 -61.28 -9.29
N ASP A 453 18.57 -61.44 -8.34
CA ASP A 453 19.87 -60.74 -8.44
C ASP A 453 20.59 -61.14 -9.73
N ASP A 454 20.54 -62.43 -10.08
CA ASP A 454 21.18 -62.89 -11.31
C ASP A 454 20.57 -62.31 -12.58
N TRP A 455 19.26 -62.09 -12.57
CA TRP A 455 18.58 -61.43 -13.69
C TRP A 455 19.19 -60.07 -13.88
N CYS A 456 19.36 -59.35 -12.78
CA CYS A 456 19.97 -58.03 -12.84
C CYS A 456 21.37 -58.06 -13.45
N VAL A 457 22.19 -59.02 -13.04
CA VAL A 457 23.55 -59.14 -13.59
C VAL A 457 23.49 -59.38 -15.11
N ALA A 458 22.62 -60.30 -15.51
CA ALA A 458 22.36 -60.51 -16.93
C ALA A 458 22.03 -59.22 -17.68
N GLN A 459 21.15 -58.39 -17.11
CA GLN A 459 20.74 -57.17 -17.81
C GLN A 459 21.94 -56.24 -17.99
N LEU A 460 22.78 -56.18 -16.97
CA LEU A 460 24.00 -55.37 -17.01
C LEU A 460 25.02 -55.91 -18.01
N ALA A 461 25.12 -57.23 -18.08
CA ALA A 461 25.98 -57.87 -19.07
C ALA A 461 25.54 -57.53 -20.50
N ALA A 462 24.24 -57.62 -20.77
CA ALA A 462 23.69 -57.29 -22.09
C ALA A 462 23.97 -55.84 -22.48
N LYS A 463 23.86 -54.93 -21.52
CA LYS A 463 24.12 -53.51 -21.77
C LYS A 463 25.55 -53.28 -22.22
N LEU A 464 26.49 -54.05 -21.66
CA LEU A 464 27.92 -53.98 -22.00
C LEU A 464 28.39 -54.98 -23.07
N ASN A 465 27.44 -55.63 -23.75
CA ASN A 465 27.72 -56.61 -24.81
C ASN A 465 28.63 -57.75 -24.39
N LYS A 466 28.41 -58.25 -23.19
CA LYS A 466 29.17 -59.36 -22.63
C LYS A 466 28.26 -60.58 -22.73
N ASP A 467 28.20 -61.14 -23.93
CA ASP A 467 27.17 -62.12 -24.28
C ASP A 467 27.30 -63.51 -23.62
N ALA A 468 28.52 -63.95 -23.33
CA ALA A 468 28.71 -65.21 -22.61
C ALA A 468 28.19 -65.10 -21.17
N ASP A 469 28.57 -64.01 -20.51
CA ASP A 469 28.08 -63.67 -19.17
C ASP A 469 26.54 -63.63 -19.14
N TYR A 470 25.96 -62.96 -20.15
CA TYR A 470 24.50 -62.87 -20.27
C TYR A 470 23.83 -64.24 -20.16
N GLN A 471 24.32 -65.19 -20.94
CA GLN A 471 23.75 -66.55 -20.96
C GLN A 471 23.91 -67.19 -19.58
N ARG A 472 25.08 -67.04 -18.97
CA ARG A 472 25.35 -67.68 -17.69
C ARG A 472 24.33 -67.17 -16.67
N PHE A 473 24.17 -65.86 -16.60
CA PHE A 473 23.34 -65.26 -15.56
C PHE A 473 21.85 -65.32 -15.86
N HIS A 474 21.50 -65.27 -17.15
CA HIS A 474 20.13 -65.54 -17.54
C HIS A 474 19.68 -66.95 -17.13
N LYS A 475 20.51 -67.96 -17.39
CA LYS A 475 20.20 -69.33 -16.95
C LYS A 475 20.00 -69.39 -15.45
N ARG A 476 20.92 -68.80 -14.70
CA ARG A 476 20.80 -68.73 -13.26
C ARG A 476 19.49 -68.06 -12.82
N SER A 477 19.12 -66.97 -13.50
CA SER A 477 17.88 -66.26 -13.21
C SER A 477 16.63 -67.13 -13.31
N GLU A 478 16.70 -68.23 -14.08
CA GLU A 478 15.57 -69.16 -14.21
C GLU A 478 15.55 -70.33 -13.22
N TYR A 479 16.48 -70.33 -12.26
CA TYR A 479 16.56 -71.42 -11.28
C TYR A 479 15.39 -71.50 -10.31
N TYR A 480 14.56 -70.45 -10.19
CA TYR A 480 13.29 -70.57 -9.42
C TYR A 480 12.47 -71.80 -9.88
N ARG A 481 12.53 -72.13 -11.17
CA ARG A 481 11.80 -73.29 -11.69
C ARG A 481 12.14 -74.61 -11.02
N ASN A 482 13.39 -74.76 -10.58
CA ASN A 482 13.85 -76.00 -9.99
C ASN A 482 13.24 -76.29 -8.61
N LEU A 483 12.62 -75.29 -7.97
CA LEU A 483 11.90 -75.49 -6.70
C LEU A 483 10.39 -75.36 -6.82
N PHE A 484 9.85 -75.20 -8.03
CA PHE A 484 8.40 -75.17 -8.22
C PHE A 484 7.82 -76.59 -8.22
N HIS A 485 7.02 -76.90 -7.22
CA HIS A 485 6.41 -78.21 -7.11
C HIS A 485 5.19 -78.34 -8.03
N PRO A 486 5.20 -79.31 -8.95
CA PRO A 486 4.14 -79.40 -9.95
C PRO A 486 2.75 -79.83 -9.45
N LYS A 487 2.67 -80.63 -8.38
CA LYS A 487 1.38 -80.92 -7.75
C LYS A 487 0.80 -79.80 -6.89
N THR A 488 1.55 -79.34 -5.88
CA THR A 488 1.07 -78.32 -4.93
C THR A 488 1.09 -76.87 -5.47
N LYS A 489 1.94 -76.62 -6.46
CA LYS A 489 2.13 -75.29 -7.05
C LYS A 489 2.60 -74.23 -6.06
N PHE A 490 3.47 -74.64 -5.14
CA PHE A 490 4.27 -73.74 -4.34
C PHE A 490 5.74 -73.95 -4.65
N PHE A 491 6.54 -72.93 -4.35
CA PHE A 491 7.97 -73.08 -4.27
C PHE A 491 8.27 -73.80 -2.94
N GLN A 492 8.92 -74.96 -3.03
CA GLN A 492 9.28 -75.75 -1.84
C GLN A 492 10.75 -76.16 -1.85
N SER A 493 11.20 -76.55 -0.67
CA SER A 493 12.59 -76.95 -0.43
C SER A 493 12.86 -78.36 -0.92
N LYS A 494 14.08 -78.56 -1.40
CA LYS A 494 14.61 -79.84 -1.84
C LYS A 494 15.96 -80.11 -1.15
N ASN A 495 16.33 -81.38 -1.01
CA ASN A 495 17.66 -81.74 -0.50
C ASN A 495 18.62 -82.01 -1.64
N ASP A 496 19.87 -82.31 -1.32
CA ASP A 496 20.92 -82.49 -2.35
C ASP A 496 20.75 -83.70 -3.23
N LYS A 497 19.91 -84.65 -2.83
CA LYS A 497 19.53 -85.77 -3.70
C LYS A 497 18.39 -85.40 -4.66
N GLY A 498 17.92 -84.14 -4.61
CA GLY A 498 16.90 -83.65 -5.51
C GLY A 498 15.48 -84.04 -5.12
N GLU A 499 15.30 -84.48 -3.88
CA GLU A 499 14.01 -84.94 -3.36
C GLU A 499 13.32 -83.81 -2.61
N TRP A 500 12.00 -83.73 -2.72
CA TRP A 500 11.23 -82.71 -2.00
C TRP A 500 11.23 -83.02 -0.50
N ILE A 501 11.56 -82.05 0.34
CA ILE A 501 11.51 -82.28 1.80
C ILE A 501 10.05 -82.49 2.22
N GLU A 502 9.84 -83.55 2.98
CA GLU A 502 8.54 -83.91 3.53
C GLU A 502 8.67 -83.86 5.04
N PRO A 503 7.68 -83.41 5.80
CA PRO A 503 6.44 -82.78 5.33
C PRO A 503 6.61 -81.27 5.15
N PHE A 504 5.71 -80.69 4.36
CA PHE A 504 5.79 -79.29 3.98
C PHE A 504 4.44 -78.62 4.23
N ASP A 505 4.45 -77.52 4.97
CA ASP A 505 3.25 -76.76 5.28
C ASP A 505 3.48 -75.32 4.77
N PRO A 506 2.68 -74.87 3.79
CA PRO A 506 2.85 -73.51 3.25
C PRO A 506 2.45 -72.35 4.18
N TYR A 507 1.78 -72.65 5.29
CA TYR A 507 1.47 -71.63 6.31
C TYR A 507 2.59 -71.41 7.34
N GLN A 508 3.52 -72.36 7.45
CA GLN A 508 4.53 -72.37 8.52
C GLN A 508 5.61 -71.30 8.33
N TYR A 509 5.73 -70.39 9.30
CA TYR A 509 6.73 -69.34 9.26
C TYR A 509 8.10 -69.88 9.66
N GLY A 510 9.12 -69.41 8.94
CA GLY A 510 10.52 -69.56 9.30
C GLY A 510 11.13 -68.26 9.80
N GLY A 511 12.31 -68.37 10.44
CA GLY A 511 13.02 -67.25 11.03
C GLY A 511 14.18 -66.77 10.17
N ASN A 512 15.41 -66.85 10.71
CA ASN A 512 16.63 -66.45 10.00
C ASN A 512 17.67 -67.60 9.96
N GLY A 513 17.17 -68.81 9.71
CA GLY A 513 17.95 -70.07 9.75
C GLY A 513 17.16 -71.24 10.36
N GLY A 514 17.43 -72.47 9.92
CA GLY A 514 16.69 -73.67 10.37
C GLY A 514 15.33 -73.93 9.68
N HIS A 515 15.07 -73.19 8.59
CA HIS A 515 13.81 -73.24 7.85
C HIS A 515 14.12 -72.68 6.46
N PRO A 516 13.40 -73.16 5.44
CA PRO A 516 13.71 -72.72 4.08
C PRO A 516 13.22 -71.30 3.69
N PHE A 517 12.43 -70.65 4.55
CA PHE A 517 11.93 -69.31 4.32
C PHE A 517 12.42 -68.33 5.37
N THR A 518 12.65 -67.10 4.93
CA THR A 518 13.16 -66.02 5.75
C THR A 518 12.02 -65.07 6.21
N GLU A 519 11.75 -65.05 7.51
CA GLU A 519 10.70 -64.23 8.11
C GLU A 519 9.42 -64.21 7.29
N GLY A 520 8.93 -65.40 6.98
CA GLY A 520 7.67 -65.58 6.30
C GLY A 520 7.41 -67.04 6.00
N ASN A 521 6.32 -67.31 5.28
CA ASN A 521 5.93 -68.68 4.92
C ASN A 521 5.93 -68.84 3.39
N ALA A 522 5.58 -70.05 2.93
CA ALA A 522 5.56 -70.34 1.50
C ALA A 522 4.50 -69.53 0.73
N TRP A 523 3.37 -69.26 1.38
CA TRP A 523 2.32 -68.39 0.81
C TRP A 523 2.83 -67.01 0.42
N GLN A 524 3.65 -66.42 1.29
CA GLN A 524 4.18 -65.09 1.06
C GLN A 524 5.31 -65.06 0.05
N TYR A 525 6.18 -66.07 0.09
CA TYR A 525 7.32 -66.13 -0.84
C TYR A 525 6.95 -66.63 -2.23
N PHE A 526 5.78 -67.23 -2.37
CA PHE A 526 5.33 -67.74 -3.66
C PHE A 526 5.45 -66.71 -4.79
N TRP A 527 5.19 -65.45 -4.46
CA TRP A 527 5.07 -64.40 -5.45
C TRP A 527 6.40 -63.82 -5.89
N TYR A 528 7.54 -64.27 -5.31
CA TYR A 528 8.80 -63.58 -5.57
C TYR A 528 9.53 -64.07 -6.82
N VAL A 529 8.92 -63.80 -7.97
CA VAL A 529 9.60 -63.91 -9.27
C VAL A 529 9.34 -62.62 -10.03
N PRO A 530 9.80 -61.49 -9.49
CA PRO A 530 9.44 -60.19 -10.07
C PRO A 530 9.97 -59.95 -11.50
N HIS A 531 10.93 -60.73 -11.92
CA HIS A 531 11.56 -60.57 -13.22
C HIS A 531 10.91 -61.44 -14.28
N ASN A 532 10.04 -62.36 -13.88
CA ASN A 532 9.33 -63.22 -14.82
C ASN A 532 7.97 -63.66 -14.27
N ILE A 533 7.08 -62.67 -14.16
CA ILE A 533 5.71 -62.91 -13.68
C ILE A 533 4.91 -63.77 -14.69
N GLN A 534 5.14 -63.58 -15.98
CA GLN A 534 4.51 -64.43 -16.98
C GLN A 534 4.84 -65.90 -16.79
N ALA A 535 6.12 -66.20 -16.52
CA ALA A 535 6.55 -67.57 -16.20
C ALA A 535 5.81 -68.09 -14.98
N LEU A 536 5.73 -67.27 -13.94
CA LEU A 536 5.05 -67.65 -12.72
C LEU A 536 3.57 -67.89 -12.96
N MET A 537 2.95 -67.04 -13.79
CA MET A 537 1.56 -67.21 -14.13
C MET A 537 1.32 -68.54 -14.85
N GLU A 538 2.15 -68.82 -15.85
CA GLU A 538 2.07 -70.08 -16.56
C GLU A 538 2.19 -71.29 -15.61
N LEU A 539 3.17 -71.27 -14.72
CA LEU A 539 3.39 -72.37 -13.76
C LEU A 539 2.21 -72.61 -12.82
N THR A 540 1.55 -71.52 -12.41
CA THR A 540 0.37 -71.60 -11.54
C THR A 540 -0.84 -72.20 -12.28
N GLY A 541 -0.78 -72.21 -13.62
CA GLY A 541 -1.84 -72.73 -14.46
C GLY A 541 -2.56 -71.70 -15.32
N GLY A 542 -1.96 -70.53 -15.54
CA GLY A 542 -2.54 -69.47 -16.38
C GLY A 542 -3.07 -68.28 -15.59
N THR A 543 -3.49 -67.23 -16.30
CA THR A 543 -3.92 -65.97 -15.65
C THR A 543 -5.11 -66.13 -14.72
N LYS A 544 -6.08 -66.94 -15.12
CA LYS A 544 -7.24 -67.21 -14.28
C LYS A 544 -6.78 -67.91 -12.98
N ALA A 545 -5.94 -68.94 -13.12
CA ALA A 545 -5.41 -69.68 -11.96
C ALA A 545 -4.60 -68.78 -11.05
N PHE A 546 -3.74 -67.96 -11.64
CA PHE A 546 -2.91 -67.01 -10.89
C PHE A 546 -3.79 -66.00 -10.12
N GLU A 547 -4.82 -65.46 -10.78
CA GLU A 547 -5.81 -64.57 -10.11
C GLU A 547 -6.44 -65.23 -8.89
N GLN A 548 -6.86 -66.49 -9.04
CA GLN A 548 -7.53 -67.22 -7.95
C GLN A 548 -6.58 -67.48 -6.80
N LYS A 549 -5.32 -67.81 -7.10
CA LYS A 549 -4.34 -68.02 -6.04
C LYS A 549 -4.13 -66.72 -5.25
N LEU A 550 -4.03 -65.59 -5.96
CA LEU A 550 -3.99 -64.27 -5.29
C LEU A 550 -5.21 -64.04 -4.39
N ASP A 551 -6.40 -64.37 -4.89
CA ASP A 551 -7.62 -64.24 -4.08
C ASP A 551 -7.57 -65.05 -2.79
N THR A 552 -7.05 -66.27 -2.89
CA THR A 552 -6.87 -67.12 -1.70
C THR A 552 -5.88 -66.50 -0.71
N PHE A 553 -4.74 -66.08 -1.24
CA PHE A 553 -3.73 -65.34 -0.48
C PHE A 553 -4.33 -64.16 0.29
N PHE A 554 -5.19 -63.37 -0.37
CA PHE A 554 -5.74 -62.14 0.26
C PHE A 554 -6.96 -62.34 1.16
N THR A 555 -7.57 -63.53 1.15
CA THR A 555 -8.78 -63.82 1.95
C THR A 555 -8.66 -64.94 2.99
N SER A 556 -7.65 -65.79 2.89
CA SER A 556 -7.47 -66.91 3.83
C SER A 556 -6.90 -66.45 5.20
N THR A 557 -7.74 -66.51 6.24
CA THR A 557 -7.42 -65.96 7.58
C THR A 557 -6.85 -66.91 8.65
N TYR A 558 -6.33 -68.06 8.26
CA TYR A 558 -5.70 -69.00 9.21
C TYR A 558 -4.45 -68.39 9.89
N LYS A 559 -4.25 -68.69 11.18
CA LYS A 559 -3.13 -68.14 11.97
C LYS A 559 -2.33 -69.22 12.74
N SER A 560 -1.13 -69.55 12.24
CA SER A 560 -0.22 -70.52 12.92
C SER A 560 0.43 -69.89 14.15
N MET A 563 4.17 -68.86 14.02
CA MET A 563 4.14 -67.42 13.75
C MET A 563 5.52 -66.72 13.84
N ASN A 564 5.60 -65.51 13.29
CA ASN A 564 6.80 -64.66 13.29
C ASN A 564 6.43 -63.23 13.72
N HIS A 565 7.29 -62.62 14.55
CA HIS A 565 7.04 -61.27 15.10
C HIS A 565 7.03 -60.14 14.03
N ASN A 566 7.90 -60.27 13.02
CA ASN A 566 8.07 -59.23 11.97
C ASN A 566 6.91 -59.13 10.99
N ALA A 567 6.41 -60.29 10.55
CA ALA A 567 5.24 -60.36 9.67
C ALA A 567 3.97 -59.98 10.44
N SER A 568 3.38 -58.84 10.06
CA SER A 568 2.12 -58.35 10.65
C SER A 568 1.40 -57.33 9.74
N GLY A 569 0.15 -56.99 10.11
CA GLY A 569 -0.76 -56.14 9.30
C GLY A 569 -1.47 -56.92 8.19
N PHE A 570 -2.43 -57.78 8.58
CA PHE A 570 -2.89 -58.90 7.72
C PHE A 570 -4.12 -58.63 6.88
N VAL A 571 -4.02 -58.99 5.61
CA VAL A 571 -5.17 -59.08 4.71
C VAL A 571 -5.19 -60.52 4.23
N GLY A 572 -5.84 -61.41 4.96
CA GLY A 572 -5.66 -62.86 4.77
C GLY A 572 -4.24 -63.27 5.18
N GLN A 573 -3.48 -63.90 4.27
CA GLN A 573 -2.06 -64.20 4.48
C GLN A 573 -1.09 -63.09 4.12
N TYR A 574 -1.59 -62.00 3.54
CA TYR A 574 -0.76 -60.86 3.17
C TYR A 574 -0.42 -60.09 4.43
N ALA A 575 0.86 -59.98 4.73
CA ALA A 575 1.33 -59.20 5.89
C ALA A 575 2.12 -58.00 5.40
N HIS A 576 1.56 -56.82 5.57
CA HIS A 576 2.21 -55.62 5.09
C HIS A 576 3.49 -55.23 5.86
N GLY A 577 3.70 -55.74 7.08
CA GLY A 577 4.93 -55.47 7.88
C GLY A 577 6.22 -56.12 7.39
N ASN A 578 6.08 -57.05 6.46
CA ASN A 578 7.27 -57.63 5.93
C ASN A 578 7.29 -57.67 4.44
N GLU A 579 8.46 -57.33 3.92
CA GLU A 579 8.57 -56.83 2.59
C GLU A 579 8.59 -57.87 1.47
N PRO A 580 8.61 -59.18 1.80
CA PRO A 580 8.40 -60.08 0.67
C PRO A 580 7.01 -59.92 -0.01
N SER A 581 5.97 -59.62 0.77
CA SER A 581 4.62 -59.35 0.25
C SER A 581 4.45 -58.00 -0.54
N HIS A 582 5.34 -57.04 -0.35
CA HIS A 582 5.08 -55.65 -0.74
C HIS A 582 4.67 -55.36 -2.17
N HIS A 583 5.19 -56.15 -3.11
CA HIS A 583 4.87 -56.01 -4.52
C HIS A 583 3.56 -56.72 -4.95
N VAL A 584 2.94 -57.48 -4.05
CA VAL A 584 1.96 -58.50 -4.45
C VAL A 584 0.60 -57.93 -4.86
N ALA A 585 0.13 -56.88 -4.20
CA ALA A 585 -1.16 -56.28 -4.57
C ALA A 585 -1.16 -55.75 -6.01
N TYR A 586 0.02 -55.43 -6.55
CA TYR A 586 0.14 -54.98 -7.92
C TYR A 586 0.08 -56.11 -8.93
N LEU A 587 0.04 -57.37 -8.49
CA LEU A 587 0.11 -58.50 -9.41
C LEU A 587 -1.23 -58.80 -10.11
N TYR A 588 -2.33 -58.29 -9.57
CA TYR A 588 -3.61 -58.46 -10.25
C TYR A 588 -3.63 -57.80 -11.65
N ASN A 589 -2.89 -56.70 -11.84
CA ASN A 589 -2.68 -56.12 -13.18
C ASN A 589 -2.20 -57.14 -14.21
N PHE A 590 -1.21 -57.92 -13.82
CA PHE A 590 -0.62 -58.92 -14.68
C PHE A 590 -1.62 -60.05 -14.96
N ALA A 591 -2.54 -60.27 -14.04
CA ALA A 591 -3.57 -61.31 -14.19
C ALA A 591 -4.77 -60.87 -15.04
N GLY A 592 -4.81 -59.62 -15.47
CA GLY A 592 -5.93 -59.10 -16.24
C GLY A 592 -7.05 -58.47 -15.40
N GLN A 593 -6.80 -58.15 -14.13
CA GLN A 593 -7.81 -57.58 -13.25
C GLN A 593 -7.31 -56.37 -12.43
N PRO A 594 -6.97 -55.26 -13.11
CA PRO A 594 -6.47 -54.07 -12.42
C PRO A 594 -7.33 -53.54 -11.30
N TRP A 595 -8.64 -53.68 -11.41
CA TRP A 595 -9.53 -53.21 -10.36
C TRP A 595 -9.21 -53.86 -9.01
N LYS A 596 -8.72 -55.10 -9.04
CA LYS A 596 -8.37 -55.81 -7.81
C LYS A 596 -7.10 -55.24 -7.18
N THR A 597 -6.10 -54.90 -8.00
CA THR A 597 -4.95 -54.13 -7.51
C THR A 597 -5.40 -52.82 -6.85
N GLN A 598 -6.28 -52.11 -7.55
CA GLN A 598 -6.77 -50.83 -7.06
C GLN A 598 -7.54 -51.00 -5.75
N LYS A 599 -8.34 -52.04 -5.66
CA LYS A 599 -9.06 -52.33 -4.43
C LYS A 599 -8.10 -52.56 -3.24
N TYR A 600 -7.10 -53.43 -3.42
CA TYR A 600 -6.22 -53.86 -2.32
C TYR A 600 -5.22 -52.79 -1.92
N VAL A 601 -4.59 -52.18 -2.91
CA VAL A 601 -3.73 -51.02 -2.65
C VAL A 601 -4.46 -49.94 -1.84
N SER A 602 -5.67 -49.57 -2.28
CA SER A 602 -6.47 -48.57 -1.56
C SER A 602 -6.77 -49.01 -0.13
N HIS A 603 -7.15 -50.28 0.05
CA HIS A 603 -7.36 -50.84 1.40
C HIS A 603 -6.13 -50.66 2.30
N ILE A 604 -4.95 -51.02 1.81
CA ILE A 604 -3.71 -50.96 2.57
C ILE A 604 -3.38 -49.50 2.92
N LEU A 605 -3.33 -48.64 1.91
CA LEU A 605 -3.11 -47.19 2.15
C LEU A 605 -4.04 -46.57 3.21
N ASN A 606 -5.32 -46.90 3.17
CA ASN A 606 -6.30 -46.26 4.07
C ASN A 606 -6.41 -46.91 5.45
N THR A 607 -6.02 -48.18 5.55
CA THR A 607 -6.29 -49.01 6.71
C THR A 607 -5.04 -49.42 7.51
N LEU A 608 -3.91 -49.61 6.84
CA LEU A 608 -2.67 -50.03 7.50
C LEU A 608 -1.64 -48.91 7.72
N TYR A 609 -1.95 -47.68 7.28
CA TYR A 609 -1.18 -46.49 7.61
C TYR A 609 -2.08 -45.53 8.38
N ASN A 610 -1.50 -44.80 9.32
CA ASN A 610 -2.23 -43.84 10.13
C ASN A 610 -1.30 -42.73 10.66
N ASN A 611 -1.89 -41.73 11.30
CA ASN A 611 -1.14 -40.59 11.81
C ASN A 611 -0.97 -40.55 13.34
N THR A 612 -1.11 -41.71 13.97
CA THR A 612 -0.84 -41.88 15.38
C THR A 612 0.59 -42.43 15.54
N SER A 613 0.97 -42.69 16.79
CA SER A 613 2.28 -43.22 17.11
C SER A 613 2.54 -44.60 16.52
N SER A 614 1.50 -45.42 16.36
CA SER A 614 1.71 -46.77 15.81
C SER A 614 2.19 -46.63 14.38
N GLY A 615 1.38 -45.95 13.56
CA GLY A 615 1.82 -45.38 12.28
C GLY A 615 1.91 -46.33 11.10
N TYR A 616 2.60 -47.45 11.32
CA TYR A 616 2.90 -48.43 10.29
C TYR A 616 2.60 -49.83 10.79
N ALA A 617 2.45 -50.73 9.84
CA ALA A 617 2.08 -52.12 10.10
C ALA A 617 3.29 -53.01 10.44
N GLY A 618 4.36 -52.40 10.95
CA GLY A 618 5.60 -53.08 11.25
C GLY A 618 6.74 -52.06 11.20
N ASN A 619 7.95 -52.55 11.45
CA ASN A 619 9.13 -51.72 11.40
C ASN A 619 9.29 -50.96 10.07
N ASP A 620 9.67 -49.69 10.15
CA ASP A 620 9.77 -48.87 8.96
C ASP A 620 10.90 -49.32 8.02
N ASP A 621 11.92 -49.99 8.58
CA ASP A 621 13.01 -50.64 7.82
C ASP A 621 13.78 -49.63 6.99
N CYS A 622 14.36 -48.64 7.67
CA CYS A 622 15.06 -47.53 7.00
C CYS A 622 14.19 -46.85 5.93
N GLY A 623 12.91 -46.68 6.25
CA GLY A 623 11.96 -46.04 5.37
C GLY A 623 11.42 -46.82 4.19
N GLN A 624 11.53 -48.14 4.19
CA GLN A 624 10.93 -48.97 3.13
C GLN A 624 9.41 -49.01 3.27
N MET A 625 8.90 -49.09 4.50
CA MET A 625 7.45 -49.04 4.74
C MET A 625 6.88 -47.69 4.26
N SER A 626 7.67 -46.64 4.46
CA SER A 626 7.30 -45.30 4.10
C SER A 626 7.40 -45.07 2.59
N ALA A 627 8.45 -45.61 1.98
CA ALA A 627 8.61 -45.49 0.55
C ALA A 627 7.45 -46.18 -0.21
N TRP A 628 6.89 -47.23 0.38
CA TRP A 628 5.78 -47.93 -0.21
C TRP A 628 4.59 -46.98 -0.28
N TYR A 629 4.35 -46.27 0.84
CA TYR A 629 3.28 -45.29 0.89
C TYR A 629 3.51 -44.17 -0.11
N VAL A 630 4.73 -43.67 -0.20
CA VAL A 630 5.02 -42.57 -1.09
C VAL A 630 4.68 -42.96 -2.52
N PHE A 631 5.19 -44.12 -2.95
CA PHE A 631 4.92 -44.64 -4.28
C PHE A 631 3.42 -44.91 -4.50
N SER A 632 2.82 -45.69 -3.60
CA SER A 632 1.46 -46.15 -3.84
C SER A 632 0.45 -44.99 -3.83
N ALA A 633 0.66 -44.01 -2.94
CA ALA A 633 -0.17 -42.81 -2.87
C ALA A 633 -0.12 -41.99 -4.15
N MET A 634 1.07 -41.86 -4.74
CA MET A 634 1.22 -41.25 -6.07
C MET A 634 0.53 -42.06 -7.18
N GLY A 635 0.50 -43.39 -7.02
CA GLY A 635 -0.28 -44.26 -7.90
C GLY A 635 0.46 -45.31 -8.70
N PHE A 636 1.73 -45.56 -8.38
CA PHE A 636 2.50 -46.60 -9.06
C PHE A 636 3.67 -47.14 -8.21
N TYR A 637 4.19 -48.32 -8.57
CA TYR A 637 5.12 -49.05 -7.71
C TYR A 637 6.10 -49.92 -8.50
N PRO A 638 7.39 -49.88 -8.13
CA PRO A 638 8.38 -50.63 -8.89
C PRO A 638 8.42 -52.14 -8.55
N VAL A 639 7.45 -52.89 -9.06
CA VAL A 639 7.35 -54.34 -8.83
C VAL A 639 8.67 -55.08 -9.09
N ASN A 640 9.25 -54.82 -10.26
CA ASN A 640 10.62 -55.23 -10.56
C ASN A 640 11.48 -53.99 -10.41
N PRO A 641 12.22 -53.87 -9.28
CA PRO A 641 12.89 -52.58 -9.01
C PRO A 641 14.16 -52.33 -9.82
N ALA A 642 14.42 -53.14 -10.84
CA ALA A 642 15.53 -52.90 -11.76
C ALA A 642 15.13 -52.83 -13.23
N ASP A 643 13.84 -52.86 -13.56
CA ASP A 643 13.42 -52.77 -14.98
C ASP A 643 12.97 -51.38 -15.45
N GLY A 644 13.03 -50.40 -14.56
CA GLY A 644 12.61 -49.03 -14.88
C GLY A 644 11.16 -48.86 -15.28
N ARG A 645 10.28 -49.73 -14.79
CA ARG A 645 8.84 -49.65 -14.99
C ARG A 645 8.16 -49.53 -13.65
N TYR A 646 7.15 -48.66 -13.57
CA TYR A 646 6.38 -48.52 -12.36
C TYR A 646 4.97 -48.97 -12.69
N ILE A 647 4.45 -49.93 -11.92
CA ILE A 647 3.20 -50.57 -12.21
C ILE A 647 2.08 -49.77 -11.53
N ILE A 648 1.03 -49.47 -12.29
CA ILE A 648 -0.03 -48.57 -11.82
C ILE A 648 -0.92 -49.25 -10.78
N GLY A 649 -1.20 -48.55 -9.69
CA GLY A 649 -2.11 -49.01 -8.67
C GLY A 649 -3.38 -48.18 -8.64
N SER A 650 -3.55 -47.41 -7.57
CA SER A 650 -4.64 -46.46 -7.43
C SER A 650 -4.13 -45.22 -6.72
N PRO A 651 -4.12 -44.06 -7.41
CA PRO A 651 -3.65 -42.83 -6.77
C PRO A 651 -4.57 -42.40 -5.64
N LEU A 652 -3.99 -42.13 -4.49
CA LEU A 652 -4.72 -41.76 -3.29
C LEU A 652 -4.99 -40.27 -3.24
N LEU A 653 -3.98 -39.51 -3.63
CA LEU A 653 -4.00 -38.07 -3.52
C LEU A 653 -4.66 -37.48 -4.76
N ASP A 654 -5.17 -36.26 -4.64
CA ASP A 654 -5.77 -35.54 -5.76
C ASP A 654 -4.74 -35.18 -6.81
N GLU A 655 -3.58 -34.71 -6.38
CA GLU A 655 -2.50 -34.32 -7.31
C GLU A 655 -1.13 -34.49 -6.66
N CYS A 656 -0.13 -34.81 -7.47
CA CYS A 656 1.27 -34.81 -7.08
C CYS A 656 2.06 -34.17 -8.18
N THR A 657 3.09 -33.41 -7.79
CA THR A 657 4.06 -32.91 -8.75
C THR A 657 5.48 -33.25 -8.31
N LEU A 658 6.18 -34.00 -9.15
CA LEU A 658 7.57 -34.35 -8.91
C LEU A 658 8.42 -33.28 -9.53
N LYS A 659 9.21 -32.59 -8.70
CA LYS A 659 10.10 -31.53 -9.13
C LYS A 659 11.46 -32.14 -9.46
N LEU A 660 11.78 -32.25 -10.75
CA LEU A 660 12.96 -32.98 -11.22
C LEU A 660 14.08 -32.08 -11.76
N ALA A 661 15.18 -32.72 -12.11
CA ALA A 661 16.31 -32.05 -12.75
C ALA A 661 16.02 -31.80 -14.25
N GLY A 662 16.04 -30.55 -14.73
CA GLY A 662 16.10 -29.32 -13.97
C GLY A 662 15.22 -28.39 -14.76
N ASN A 663 14.35 -27.66 -14.07
CA ASN A 663 13.23 -26.97 -14.70
C ASN A 663 12.07 -27.92 -15.13
N LYS A 664 12.23 -29.24 -14.94
CA LYS A 664 11.25 -30.26 -15.37
C LYS A 664 10.28 -30.70 -14.24
N GLU A 665 9.05 -31.05 -14.62
CA GLU A 665 8.07 -31.57 -13.68
C GLU A 665 7.35 -32.77 -14.25
N PHE A 666 7.04 -33.73 -13.38
CA PHE A 666 6.10 -34.78 -13.72
C PHE A 666 4.86 -34.58 -12.86
N ARG A 667 3.77 -34.24 -13.55
CA ARG A 667 2.52 -33.77 -12.96
C ARG A 667 1.50 -34.91 -12.98
N ILE A 668 1.01 -35.31 -11.82
CA ILE A 668 0.02 -36.39 -11.74
C ILE A 668 -1.26 -35.74 -11.27
N ARG A 669 -2.37 -36.03 -11.94
CA ARG A 669 -3.64 -35.33 -11.73
C ARG A 669 -4.79 -36.30 -11.73
N THR A 670 -5.82 -36.00 -10.96
CA THR A 670 -6.99 -36.87 -10.86
C THR A 670 -8.27 -36.12 -11.10
N ILE A 671 -9.19 -36.79 -11.80
CA ILE A 671 -10.55 -36.36 -11.99
C ILE A 671 -11.39 -37.22 -11.08
N ARG A 672 -11.94 -36.63 -10.01
CA ARG A 672 -12.82 -37.39 -9.11
C ARG A 672 -13.92 -36.54 -8.44
N LYS A 673 -15.00 -37.21 -8.07
CA LYS A 673 -16.16 -36.60 -7.43
C LYS A 673 -16.03 -36.72 -5.90
N SER A 674 -15.41 -37.81 -5.42
CA SER A 674 -15.21 -38.01 -3.97
C SER A 674 -14.07 -39.03 -3.68
N PRO A 675 -13.69 -39.19 -2.39
CA PRO A 675 -12.70 -40.19 -2.00
C PRO A 675 -13.13 -41.67 -2.19
N GLU A 676 -14.43 -41.94 -2.29
CA GLU A 676 -14.89 -43.29 -2.65
C GLU A 676 -14.46 -43.69 -4.09
N ASP A 677 -14.06 -42.73 -4.93
CA ASP A 677 -13.63 -43.00 -6.31
C ASP A 677 -12.20 -43.54 -6.41
N ILE A 678 -12.06 -44.85 -6.19
CA ILE A 678 -10.76 -45.50 -6.13
C ILE A 678 -10.40 -46.33 -7.35
N TYR A 679 -11.37 -46.58 -8.24
CA TYR A 679 -11.12 -47.39 -9.43
C TYR A 679 -10.77 -46.50 -10.60
N ILE A 680 -9.79 -46.93 -11.40
CA ILE A 680 -9.34 -46.19 -12.58
C ILE A 680 -10.29 -46.47 -13.75
N GLN A 681 -10.85 -45.41 -14.32
CA GLN A 681 -11.68 -45.53 -15.53
C GLN A 681 -10.83 -45.39 -16.78
N SER A 682 -9.85 -44.48 -16.75
CA SER A 682 -8.92 -44.32 -17.89
C SER A 682 -7.73 -43.48 -17.48
N VAL A 683 -6.70 -43.49 -18.33
CA VAL A 683 -5.47 -42.79 -18.03
C VAL A 683 -4.97 -42.14 -19.30
N THR A 684 -4.50 -40.90 -19.14
CA THR A 684 -3.89 -40.15 -20.21
C THR A 684 -2.46 -39.83 -19.80
N LEU A 685 -1.54 -39.90 -20.75
CA LEU A 685 -0.17 -39.51 -20.52
C LEU A 685 0.24 -38.59 -21.65
N ASN A 686 0.57 -37.34 -21.30
CA ASN A 686 0.92 -36.33 -22.30
C ASN A 686 -0.10 -36.19 -23.44
N GLY A 687 -1.39 -36.20 -23.08
CA GLY A 687 -2.47 -36.03 -24.05
C GLY A 687 -2.93 -37.24 -24.81
N LYS A 688 -2.11 -38.30 -24.88
CA LYS A 688 -2.47 -39.55 -25.54
C LYS A 688 -3.09 -40.47 -24.48
N LYS A 689 -4.12 -41.23 -24.86
CA LYS A 689 -4.72 -42.25 -24.00
C LYS A 689 -3.65 -43.32 -23.73
N HIS A 690 -3.54 -43.74 -22.47
CA HIS A 690 -2.47 -44.63 -22.02
C HIS A 690 -3.04 -46.02 -21.80
N LYS A 691 -2.61 -46.95 -22.65
CA LYS A 691 -3.19 -48.28 -22.71
C LYS A 691 -2.46 -49.31 -21.80
N ASP A 692 -1.22 -49.04 -21.40
CA ASP A 692 -0.48 -49.98 -20.56
C ASP A 692 -0.78 -49.78 -19.09
N PHE A 693 -0.51 -50.83 -18.30
CA PHE A 693 -0.67 -50.75 -16.83
C PHE A 693 0.62 -50.35 -16.11
N PHE A 694 1.57 -49.78 -16.84
CA PHE A 694 2.78 -49.22 -16.26
C PHE A 694 3.18 -47.91 -16.96
N ILE A 695 4.07 -47.18 -16.31
CA ILE A 695 4.78 -46.07 -16.93
C ILE A 695 6.27 -46.32 -16.74
N THR A 696 7.09 -45.71 -17.57
CA THR A 696 8.53 -45.94 -17.52
C THR A 696 9.22 -44.83 -16.74
N HIS A 697 10.47 -45.10 -16.41
CA HIS A 697 11.30 -44.14 -15.69
C HIS A 697 11.54 -42.94 -16.59
N GLN A 698 11.78 -43.22 -17.88
CA GLN A 698 11.96 -42.17 -18.87
C GLN A 698 10.69 -41.30 -19.05
N ASP A 699 9.51 -41.92 -19.07
CA ASP A 699 8.26 -41.17 -19.08
C ASP A 699 8.24 -40.14 -17.98
N ILE A 700 8.66 -40.54 -16.76
CA ILE A 700 8.68 -39.61 -15.63
C ILE A 700 9.79 -38.57 -15.75
N MET A 701 11.02 -38.99 -16.02
CA MET A 701 12.18 -38.07 -16.00
C MET A 701 12.23 -37.09 -17.17
N ASN A 702 11.57 -37.40 -18.28
CA ASN A 702 11.40 -36.41 -19.35
C ASN A 702 10.53 -35.22 -18.96
N GLY A 703 9.71 -35.39 -17.94
CA GLY A 703 8.72 -34.41 -17.56
C GLY A 703 7.48 -34.64 -18.39
N GLY A 704 6.33 -34.27 -17.85
CA GLY A 704 5.08 -34.45 -18.58
C GLY A 704 3.92 -34.46 -17.63
N THR A 705 2.76 -34.89 -18.11
CA THR A 705 1.60 -34.94 -17.23
C THR A 705 0.72 -36.16 -17.49
N MET A 706 0.21 -36.69 -16.37
CA MET A 706 -0.46 -37.97 -16.36
C MET A 706 -1.79 -37.73 -15.65
N VAL A 707 -2.90 -38.05 -16.31
CA VAL A 707 -4.22 -37.78 -15.72
C VAL A 707 -4.98 -39.07 -15.53
N PHE A 708 -5.48 -39.28 -14.32
CA PHE A 708 -6.31 -40.43 -13.99
C PHE A 708 -7.79 -40.04 -13.87
N LYS A 709 -8.64 -40.68 -14.65
CA LYS A 709 -10.08 -40.52 -14.51
C LYS A 709 -10.52 -41.62 -13.56
N MET A 710 -11.04 -41.26 -12.41
CA MET A 710 -11.43 -42.21 -11.37
C MET A 710 -12.95 -42.31 -11.22
N GLY A 711 -13.41 -43.39 -10.60
CA GLY A 711 -14.82 -43.67 -10.35
C GLY A 711 -15.04 -44.65 -9.20
N LYS A 712 -16.26 -44.67 -8.68
CA LYS A 712 -16.67 -45.51 -7.52
C LYS A 712 -16.73 -47.01 -7.84
N LYS A 713 -16.81 -47.39 -9.11
CA LYS A 713 -17.04 -48.79 -9.48
C LYS A 713 -15.95 -49.22 -10.47
N PRO A 714 -15.57 -50.51 -10.41
CA PRO A 714 -14.63 -51.06 -11.38
C PRO A 714 -15.05 -50.80 -12.81
N SER A 715 -14.09 -50.47 -13.67
CA SER A 715 -14.40 -49.96 -15.00
C SER A 715 -14.39 -51.01 -16.10
N GLY A 716 -13.34 -51.82 -16.12
CA GLY A 716 -12.98 -52.60 -17.30
C GLY A 716 -11.65 -52.18 -17.92
N TRP A 717 -11.04 -51.12 -17.40
CA TRP A 717 -9.72 -50.65 -17.84
C TRP A 717 -8.63 -51.73 -17.63
N GLY A 718 -7.96 -52.12 -18.72
CA GLY A 718 -6.96 -53.21 -18.74
C GLY A 718 -7.49 -54.62 -18.43
N LYS A 719 -8.79 -54.84 -18.59
CA LYS A 719 -9.47 -56.08 -18.12
C LYS A 719 -9.60 -57.14 -19.23
N GLN B 3 11.14 -20.75 -3.05
CA GLN B 3 12.31 -19.81 -2.96
C GLN B 3 11.89 -18.33 -3.04
N ALA B 4 12.74 -17.43 -2.52
CA ALA B 4 12.46 -15.99 -2.51
C ALA B 4 12.56 -15.41 -3.92
N GLY B 5 11.40 -15.06 -4.51
CA GLY B 5 11.32 -14.51 -5.85
C GLY B 5 11.08 -15.52 -6.97
N GLU B 6 10.44 -16.66 -6.66
CA GLU B 6 10.04 -17.64 -7.68
C GLU B 6 9.08 -17.01 -8.70
N ILE B 7 8.11 -16.22 -8.21
CA ILE B 7 7.11 -15.53 -9.04
C ILE B 7 7.51 -14.11 -9.50
N THR B 8 7.98 -13.28 -8.57
CA THR B 8 8.32 -11.88 -8.87
C THR B 8 9.38 -11.73 -9.97
N LYS B 9 10.22 -12.74 -10.17
CA LYS B 9 11.21 -12.71 -11.26
C LYS B 9 10.59 -12.72 -12.66
N TYR B 10 9.34 -13.17 -12.78
CA TYR B 10 8.66 -13.16 -14.08
C TYR B 10 8.16 -11.77 -14.53
N VAL B 11 7.88 -10.86 -13.58
CA VAL B 11 7.34 -9.54 -13.90
C VAL B 11 8.41 -8.65 -14.55
N ASN B 12 8.10 -8.11 -15.72
CA ASN B 12 8.99 -7.22 -16.47
C ASN B 12 8.32 -5.85 -16.59
N PRO B 13 8.64 -4.91 -15.68
CA PRO B 13 7.99 -3.61 -15.71
C PRO B 13 8.23 -2.75 -16.96
N PHE B 14 9.14 -3.15 -17.84
CA PHE B 14 9.34 -2.46 -19.12
C PHE B 14 8.33 -2.85 -20.21
N ILE B 15 7.49 -3.85 -19.95
CA ILE B 15 6.44 -4.23 -20.89
C ILE B 15 5.36 -3.13 -20.85
N GLY B 16 5.07 -2.59 -22.01
CA GLY B 16 4.13 -1.49 -22.16
C GLY B 16 4.70 -0.08 -22.01
N THR B 17 6.03 0.03 -21.87
CA THR B 17 6.67 1.34 -21.61
C THR B 17 7.03 2.17 -22.85
N GLY B 18 6.88 1.63 -24.06
CA GLY B 18 7.17 2.42 -25.24
C GLY B 18 6.92 1.72 -26.55
N ALA B 19 6.48 2.47 -27.56
CA ALA B 19 6.22 1.93 -28.89
C ALA B 19 7.51 1.52 -29.61
N ILE B 20 7.43 0.41 -30.35
CA ILE B 20 8.49 -0.05 -31.25
C ILE B 20 8.04 0.41 -32.65
N ASP B 21 8.80 1.34 -33.23
CA ASP B 21 8.55 1.90 -34.58
C ASP B 21 7.17 2.54 -34.79
N GLY B 22 6.82 3.48 -33.91
CA GLY B 22 5.61 4.29 -34.05
C GLY B 22 4.26 3.60 -33.83
N GLY B 23 4.28 2.37 -33.30
CA GLY B 23 3.05 1.58 -33.13
C GLY B 23 2.34 1.85 -31.82
N LEU B 24 1.47 0.92 -31.43
CA LEU B 24 0.72 1.05 -30.18
C LEU B 24 1.64 0.76 -29.00
N SER B 25 1.25 1.26 -27.83
CA SER B 25 1.98 0.99 -26.60
C SER B 25 1.07 1.09 -25.38
N GLY B 26 1.57 0.60 -24.26
CA GLY B 26 0.76 0.45 -23.06
C GLY B 26 0.60 1.69 -22.21
N ASN B 27 1.54 2.63 -22.32
CA ASN B 27 1.64 3.79 -21.41
C ASN B 27 1.82 3.36 -19.96
N ASN B 28 2.62 2.30 -19.76
CA ASN B 28 2.97 1.80 -18.43
C ASN B 28 4.28 2.46 -17.97
N TYR B 29 4.62 2.27 -16.70
CA TYR B 29 5.86 2.82 -16.14
C TYR B 29 6.66 1.73 -15.48
N PRO B 30 8.00 1.82 -15.54
CA PRO B 30 8.86 0.78 -14.97
C PRO B 30 9.24 0.98 -13.52
N GLY B 31 8.92 2.13 -12.95
CA GLY B 31 9.36 2.47 -11.61
C GLY B 31 8.74 1.65 -10.50
N ALA B 32 9.25 1.88 -9.30
CA ALA B 32 8.88 1.10 -8.14
C ALA B 32 7.52 1.53 -7.58
N THR B 33 6.70 0.54 -7.23
CA THR B 33 5.48 0.80 -6.46
C THR B 33 5.07 -0.44 -5.67
N SER B 34 4.08 -0.25 -4.83
CA SER B 34 3.55 -1.28 -3.98
C SER B 34 2.09 -1.56 -4.38
N PRO B 35 1.55 -2.73 -3.97
CA PRO B 35 0.19 -3.12 -4.32
C PRO B 35 -0.84 -2.06 -3.90
N PHE B 36 -1.57 -1.56 -4.88
CA PHE B 36 -2.67 -0.62 -4.66
C PHE B 36 -2.22 0.62 -3.86
N GLY B 37 -0.99 1.08 -4.12
CA GLY B 37 -0.33 2.05 -3.26
C GLY B 37 -0.59 3.51 -3.56
N MET B 38 -0.10 4.38 -2.68
CA MET B 38 -0.13 5.83 -2.87
C MET B 38 1.05 6.34 -3.68
N ILE B 39 2.16 5.59 -3.67
CA ILE B 39 3.42 6.08 -4.22
C ILE B 39 3.80 5.30 -5.45
N GLN B 40 4.07 6.02 -6.53
CA GLN B 40 4.63 5.45 -7.74
C GLN B 40 5.92 6.21 -8.02
N LEU B 41 7.04 5.68 -7.53
CA LEU B 41 8.33 6.33 -7.61
C LEU B 41 9.05 5.87 -8.88
N SER B 42 9.12 6.76 -9.87
CA SER B 42 9.55 6.38 -11.20
C SER B 42 10.26 7.56 -11.89
N PRO B 43 11.24 7.28 -12.74
CA PRO B 43 11.82 8.39 -13.49
C PRO B 43 10.83 8.93 -14.52
N ASP B 44 10.91 10.23 -14.78
CA ASP B 44 10.19 10.85 -15.88
C ASP B 44 11.19 11.13 -16.97
N THR B 45 10.91 10.68 -18.18
CA THR B 45 11.79 10.89 -19.31
C THR B 45 11.38 12.09 -20.18
N SER B 46 10.43 12.89 -19.69
CA SER B 46 10.14 14.21 -20.27
C SER B 46 10.02 15.25 -19.15
N GLU B 47 10.29 16.52 -19.50
CA GLU B 47 10.16 17.65 -18.59
C GLU B 47 8.71 17.94 -18.23
N ALA B 48 7.79 17.56 -19.12
CA ALA B 48 6.35 17.71 -18.85
C ALA B 48 5.54 16.60 -19.52
N PRO B 49 5.27 15.49 -18.78
CA PRO B 49 4.51 14.36 -19.33
C PRO B 49 3.18 14.78 -19.94
N ASN B 50 2.86 14.21 -21.11
CA ASN B 50 1.67 14.56 -21.89
C ASN B 50 0.92 13.29 -22.38
N TRP B 51 0.03 13.41 -23.37
N TRP B 51 0.02 13.43 -23.36
CA TRP B 51 -0.81 12.29 -23.83
CA TRP B 51 -0.81 12.31 -23.86
C TRP B 51 -0.02 11.04 -24.25
C TRP B 51 -0.01 11.05 -24.22
N GLY B 52 1.11 11.25 -24.91
CA GLY B 52 1.95 10.14 -25.40
C GLY B 52 2.92 9.52 -24.41
N ASP B 53 3.08 10.12 -23.24
CA ASP B 53 3.91 9.55 -22.17
C ASP B 53 3.28 9.84 -20.81
N ALA B 54 1.98 9.56 -20.71
CA ALA B 54 1.16 9.96 -19.56
C ALA B 54 1.65 9.45 -18.21
N SER B 55 2.30 8.29 -18.19
CA SER B 55 2.89 7.74 -16.96
C SER B 55 4.19 8.42 -16.58
N GLY B 56 4.83 9.08 -17.54
CA GLY B 56 6.10 9.77 -17.33
C GLY B 56 7.26 9.18 -18.11
N TYR B 57 7.18 7.89 -18.42
CA TYR B 57 8.27 7.16 -19.03
C TYR B 57 7.91 6.74 -20.45
N ASP B 58 8.89 6.89 -21.35
CA ASP B 58 8.84 6.37 -22.71
C ASP B 58 10.15 5.65 -22.96
N TYR B 59 10.08 4.38 -23.35
CA TYR B 59 11.26 3.53 -23.54
C TYR B 59 12.18 4.04 -24.69
N ASN B 60 11.59 4.75 -25.65
CA ASN B 60 12.33 5.42 -26.73
C ASN B 60 13.21 6.60 -26.29
N ARG B 61 12.90 7.22 -25.15
CA ARG B 61 13.63 8.40 -24.68
C ARG B 61 14.95 7.97 -24.02
N ASN B 62 15.91 8.90 -24.02
CA ASN B 62 17.29 8.65 -23.59
C ASN B 62 17.75 9.46 -22.36
N THR B 63 16.84 10.26 -21.79
CA THR B 63 17.16 11.24 -20.74
C THR B 63 16.14 11.20 -19.59
N ILE B 64 16.63 11.28 -18.35
CA ILE B 64 15.79 11.31 -17.13
C ILE B 64 15.81 12.71 -16.51
N PHE B 65 14.62 13.27 -16.29
CA PHE B 65 14.46 14.66 -15.82
C PHE B 65 14.08 14.80 -14.34
N GLY B 66 14.26 13.73 -13.57
CA GLY B 66 13.89 13.69 -12.14
C GLY B 66 13.21 12.38 -11.78
N PHE B 67 12.86 12.21 -10.51
CA PHE B 67 12.12 11.06 -10.02
C PHE B 67 10.94 11.55 -9.23
N SER B 68 9.72 11.44 -9.78
CA SER B 68 8.49 11.85 -9.07
C SER B 68 7.86 10.69 -8.31
N HIS B 69 6.82 10.98 -7.54
CA HIS B 69 6.25 10.04 -6.58
C HIS B 69 4.81 9.58 -6.84
N THR B 70 4.19 10.06 -7.93
CA THR B 70 2.80 9.72 -8.25
C THR B 70 2.59 9.73 -9.76
N ARG B 71 1.79 8.80 -10.26
CA ARG B 71 1.40 8.76 -11.66
C ARG B 71 0.24 7.81 -11.91
N LEU B 72 -0.32 7.89 -13.11
CA LEU B 72 -1.32 6.95 -13.57
C LEU B 72 -0.66 5.97 -14.52
N SER B 73 -1.24 4.77 -14.59
CA SER B 73 -0.76 3.70 -15.47
C SER B 73 -1.76 3.46 -16.60
N GLY B 74 -1.25 3.59 -17.83
CA GLY B 74 -2.00 3.25 -19.03
C GLY B 74 -3.13 4.18 -19.40
N THR B 75 -3.13 5.43 -18.92
CA THR B 75 -4.18 6.40 -19.26
C THR B 75 -3.82 7.21 -20.51
N GLY B 76 -4.85 7.84 -21.08
CA GLY B 76 -4.74 8.68 -22.28
C GLY B 76 -4.30 10.11 -21.98
N ALA B 77 -4.67 10.61 -20.81
CA ALA B 77 -4.25 11.92 -20.31
C ALA B 77 -3.26 11.77 -19.15
N SER B 78 -2.33 12.74 -19.02
CA SER B 78 -1.41 12.75 -17.90
C SER B 78 -1.89 13.62 -16.76
N ASP B 79 -1.57 13.19 -15.54
CA ASP B 79 -1.81 13.99 -14.32
C ASP B 79 -0.89 13.45 -13.21
N LEU B 80 -1.01 14.00 -12.00
CA LEU B 80 -0.16 13.63 -10.86
C LEU B 80 1.26 14.17 -11.10
N ILE B 81 2.27 13.31 -11.25
CA ILE B 81 3.67 13.73 -11.43
C ILE B 81 4.13 14.69 -10.32
N ASP B 82 3.95 14.27 -9.06
CA ASP B 82 4.26 15.11 -7.90
C ASP B 82 5.55 14.76 -7.14
N ILE B 83 6.21 15.81 -6.67
CA ILE B 83 7.36 15.75 -5.78
C ILE B 83 8.54 15.06 -6.46
N THR B 84 9.36 15.86 -7.12
CA THR B 84 10.42 15.37 -7.97
C THR B 84 11.82 15.61 -7.36
N LEU B 85 12.61 14.54 -7.22
CA LEU B 85 14.03 14.61 -6.81
C LEU B 85 14.98 14.26 -7.95
N MET B 86 16.20 14.82 -7.88
CA MET B 86 17.25 14.53 -8.85
C MET B 86 18.63 14.65 -8.18
N PRO B 87 19.42 13.55 -8.13
CA PRO B 87 20.75 13.60 -7.54
C PRO B 87 21.75 14.28 -8.46
N THR B 88 22.73 14.99 -7.91
CA THR B 88 23.77 15.64 -8.71
C THR B 88 25.01 16.04 -7.90
N SER B 89 26.10 16.32 -8.63
CA SER B 89 27.33 16.91 -8.08
C SER B 89 27.57 18.38 -8.55
N SER B 90 26.81 18.83 -9.55
CA SER B 90 27.07 20.06 -10.27
CA SER B 90 27.07 20.07 -10.26
C SER B 90 25.84 20.99 -10.31
N GLY B 91 24.83 20.72 -9.48
CA GLY B 91 23.53 21.40 -9.58
C GLY B 91 22.77 21.19 -10.90
N ARG B 92 22.98 20.05 -11.56
CA ARG B 92 22.35 19.73 -12.85
C ARG B 92 20.96 19.10 -12.65
N THR B 93 20.04 19.35 -13.58
CA THR B 93 18.63 18.92 -13.42
C THR B 93 18.20 17.72 -14.29
N SER B 94 19.10 17.21 -15.14
CA SER B 94 18.80 16.05 -15.99
C SER B 94 20.06 15.26 -16.32
N SER B 95 19.86 14.04 -16.83
CA SER B 95 20.97 13.15 -17.18
C SER B 95 20.58 12.12 -18.24
N ALA B 96 21.53 11.79 -19.11
CA ALA B 96 21.37 10.65 -20.01
C ALA B 96 21.44 9.35 -19.22
N PHE B 97 20.91 8.29 -19.83
CA PHE B 97 21.00 6.92 -19.29
C PHE B 97 20.88 5.91 -20.45
N THR B 98 21.20 4.65 -20.18
CA THR B 98 20.95 3.56 -21.14
C THR B 98 20.19 2.43 -20.49
N HIS B 99 19.37 1.76 -21.30
CA HIS B 99 18.66 0.57 -20.87
C HIS B 99 19.66 -0.56 -20.54
N ASP B 100 20.80 -0.58 -21.24
CA ASP B 100 21.89 -1.53 -21.00
C ASP B 100 22.45 -1.48 -19.56
N GLU B 101 22.29 -0.33 -18.88
CA GLU B 101 22.57 -0.19 -17.44
CA GLU B 101 22.54 -0.25 -17.42
C GLU B 101 21.31 0.32 -16.71
N GLU B 102 20.29 -0.53 -16.61
CA GLU B 102 19.00 -0.21 -15.98
C GLU B 102 18.35 -1.55 -15.58
N LYS B 103 17.76 -1.62 -14.39
CA LYS B 103 17.05 -2.83 -13.93
C LYS B 103 15.70 -2.46 -13.32
N ALA B 104 14.75 -3.39 -13.35
CA ALA B 104 13.48 -3.21 -12.65
C ALA B 104 12.77 -4.54 -12.38
N ARG B 105 12.11 -4.61 -11.23
CA ARG B 105 11.32 -5.77 -10.81
C ARG B 105 10.38 -5.33 -9.68
N PRO B 106 9.36 -6.15 -9.33
CA PRO B 106 8.34 -5.65 -8.41
C PRO B 106 8.90 -5.04 -7.11
N GLY B 107 8.60 -3.75 -6.93
CA GLY B 107 9.00 -2.98 -5.77
C GLY B 107 10.34 -2.29 -5.86
N TYR B 108 10.97 -2.31 -7.03
CA TYR B 108 12.38 -1.87 -7.16
C TYR B 108 12.73 -1.41 -8.57
N TYR B 109 13.37 -0.24 -8.66
CA TYR B 109 13.88 0.29 -9.93
C TYR B 109 15.34 0.69 -9.69
N GLN B 110 16.15 0.61 -10.74
CA GLN B 110 17.55 1.06 -10.67
C GLN B 110 17.98 1.63 -12.03
N VAL B 111 18.81 2.67 -11.99
CA VAL B 111 19.40 3.24 -13.20
C VAL B 111 20.72 3.93 -12.90
N MET B 112 21.64 3.86 -13.87
CA MET B 112 22.90 4.58 -13.83
C MET B 112 22.74 5.88 -14.61
N LEU B 113 22.86 7.01 -13.90
CA LEU B 113 22.77 8.35 -14.51
C LEU B 113 24.15 8.73 -15.07
N LYS B 114 24.28 8.67 -16.40
CA LYS B 114 25.59 8.64 -17.07
C LYS B 114 26.33 10.00 -17.12
N ASP B 115 25.60 11.10 -17.04
CA ASP B 115 26.21 12.44 -17.08
C ASP B 115 27.24 12.65 -15.94
N GLU B 116 26.90 12.23 -14.73
CA GLU B 116 27.76 12.42 -13.55
C GLU B 116 28.14 11.12 -12.83
N ASN B 117 27.97 9.97 -13.50
CA ASN B 117 28.20 8.64 -12.90
C ASN B 117 27.64 8.48 -11.48
N ILE B 118 26.34 8.78 -11.34
CA ILE B 118 25.59 8.54 -10.11
C ILE B 118 24.57 7.43 -10.33
N ASN B 119 24.56 6.47 -9.43
CA ASN B 119 23.65 5.32 -9.49
C ASN B 119 22.42 5.58 -8.63
N ALA B 120 21.24 5.52 -9.26
CA ALA B 120 19.94 5.71 -8.59
C ALA B 120 19.21 4.38 -8.40
N GLU B 121 18.71 4.15 -7.17
CA GLU B 121 17.92 2.97 -6.82
C GLU B 121 16.66 3.38 -6.04
N LEU B 122 15.50 2.82 -6.40
CA LEU B 122 14.21 3.21 -5.84
C LEU B 122 13.40 2.00 -5.35
N THR B 123 12.76 2.15 -4.20
CA THR B 123 11.74 1.20 -3.73
C THR B 123 10.63 1.99 -3.02
N THR B 124 9.62 1.30 -2.51
CA THR B 124 8.47 1.95 -1.88
C THR B 124 7.87 1.12 -0.77
N THR B 125 7.16 1.81 0.12
CA THR B 125 6.12 1.19 0.92
C THR B 125 4.79 1.73 0.40
N GLN B 126 3.70 1.36 1.07
CA GLN B 126 2.37 1.80 0.73
C GLN B 126 2.25 3.31 0.56
N ARG B 127 2.88 4.07 1.45
CA ARG B 127 2.81 5.53 1.43
C ARG B 127 4.17 6.28 1.46
N ASN B 128 5.28 5.57 1.26
CA ASN B 128 6.59 6.21 1.19
C ASN B 128 7.37 5.75 -0.04
N GLY B 129 8.20 6.66 -0.55
CA GLY B 129 9.20 6.32 -1.57
C GLY B 129 10.53 6.32 -0.85
N ILE B 130 11.38 5.34 -1.17
CA ILE B 130 12.72 5.27 -0.59
C ILE B 130 13.75 5.31 -1.72
N HIS B 131 14.71 6.23 -1.59
CA HIS B 131 15.73 6.42 -2.61
C HIS B 131 17.08 6.01 -2.06
N ARG B 132 18.01 5.71 -2.96
CA ARG B 132 19.40 5.52 -2.61
C ARG B 132 20.29 5.92 -3.77
N TYR B 133 21.17 6.90 -3.53
CA TYR B 133 22.06 7.42 -4.57
C TYR B 133 23.51 7.19 -4.16
N GLN B 134 24.30 6.61 -5.07
CA GLN B 134 25.74 6.38 -4.86
C GLN B 134 26.51 7.29 -5.81
N TYR B 135 27.15 8.31 -5.22
CA TYR B 135 27.93 9.31 -5.95
C TYR B 135 29.39 8.83 -6.01
N PRO B 136 30.10 9.06 -7.14
CA PRO B 136 31.49 8.58 -7.20
C PRO B 136 32.37 9.28 -6.17
N ALA B 137 33.27 8.53 -5.52
CA ALA B 137 34.16 9.08 -4.49
C ALA B 137 35.03 10.21 -5.06
N GLY B 138 35.08 11.33 -4.36
CA GLY B 138 35.79 12.52 -4.85
C GLY B 138 34.89 13.60 -5.45
N LYS B 139 33.64 13.28 -5.77
CA LYS B 139 32.67 14.27 -6.27
C LYS B 139 31.67 14.62 -5.16
N ASP B 140 31.05 15.80 -5.27
CA ASP B 140 30.08 16.29 -4.25
C ASP B 140 28.71 15.62 -4.38
N ALA B 141 27.97 15.60 -3.26
CA ALA B 141 26.64 15.00 -3.18
C ALA B 141 25.56 16.07 -3.02
N GLU B 142 24.71 16.23 -4.03
CA GLU B 142 23.57 17.17 -3.99
C GLU B 142 22.25 16.49 -4.39
N ILE B 143 21.15 17.01 -3.84
CA ILE B 143 19.80 16.62 -4.21
C ILE B 143 19.00 17.86 -4.60
N ILE B 144 18.46 17.87 -5.82
CA ILE B 144 17.53 18.91 -6.24
C ILE B 144 16.09 18.46 -5.97
N LEU B 145 15.30 19.34 -5.35
CA LEU B 145 13.86 19.16 -5.19
C LEU B 145 13.17 20.13 -6.14
N ASP B 146 12.43 19.60 -7.11
CA ASP B 146 11.68 20.41 -8.08
C ASP B 146 10.19 20.26 -7.74
N MET B 147 9.56 21.34 -7.31
CA MET B 147 8.10 21.36 -6.98
C MET B 147 7.22 21.94 -8.10
N ASP B 148 7.84 22.27 -9.22
CA ASP B 148 7.14 22.79 -10.40
C ASP B 148 6.83 21.67 -11.38
N HIS B 149 7.78 20.73 -11.52
CA HIS B 149 7.70 19.59 -12.41
C HIS B 149 6.35 18.90 -12.32
N SER B 150 5.60 18.93 -13.42
CA SER B 150 4.25 18.36 -13.45
C SER B 150 3.93 17.87 -14.84
N ALA B 151 2.72 17.33 -15.02
CA ALA B 151 2.20 17.11 -16.37
C ALA B 151 2.07 18.47 -17.11
N ASP B 152 2.07 18.41 -18.45
CA ASP B 152 1.94 19.59 -19.32
C ASP B 152 0.97 20.66 -18.77
N LYS B 153 1.48 21.88 -18.54
CA LYS B 153 0.67 22.97 -17.98
C LYS B 153 -0.28 23.61 -19.01
N GLY B 154 -0.07 23.34 -20.30
CA GLY B 154 -0.99 23.79 -21.34
C GLY B 154 -2.22 22.94 -21.62
N SER B 155 -2.58 22.01 -20.74
N SER B 155 -2.40 21.86 -20.88
CA SER B 155 -3.54 20.95 -21.10
CA SER B 155 -3.58 21.03 -20.99
C SER B 155 -4.88 20.84 -20.37
C SER B 155 -4.22 21.09 -19.62
N TRP B 156 -5.32 21.78 -19.53
CA TRP B 156 -6.40 21.54 -18.51
C TRP B 156 -6.60 22.74 -17.56
N GLY B 157 -6.13 23.93 -17.93
CA GLY B 157 -5.96 25.03 -17.01
C GLY B 157 -4.98 24.74 -15.89
N ARG B 158 -4.04 23.82 -16.12
CA ARG B 158 -3.12 23.36 -15.09
C ARG B 158 -2.17 24.48 -14.64
N ARG B 159 -2.40 24.94 -13.41
CA ARG B 159 -1.56 25.94 -12.75
C ARG B 159 -1.38 25.49 -11.31
N ILE B 160 -0.16 25.67 -10.78
CA ILE B 160 0.08 25.56 -9.34
C ILE B 160 -0.46 26.82 -8.63
N ILE B 161 -1.40 26.63 -7.70
CA ILE B 161 -2.01 27.73 -6.96
C ILE B 161 -1.07 28.23 -5.86
N ASN B 162 -0.50 27.31 -5.10
CA ASN B 162 0.47 27.66 -4.05
C ASN B 162 1.30 26.43 -3.66
N SER B 163 2.55 26.65 -3.26
CA SER B 163 3.43 25.59 -2.80
C SER B 163 4.45 26.08 -1.76
N GLN B 164 5.12 25.12 -1.12
CA GLN B 164 6.09 25.38 -0.05
C GLN B 164 7.23 24.36 -0.04
N ILE B 165 8.42 24.83 0.34
CA ILE B 165 9.54 23.98 0.73
C ILE B 165 10.05 24.55 2.04
N ARG B 166 10.04 23.77 3.11
CA ARG B 166 10.43 24.24 4.45
C ARG B 166 11.45 23.28 5.09
N ILE B 167 12.66 23.79 5.36
CA ILE B 167 13.75 22.98 5.93
C ILE B 167 13.67 23.02 7.45
N LEU B 168 13.37 21.89 8.07
CA LEU B 168 13.13 21.82 9.52
C LEU B 168 14.36 21.56 10.41
N ASN B 169 15.44 21.03 9.84
CA ASN B 169 16.67 20.70 10.58
C ASN B 169 17.73 20.11 9.63
N ASP B 170 18.88 19.71 10.19
CA ASP B 170 20.00 19.08 9.43
C ASP B 170 19.54 18.01 8.44
N HIS B 171 18.52 17.23 8.82
CA HIS B 171 18.11 16.03 8.11
C HIS B 171 16.66 15.97 7.52
N ALA B 172 15.78 16.93 7.81
CA ALA B 172 14.34 16.81 7.46
C ALA B 172 13.70 18.05 6.79
N VAL B 173 13.05 17.84 5.65
CA VAL B 173 12.39 18.89 4.85
C VAL B 173 10.91 18.55 4.66
N GLU B 174 10.03 19.53 4.81
CA GLU B 174 8.58 19.34 4.54
C GLU B 174 8.06 20.32 3.46
N GLY B 175 6.80 20.20 3.09
CA GLY B 175 6.22 21.08 2.07
C GLY B 175 4.94 20.57 1.42
N TYR B 176 4.47 21.31 0.43
CA TYR B 176 3.25 20.95 -0.28
C TYR B 176 3.15 21.63 -1.64
N ARG B 177 2.12 21.24 -2.38
CA ARG B 177 1.76 21.88 -3.65
C ARG B 177 0.25 21.74 -3.79
N ILE B 178 -0.40 22.80 -4.23
CA ILE B 178 -1.82 22.74 -4.61
C ILE B 178 -1.85 23.07 -6.08
N ILE B 179 -2.46 22.17 -6.85
CA ILE B 179 -2.39 22.19 -8.31
C ILE B 179 -3.73 21.78 -8.93
N THR B 180 -4.06 22.40 -10.06
CA THR B 180 -5.25 22.08 -10.85
C THR B 180 -4.83 21.16 -12.00
N GLY B 181 -5.81 20.63 -12.72
CA GLY B 181 -5.53 19.76 -13.86
C GLY B 181 -6.75 18.97 -14.29
N TRP B 182 -6.50 17.75 -14.79
CA TRP B 182 -7.55 16.79 -15.18
C TRP B 182 -8.48 16.56 -13.99
N ALA B 183 -7.87 16.30 -12.83
CA ALA B 183 -8.58 16.46 -11.55
C ALA B 183 -8.58 17.97 -11.25
N LYS B 184 -9.74 18.52 -10.95
CA LYS B 184 -9.91 19.98 -10.79
C LYS B 184 -8.95 20.62 -9.76
N LEU B 185 -8.87 20.04 -8.56
CA LEU B 185 -8.04 20.56 -7.47
C LEU B 185 -7.44 19.45 -6.63
N ARG B 186 -6.11 19.45 -6.49
CA ARG B 186 -5.40 18.45 -5.70
C ARG B 186 -4.39 19.12 -4.77
N LYS B 187 -4.32 18.65 -3.52
CA LYS B 187 -3.38 19.16 -2.54
C LYS B 187 -2.46 18.01 -2.18
N ILE B 188 -1.16 18.18 -2.40
CA ILE B 188 -0.17 17.12 -2.16
C ILE B 188 0.86 17.58 -1.11
N TYR B 189 0.72 17.06 0.11
CA TYR B 189 1.62 17.38 1.21
C TYR B 189 2.71 16.32 1.35
N PHE B 190 3.96 16.75 1.55
CA PHE B 190 5.10 15.82 1.72
C PHE B 190 5.96 16.07 2.94
N TYR B 191 6.53 15.00 3.48
CA TYR B 191 7.58 15.03 4.48
C TYR B 191 8.77 14.21 3.97
N MET B 192 9.98 14.75 4.07
CA MET B 192 11.19 14.13 3.55
C MET B 192 12.29 14.11 4.63
N GLU B 193 13.12 13.06 4.63
CA GLU B 193 14.33 13.01 5.48
C GLU B 193 15.54 12.50 4.69
N PHE B 194 16.75 12.92 5.11
CA PHE B 194 18.03 12.50 4.51
C PHE B 194 18.90 11.70 5.50
N SER B 195 19.77 10.84 4.96
CA SER B 195 20.61 9.92 5.78
C SER B 195 21.92 10.57 6.28
N SER B 196 22.54 11.40 5.44
CA SER B 196 23.59 12.34 5.85
C SER B 196 22.95 13.73 6.07
N PRO B 197 23.62 14.66 6.80
CA PRO B 197 23.04 15.99 7.09
C PRO B 197 23.35 17.05 6.03
N ILE B 198 22.48 18.06 5.95
CA ILE B 198 22.62 19.17 4.98
C ILE B 198 23.70 20.15 5.47
N LEU B 199 24.60 20.55 4.56
CA LEU B 199 25.67 21.52 4.88
C LEU B 199 25.28 22.91 4.37
N THR B 200 24.99 23.01 3.08
CA THR B 200 24.48 24.25 2.48
C THR B 200 23.18 23.99 1.71
N SER B 201 22.32 25.00 1.65
CA SER B 201 21.00 24.91 1.02
C SER B 201 20.76 26.14 0.12
N THR B 202 19.87 25.97 -0.86
CA THR B 202 19.36 27.10 -1.65
C THR B 202 17.92 26.82 -2.04
N LEU B 203 17.01 27.69 -1.64
CA LEU B 203 15.64 27.68 -2.17
C LEU B 203 15.49 28.74 -3.29
N ARG B 204 14.43 28.60 -4.09
CA ARG B 204 14.05 29.66 -5.06
C ARG B 204 12.60 29.58 -5.51
N ASP B 205 12.12 30.69 -6.06
CA ASP B 205 10.82 30.78 -6.71
C ASP B 205 11.05 31.57 -7.99
N GLY B 206 11.16 30.87 -9.11
CA GLY B 206 11.52 31.52 -10.37
C GLY B 206 12.90 32.12 -10.21
N GLY B 207 13.03 33.42 -10.51
CA GLY B 207 14.29 34.16 -10.40
C GLY B 207 14.73 34.56 -9.00
N ARG B 208 13.78 34.54 -8.06
CA ARG B 208 14.01 34.94 -6.68
C ARG B 208 14.77 33.85 -5.88
N VAL B 209 16.06 34.06 -5.63
CA VAL B 209 16.91 33.09 -4.90
C VAL B 209 17.10 33.49 -3.43
N HIS B 210 17.18 32.50 -2.54
CA HIS B 210 17.43 32.70 -1.09
C HIS B 210 18.40 31.64 -0.56
N GLU B 211 19.66 32.03 -0.37
CA GLU B 211 20.72 31.10 0.08
C GLU B 211 20.61 30.78 1.57
N ASN B 212 20.97 29.55 1.93
CA ASN B 212 20.84 29.04 3.31
C ASN B 212 19.65 29.59 4.11
N THR B 213 18.51 29.59 3.44
CA THR B 213 17.26 30.12 3.95
C THR B 213 16.33 28.93 4.22
N ALA B 214 15.56 29.01 5.30
CA ALA B 214 14.88 27.84 5.87
C ALA B 214 13.43 27.59 5.41
N VAL B 215 12.85 28.51 4.63
CA VAL B 215 11.49 28.33 4.13
C VAL B 215 11.29 29.19 2.89
N ILE B 216 10.36 28.77 2.03
CA ILE B 216 9.99 29.55 0.85
C ILE B 216 8.55 29.21 0.48
N ASN B 217 7.89 30.16 -0.17
CA ASN B 217 6.51 30.03 -0.62
C ASN B 217 6.34 30.68 -1.98
N GLY B 218 5.47 30.10 -2.79
CA GLY B 218 5.27 30.54 -4.18
C GLY B 218 4.66 29.46 -5.06
N THR B 219 4.73 29.68 -6.37
CA THR B 219 4.15 28.78 -7.35
C THR B 219 5.18 28.06 -8.23
N ASN B 220 6.46 28.37 -8.10
CA ASN B 220 7.49 27.76 -8.94
C ASN B 220 8.75 27.45 -8.14
N LEU B 221 8.60 26.59 -7.13
CA LEU B 221 9.63 26.38 -6.12
C LEU B 221 10.62 25.29 -6.48
N HIS B 222 11.90 25.54 -6.19
CA HIS B 222 12.97 24.57 -6.38
C HIS B 222 13.89 24.61 -5.17
N GLY B 223 14.73 23.59 -5.04
CA GLY B 223 15.61 23.43 -3.89
C GLY B 223 16.91 22.77 -4.29
N CYS B 224 17.97 23.08 -3.55
CA CYS B 224 19.24 22.35 -3.62
C CYS B 224 19.70 22.02 -2.21
N PHE B 225 20.17 20.80 -2.00
CA PHE B 225 20.62 20.34 -0.70
C PHE B 225 21.95 19.64 -0.90
N ARG B 226 23.02 20.22 -0.33
CA ARG B 226 24.38 19.76 -0.55
C ARG B 226 24.89 19.12 0.73
N PHE B 227 25.45 17.91 0.57
CA PHE B 227 25.93 17.09 1.69
C PHE B 227 27.47 16.96 1.69
N GLY B 228 28.13 17.67 0.76
CA GLY B 228 29.58 17.67 0.66
C GLY B 228 30.12 16.39 0.03
N GLN B 229 31.27 15.95 0.53
CA GLN B 229 31.87 14.68 0.14
C GLN B 229 31.35 13.59 1.04
N LEU B 230 30.91 12.48 0.46
CA LEU B 230 30.59 11.26 1.21
C LEU B 230 31.56 10.10 0.92
N ASN B 231 32.23 10.14 -0.24
CA ASN B 231 33.35 9.26 -0.63
C ASN B 231 33.54 7.89 0.10
N GLY B 232 32.85 6.82 -0.31
CA GLY B 232 31.72 6.84 -1.25
C GLY B 232 30.52 6.16 -0.59
N LYS B 233 30.16 6.66 0.59
CA LYS B 233 28.96 6.25 1.30
C LYS B 233 27.70 6.67 0.52
N PRO B 234 26.66 5.81 0.49
CA PRO B 234 25.46 6.20 -0.24
C PRO B 234 24.54 7.14 0.56
N LEU B 235 23.83 8.01 -0.16
CA LEU B 235 22.80 8.89 0.39
C LEU B 235 21.40 8.26 0.23
N THR B 236 20.72 8.04 1.35
CA THR B 236 19.37 7.47 1.36
C THR B 236 18.37 8.56 1.72
N CYS B 237 17.46 8.88 0.78
CA CYS B 237 16.32 9.79 1.03
C CYS B 237 15.03 8.99 1.21
N LYS B 238 14.17 9.46 2.11
CA LYS B 238 12.83 8.92 2.30
C LYS B 238 11.83 10.04 2.13
N VAL B 239 10.72 9.77 1.42
CA VAL B 239 9.68 10.76 1.18
C VAL B 239 8.31 10.12 1.40
N ALA B 240 7.49 10.73 2.25
CA ALA B 240 6.11 10.33 2.45
C ALA B 240 5.20 11.42 1.88
N LEU B 241 3.95 11.04 1.59
CA LEU B 241 2.96 11.92 0.95
C LEU B 241 1.62 11.83 1.65
N SER B 242 0.81 12.85 1.44
CA SER B 242 -0.54 12.90 2.01
C SER B 242 -1.39 13.85 1.19
N SER B 243 -2.70 13.59 1.22
CA SER B 243 -3.67 14.42 0.51
C SER B 243 -4.21 15.52 1.43
N VAL B 244 -3.82 15.48 2.71
CA VAL B 244 -4.43 16.27 3.78
C VAL B 244 -3.45 17.22 4.50
N SER B 245 -2.26 16.74 4.90
CA SER B 245 -1.33 17.56 5.73
C SER B 245 0.10 17.03 5.77
N MET B 246 1.03 17.92 6.09
CA MET B 246 2.42 17.54 6.39
C MET B 246 2.54 16.68 7.67
N GLU B 247 1.64 16.90 8.64
CA GLU B 247 1.60 16.11 9.87
C GLU B 247 1.37 14.64 9.53
N ASN B 248 0.30 14.39 8.77
CA ASN B 248 -0.07 13.06 8.30
C ASN B 248 1.04 12.39 7.52
N ALA B 249 1.68 13.14 6.64
CA ALA B 249 2.79 12.62 5.86
C ALA B 249 3.91 12.09 6.78
N ARG B 250 4.24 12.88 7.80
CA ARG B 250 5.30 12.49 8.73
C ARG B 250 4.87 11.24 9.52
N GLN B 251 3.64 11.22 9.99
CA GLN B 251 3.09 10.03 10.65
C GLN B 251 3.17 8.78 9.74
N ASN B 252 2.81 8.93 8.46
CA ASN B 252 2.97 7.85 7.47
C ASN B 252 4.41 7.34 7.39
N MET B 253 5.40 8.21 7.55
CA MET B 253 6.81 7.80 7.57
C MET B 253 7.16 7.12 8.89
N GLU B 254 6.62 7.62 9.99
CA GLU B 254 6.88 7.05 11.31
C GLU B 254 6.40 5.62 11.37
N GLN B 255 5.20 5.37 10.85
CA GLN B 255 4.58 4.05 10.91
C GLN B 255 5.13 3.07 9.87
N GLU B 256 5.41 3.53 8.66
CA GLU B 256 5.82 2.63 7.57
C GLU B 256 7.32 2.60 7.29
N ALA B 257 8.02 3.72 7.49
CA ALA B 257 9.44 3.78 7.16
C ALA B 257 10.33 4.51 8.20
N PRO B 258 10.40 3.98 9.44
CA PRO B 258 11.30 4.56 10.46
C PRO B 258 12.77 4.25 10.22
N HIS B 259 13.11 3.01 9.88
CA HIS B 259 14.52 2.58 9.71
C HIS B 259 15.18 3.17 8.47
N TRP B 260 16.48 2.94 8.32
CA TRP B 260 17.26 3.42 7.17
C TRP B 260 17.95 2.31 6.35
N ASP B 261 17.60 1.07 6.64
CA ASP B 261 18.03 -0.09 5.84
C ASP B 261 17.26 -0.16 4.50
N PHE B 262 17.94 0.22 3.43
CA PHE B 262 17.36 0.23 2.08
C PHE B 262 17.08 -1.18 1.56
N ASP B 263 18.08 -2.06 1.70
CA ASP B 263 17.93 -3.44 1.25
C ASP B 263 16.77 -4.15 1.94
N ARG B 264 16.48 -3.77 3.19
CA ARG B 264 15.32 -4.29 3.89
C ARG B 264 13.97 -3.81 3.27
N TYR B 265 13.93 -2.56 2.78
CA TYR B 265 12.73 -2.02 2.11
C TYR B 265 12.47 -2.73 0.77
N VAL B 266 13.53 -2.98 0.01
CA VAL B 266 13.45 -3.71 -1.26
C VAL B 266 12.88 -5.12 -1.05
N ALA B 267 13.40 -5.82 -0.04
CA ALA B 267 12.98 -7.19 0.25
C ALA B 267 11.56 -7.29 0.79
N ALA B 268 11.14 -6.28 1.55
CA ALA B 268 9.77 -6.23 2.07
C ALA B 268 8.74 -5.95 0.96
N ALA B 269 9.17 -5.18 -0.03
CA ALA B 269 8.34 -4.87 -1.19
C ALA B 269 8.19 -6.13 -2.02
N ASP B 270 9.31 -6.76 -2.35
CA ASP B 270 9.34 -8.03 -3.09
C ASP B 270 8.48 -9.11 -2.44
N ALA B 271 8.57 -9.23 -1.13
CA ALA B 271 7.78 -10.20 -0.38
C ALA B 271 6.29 -9.86 -0.39
N ASP B 272 5.96 -8.57 -0.40
CA ASP B 272 4.55 -8.13 -0.51
C ASP B 272 3.98 -8.53 -1.88
N TRP B 273 4.78 -8.31 -2.93
CA TRP B 273 4.43 -8.65 -4.30
C TRP B 273 4.32 -10.17 -4.54
N GLU B 274 5.25 -10.94 -3.97
CA GLU B 274 5.23 -12.40 -4.07
C GLU B 274 3.92 -12.97 -3.52
N LYS B 275 3.49 -12.45 -2.37
CA LYS B 275 2.19 -12.82 -1.81
C LYS B 275 0.99 -12.45 -2.72
N GLN B 276 1.05 -11.28 -3.34
CA GLN B 276 -0.02 -10.78 -4.21
C GLN B 276 -0.12 -11.53 -5.54
N LEU B 277 0.99 -11.61 -6.24
CA LEU B 277 1.07 -12.32 -7.52
C LEU B 277 0.84 -13.83 -7.35
N GLY B 278 1.23 -14.39 -6.21
CA GLY B 278 1.00 -15.79 -5.91
C GLY B 278 -0.43 -16.19 -5.68
N LYS B 279 -1.36 -15.23 -5.69
CA LYS B 279 -2.80 -15.56 -5.67
C LYS B 279 -3.25 -16.33 -6.92
N ILE B 280 -2.49 -16.26 -8.00
CA ILE B 280 -2.68 -17.17 -9.10
C ILE B 280 -1.35 -17.83 -9.46
N GLU B 281 -1.27 -19.14 -9.22
CA GLU B 281 -0.09 -19.93 -9.54
C GLU B 281 -0.31 -20.56 -10.91
N VAL B 282 0.58 -20.31 -11.86
CA VAL B 282 0.38 -20.76 -13.23
C VAL B 282 1.55 -21.60 -13.73
N LYS B 283 1.25 -22.47 -14.70
CA LYS B 283 2.23 -23.31 -15.37
C LYS B 283 2.10 -23.08 -16.87
N GLY B 284 3.20 -22.67 -17.51
CA GLY B 284 3.22 -22.53 -18.96
C GLY B 284 4.63 -22.30 -19.47
N THR B 285 4.76 -21.80 -20.69
CA THR B 285 6.09 -21.42 -21.19
C THR B 285 6.65 -20.26 -20.37
N GLU B 286 7.96 -20.04 -20.50
CA GLU B 286 8.61 -18.96 -19.76
C GLU B 286 8.12 -17.58 -20.24
N VAL B 287 7.98 -17.40 -21.54
CA VAL B 287 7.39 -16.18 -22.12
C VAL B 287 5.95 -15.95 -21.60
N GLN B 288 5.14 -17.00 -21.57
CA GLN B 288 3.76 -16.87 -21.09
C GLN B 288 3.70 -16.42 -19.62
N LYS B 289 4.60 -16.95 -18.81
CA LYS B 289 4.63 -16.57 -17.40
C LYS B 289 5.06 -15.12 -17.20
N GLU B 290 6.02 -14.67 -18.02
CA GLU B 290 6.42 -13.28 -18.02
C GLU B 290 5.23 -12.37 -18.34
N ILE B 291 4.56 -12.65 -19.46
CA ILE B 291 3.42 -11.85 -19.91
C ILE B 291 2.27 -11.96 -18.90
N PHE B 292 2.05 -13.15 -18.36
CA PHE B 292 0.95 -13.36 -17.40
C PHE B 292 1.15 -12.58 -16.10
N TYR B 293 2.33 -12.68 -15.52
CA TYR B 293 2.57 -12.07 -14.21
C TYR B 293 2.78 -10.56 -14.32
N THR B 294 3.38 -10.10 -15.42
CA THR B 294 3.44 -8.67 -15.69
C THR B 294 2.00 -8.10 -15.81
N ALA B 295 1.13 -8.81 -16.51
CA ALA B 295 -0.27 -8.41 -16.60
C ALA B 295 -0.96 -8.37 -15.23
N LEU B 296 -0.81 -9.41 -14.43
CA LEU B 296 -1.40 -9.42 -13.09
C LEU B 296 -0.84 -8.29 -12.22
N TYR B 297 0.46 -8.03 -12.35
CA TYR B 297 1.10 -6.88 -11.73
C TYR B 297 0.42 -5.57 -12.17
N HIS B 298 0.22 -5.38 -13.47
CA HIS B 298 -0.47 -4.19 -13.96
C HIS B 298 -1.91 -4.00 -13.47
N THR B 299 -2.61 -5.09 -13.16
CA THR B 299 -3.93 -4.98 -12.54
C THR B 299 -3.90 -4.56 -11.08
N MET B 300 -2.74 -4.74 -10.42
CA MET B 300 -2.63 -4.60 -8.96
C MET B 300 -1.94 -3.30 -8.50
N ILE B 301 -1.55 -2.45 -9.45
CA ILE B 301 -0.91 -1.14 -9.12
C ILE B 301 -1.88 0.05 -8.98
N GLN B 302 -3.17 -0.22 -9.15
CA GLN B 302 -4.27 0.73 -8.86
C GLN B 302 -5.54 -0.12 -8.74
N PRO B 303 -6.62 0.27 -8.04
CA PRO B 303 -6.82 1.59 -7.43
C PRO B 303 -5.78 1.98 -6.39
N ASN B 304 -5.61 3.28 -6.18
CA ASN B 304 -4.56 3.81 -5.34
C ASN B 304 -5.07 4.22 -3.97
N THR B 305 -4.24 3.91 -2.96
CA THR B 305 -4.50 4.30 -1.58
C THR B 305 -4.44 5.80 -1.47
N MET B 306 -5.49 6.39 -0.90
CA MET B 306 -5.56 7.82 -0.68
C MET B 306 -5.51 8.22 0.79
N SER B 307 -6.24 7.52 1.67
CA SER B 307 -6.23 7.83 3.11
C SER B 307 -4.85 7.59 3.73
N ASP B 308 -4.54 8.41 4.75
CA ASP B 308 -3.26 8.31 5.48
C ASP B 308 -3.38 7.25 6.57
N VAL B 309 -2.26 6.86 7.18
CA VAL B 309 -2.28 5.80 8.22
C VAL B 309 -3.28 6.08 9.34
N ASN B 310 -3.57 7.35 9.61
CA ASN B 310 -4.60 7.77 10.57
C ASN B 310 -6.05 7.79 10.06
N GLY B 311 -6.28 7.30 8.82
CA GLY B 311 -7.62 7.22 8.22
C GLY B 311 -8.10 8.45 7.45
N GLU B 312 -7.27 9.46 7.30
CA GLU B 312 -7.72 10.76 6.82
C GLU B 312 -7.53 10.89 5.32
N TYR B 313 -8.55 11.43 4.66
CA TYR B 313 -8.54 11.66 3.20
C TYR B 313 -9.24 13.00 2.87
N MET B 314 -8.91 13.56 1.71
CA MET B 314 -9.71 14.66 1.15
C MET B 314 -10.92 14.06 0.45
N ALA B 315 -12.12 14.41 0.90
CA ALA B 315 -13.36 13.95 0.28
C ALA B 315 -13.63 14.67 -1.04
N ALA B 316 -14.71 14.25 -1.71
CA ALA B 316 -15.11 14.82 -3.01
C ALA B 316 -15.70 16.23 -2.93
N ASP B 317 -16.06 16.67 -1.72
CA ASP B 317 -16.40 18.07 -1.46
C ASP B 317 -15.22 18.88 -0.92
N TYR B 318 -14.01 18.33 -1.04
CA TYR B 318 -12.77 18.99 -0.66
C TYR B 318 -12.60 19.28 0.85
N THR B 319 -13.47 18.70 1.69
CA THR B 319 -13.31 18.70 3.14
C THR B 319 -12.43 17.53 3.57
N THR B 320 -11.74 17.70 4.69
CA THR B 320 -10.96 16.61 5.28
C THR B 320 -11.88 15.71 6.11
N ARG B 321 -11.80 14.40 5.87
CA ARG B 321 -12.62 13.39 6.56
C ARG B 321 -11.78 12.17 6.97
N LYS B 322 -12.39 11.31 7.78
CA LYS B 322 -11.71 10.12 8.34
C LYS B 322 -12.56 8.88 8.10
N VAL B 323 -11.91 7.80 7.65
CA VAL B 323 -12.58 6.49 7.54
C VAL B 323 -12.50 5.74 8.87
N ALA B 324 -13.27 4.67 9.00
CA ALA B 324 -13.33 3.88 10.24
C ALA B 324 -12.04 3.11 10.52
N ASN B 325 -11.97 2.50 11.71
CA ASN B 325 -10.73 1.89 12.25
C ASN B 325 -9.91 1.07 11.24
N ASN B 326 -10.60 0.15 10.57
CA ASN B 326 -9.96 -0.89 9.74
C ASN B 326 -10.18 -0.70 8.22
N GLU B 327 -10.35 0.56 7.80
CA GLU B 327 -10.75 0.88 6.43
C GLU B 327 -9.64 1.62 5.72
N THR B 328 -9.72 1.62 4.39
CA THR B 328 -8.83 2.39 3.55
C THR B 328 -9.66 3.08 2.46
N HIS B 329 -9.38 4.36 2.24
CA HIS B 329 -10.04 5.15 1.20
C HIS B 329 -9.18 5.02 -0.02
N TYR B 330 -9.80 4.64 -1.14
CA TYR B 330 -9.11 4.46 -2.41
C TYR B 330 -9.69 5.39 -3.47
N THR B 331 -8.87 5.69 -4.47
CA THR B 331 -9.29 6.44 -5.67
C THR B 331 -8.55 5.88 -6.89
N THR B 332 -8.60 6.59 -8.02
CA THR B 332 -8.13 6.10 -9.33
C THR B 332 -9.05 4.97 -9.82
N PHE B 333 -10.25 5.36 -10.26
CA PHE B 333 -11.27 4.46 -10.76
C PHE B 333 -11.59 4.77 -12.22
N SER B 334 -10.86 4.11 -13.13
CA SER B 334 -10.97 4.34 -14.57
C SER B 334 -12.15 3.57 -15.15
N LEU B 335 -13.34 3.84 -14.64
CA LEU B 335 -14.45 2.89 -14.69
C LEU B 335 -14.90 2.42 -16.09
N TRP B 336 -14.97 3.32 -17.06
CA TRP B 336 -15.38 2.95 -18.42
C TRP B 336 -14.60 1.74 -18.96
N ASP B 337 -13.31 1.68 -18.64
CA ASP B 337 -12.49 0.50 -18.93
C ASP B 337 -12.68 -0.62 -17.90
N THR B 338 -12.52 -0.28 -16.62
CA THR B 338 -12.24 -1.29 -15.59
C THR B 338 -13.45 -2.08 -15.08
N PHE B 339 -14.66 -1.57 -15.26
CA PHE B 339 -15.85 -2.36 -14.87
C PHE B 339 -15.98 -3.69 -15.63
N ARG B 340 -15.40 -3.75 -16.82
CA ARG B 340 -15.56 -4.86 -17.73
C ARG B 340 -14.83 -6.15 -17.31
N ALA B 341 -13.61 -6.02 -16.83
CA ALA B 341 -12.82 -7.20 -16.40
C ALA B 341 -12.00 -6.98 -15.12
N SER B 342 -11.21 -5.90 -15.09
CA SER B 342 -10.45 -5.53 -13.89
C SER B 342 -11.25 -5.70 -12.59
N HIS B 343 -12.43 -5.09 -12.50
CA HIS B 343 -13.22 -5.17 -11.26
C HIS B 343 -13.75 -6.57 -10.97
N PRO B 344 -14.25 -7.29 -11.98
CA PRO B 344 -14.55 -8.69 -11.74
C PRO B 344 -13.35 -9.50 -11.21
N LEU B 345 -12.16 -9.25 -11.75
CA LEU B 345 -10.97 -9.90 -11.26
C LEU B 345 -10.71 -9.57 -9.79
N TYR B 346 -10.97 -8.33 -9.38
CA TYR B 346 -10.81 -7.98 -7.96
C TYR B 346 -11.80 -8.72 -7.07
N THR B 347 -12.95 -9.14 -7.58
CA THR B 347 -13.90 -9.89 -6.74
C THR B 347 -13.39 -11.29 -6.44
N LEU B 348 -12.56 -11.81 -7.33
CA LEU B 348 -11.94 -13.13 -7.17
C LEU B 348 -10.75 -13.10 -6.21
N LEU B 349 -9.83 -12.16 -6.43
CA LEU B 349 -8.55 -12.12 -5.74
C LEU B 349 -8.46 -11.16 -4.53
N GLU B 350 -9.33 -10.15 -4.49
CA GLU B 350 -9.23 -9.02 -3.54
C GLU B 350 -10.55 -8.65 -2.92
N PRO B 351 -11.33 -9.64 -2.47
CA PRO B 351 -12.65 -9.32 -1.91
C PRO B 351 -12.65 -8.35 -0.74
N GLU B 352 -11.60 -8.35 0.07
CA GLU B 352 -11.51 -7.43 1.22
C GLU B 352 -11.32 -6.00 0.70
N ARG B 353 -10.37 -5.79 -0.21
CA ARG B 353 -10.20 -4.49 -0.88
C ARG B 353 -11.44 -4.02 -1.68
N VAL B 354 -12.20 -4.96 -2.23
CA VAL B 354 -13.40 -4.61 -2.99
C VAL B 354 -14.42 -3.91 -2.07
N THR B 355 -14.56 -4.39 -0.85
CA THR B 355 -15.39 -3.72 0.15
C THR B 355 -14.97 -2.24 0.33
N ASP B 356 -13.67 -1.99 0.36
CA ASP B 356 -13.16 -0.62 0.44
C ASP B 356 -13.36 0.17 -0.86
N PHE B 357 -13.15 -0.48 -2.01
CA PHE B 357 -13.44 0.16 -3.29
C PHE B 357 -14.89 0.64 -3.34
N VAL B 358 -15.82 -0.22 -2.95
CA VAL B 358 -17.24 0.10 -2.95
C VAL B 358 -17.58 1.23 -1.97
N LYS B 359 -17.02 1.17 -0.78
CA LYS B 359 -17.25 2.22 0.22
C LYS B 359 -16.71 3.56 -0.25
N SER B 360 -15.54 3.55 -0.88
CA SER B 360 -14.95 4.74 -1.47
C SER B 360 -15.85 5.37 -2.54
N MET B 361 -16.40 4.55 -3.41
CA MET B 361 -17.33 5.05 -4.45
C MET B 361 -18.54 5.72 -3.82
N ILE B 362 -19.16 5.04 -2.85
CA ILE B 362 -20.34 5.55 -2.16
C ILE B 362 -20.07 6.89 -1.43
N ARG B 363 -18.83 7.11 -0.99
CA ARG B 363 -18.47 8.42 -0.41
C ARG B 363 -18.58 9.55 -1.41
N GLN B 364 -18.24 9.31 -2.68
CA GLN B 364 -18.47 10.35 -3.68
C GLN B 364 -19.96 10.69 -3.76
N TYR B 365 -20.84 9.70 -3.77
CA TYR B 365 -22.28 9.99 -3.72
C TYR B 365 -22.68 10.77 -2.46
N GLU B 366 -22.08 10.44 -1.32
CA GLU B 366 -22.45 11.07 -0.06
C GLU B 366 -22.09 12.57 -0.02
N TYR B 367 -20.96 12.94 -0.64
CA TYR B 367 -20.43 14.29 -0.58
C TYR B 367 -20.50 15.09 -1.88
N TYR B 368 -20.72 14.41 -3.00
CA TYR B 368 -20.81 15.07 -4.33
C TYR B 368 -22.21 14.92 -4.96
N GLY B 369 -22.98 13.92 -4.55
CA GLY B 369 -24.38 13.76 -5.01
C GLY B 369 -24.69 12.65 -6.02
N TYR B 370 -23.66 12.06 -6.61
CA TYR B 370 -23.80 10.87 -7.48
C TYR B 370 -22.48 10.10 -7.58
N LEU B 371 -22.57 8.84 -8.00
CA LEU B 371 -21.42 7.92 -7.98
C LEU B 371 -20.34 8.28 -9.00
N PRO B 372 -19.11 7.78 -8.79
CA PRO B 372 -18.03 8.17 -9.71
C PRO B 372 -18.20 7.64 -11.13
N ILE B 373 -17.80 8.45 -12.10
CA ILE B 373 -17.87 8.10 -13.52
C ILE B 373 -16.46 7.76 -13.93
N TRP B 374 -15.53 8.66 -13.68
CA TRP B 374 -14.10 8.38 -13.78
C TRP B 374 -13.43 9.20 -12.70
N GLN B 375 -12.86 8.54 -11.67
CA GLN B 375 -12.38 9.25 -10.48
C GLN B 375 -10.87 9.28 -10.40
N LEU B 376 -10.36 10.41 -9.93
CA LEU B 376 -8.93 10.73 -9.92
C LEU B 376 -8.69 11.61 -8.71
N TRP B 377 -7.66 11.30 -7.90
CA TRP B 377 -7.37 12.05 -6.66
C TRP B 377 -8.65 12.44 -5.91
N GLY B 378 -9.50 11.45 -5.67
CA GLY B 378 -10.70 11.62 -4.85
C GLY B 378 -11.85 12.37 -5.46
N GLN B 379 -11.80 12.68 -6.76
CA GLN B 379 -12.84 13.52 -7.43
C GLN B 379 -13.13 13.08 -8.87
N ASP B 380 -14.36 13.34 -9.32
CA ASP B 380 -14.77 13.00 -10.68
C ASP B 380 -14.17 13.94 -11.72
N ASN B 381 -13.73 13.37 -12.85
CA ASN B 381 -13.47 14.17 -14.05
C ASN B 381 -14.38 13.84 -15.25
N TYR B 382 -15.40 13.00 -15.05
CA TYR B 382 -16.44 12.71 -16.07
C TYR B 382 -15.96 12.10 -17.42
N CYS B 383 -14.74 11.57 -17.46
CA CYS B 383 -14.15 11.02 -18.69
C CYS B 383 -14.93 9.79 -19.19
N MET B 384 -15.10 9.70 -20.52
CA MET B 384 -15.86 8.65 -21.22
C MET B 384 -17.36 8.75 -20.91
N ILE B 385 -18.07 7.63 -20.74
CA ILE B 385 -19.54 7.64 -20.63
C ILE B 385 -20.01 6.61 -19.61
N GLY B 386 -21.31 6.58 -19.36
CA GLY B 386 -21.91 5.63 -18.44
C GLY B 386 -21.83 6.07 -16.99
N ASN B 387 -22.52 5.33 -16.13
CA ASN B 387 -22.41 5.44 -14.69
C ASN B 387 -21.89 4.10 -14.15
N HIS B 388 -20.64 3.81 -14.49
CA HIS B 388 -20.08 2.48 -14.37
C HIS B 388 -19.49 2.12 -12.98
N SER B 389 -19.75 2.94 -11.97
CA SER B 389 -19.72 2.47 -10.61
C SER B 389 -20.81 1.44 -10.36
N ILE B 390 -21.92 1.55 -11.09
CA ILE B 390 -23.11 0.79 -10.76
C ILE B 390 -22.96 -0.72 -10.97
N PRO B 391 -22.38 -1.15 -12.12
CA PRO B 391 -22.10 -2.58 -12.25
C PRO B 391 -21.15 -3.10 -11.18
N VAL B 392 -20.11 -2.34 -10.84
CA VAL B 392 -19.11 -2.74 -9.84
C VAL B 392 -19.74 -2.98 -8.45
N ILE B 393 -20.57 -2.04 -8.02
CA ILE B 393 -21.26 -2.14 -6.73
C ILE B 393 -22.30 -3.27 -6.76
N THR B 394 -23.03 -3.37 -7.87
CA THR B 394 -24.05 -4.40 -8.04
C THR B 394 -23.42 -5.79 -8.01
N ASP B 395 -22.34 -5.96 -8.77
CA ASP B 395 -21.62 -7.22 -8.84
C ASP B 395 -21.17 -7.65 -7.46
N ALA B 396 -20.60 -6.70 -6.71
CA ALA B 396 -20.06 -6.99 -5.38
C ALA B 396 -21.16 -7.48 -4.46
N ILE B 397 -22.29 -6.79 -4.48
CA ILE B 397 -23.41 -7.15 -3.61
C ILE B 397 -24.03 -8.50 -3.98
N LEU B 398 -24.27 -8.72 -5.28
CA LEU B 398 -24.89 -9.96 -5.74
C LEU B 398 -24.04 -11.20 -5.43
N LYS B 399 -22.73 -11.04 -5.47
CA LYS B 399 -21.82 -12.11 -5.12
C LYS B 399 -21.70 -12.32 -3.61
N GLY B 400 -22.23 -11.41 -2.80
CA GLY B 400 -22.13 -11.50 -1.35
C GLY B 400 -20.76 -11.13 -0.79
N ILE B 401 -20.07 -10.19 -1.43
CA ILE B 401 -18.84 -9.60 -0.85
C ILE B 401 -19.28 -8.91 0.47
N PRO B 402 -18.61 -9.25 1.59
CA PRO B 402 -19.08 -8.82 2.91
C PRO B 402 -18.70 -7.39 3.33
N GLY B 403 -19.47 -6.83 4.25
CA GLY B 403 -19.21 -5.53 4.86
C GLY B 403 -19.76 -4.33 4.11
N ILE B 404 -20.73 -4.56 3.23
CA ILE B 404 -21.35 -3.52 2.42
C ILE B 404 -22.77 -3.31 2.93
N ASP B 405 -23.05 -2.08 3.36
CA ASP B 405 -24.43 -1.63 3.67
C ASP B 405 -25.24 -1.54 2.38
N MET B 406 -26.10 -2.52 2.13
CA MET B 406 -26.85 -2.60 0.88
C MET B 406 -27.86 -1.47 0.74
N GLU B 407 -28.46 -1.04 1.85
CA GLU B 407 -29.44 0.06 1.80
C GLU B 407 -28.78 1.39 1.45
N LYS B 408 -27.59 1.65 2.00
CA LYS B 408 -26.81 2.85 1.60
C LYS B 408 -26.34 2.75 0.16
N ALA B 409 -25.88 1.56 -0.24
CA ALA B 409 -25.41 1.34 -1.60
C ALA B 409 -26.54 1.51 -2.62
N TYR B 410 -27.73 1.03 -2.28
CA TYR B 410 -28.86 1.13 -3.20
C TYR B 410 -29.30 2.58 -3.32
N GLU B 411 -29.36 3.29 -2.18
CA GLU B 411 -29.59 4.73 -2.19
C GLU B 411 -28.68 5.41 -3.20
N ALA B 412 -27.38 5.13 -3.12
CA ALA B 412 -26.41 5.74 -4.02
C ALA B 412 -26.62 5.37 -5.50
N VAL B 413 -26.91 4.09 -5.71
CA VAL B 413 -27.09 3.56 -7.07
C VAL B 413 -28.35 4.16 -7.71
N TYR B 414 -29.44 4.14 -6.95
CA TYR B 414 -30.72 4.68 -7.39
C TYR B 414 -30.65 6.17 -7.72
N ASN B 415 -30.18 6.95 -6.76
CA ASN B 415 -30.10 8.40 -6.96
C ASN B 415 -29.18 8.79 -8.10
N SER B 416 -28.10 8.02 -8.32
CA SER B 416 -27.20 8.25 -9.46
C SER B 416 -27.85 7.93 -10.81
N SER B 417 -28.95 7.17 -10.77
CA SER B 417 -29.69 6.76 -11.96
C SER B 417 -30.98 7.55 -12.22
N VAL B 418 -31.38 8.41 -11.27
CA VAL B 418 -32.54 9.31 -11.45
C VAL B 418 -32.22 10.81 -11.39
N THR B 419 -31.08 11.18 -10.80
CA THR B 419 -30.64 12.55 -10.69
C THR B 419 -29.75 12.90 -11.88
N SER B 420 -30.26 13.74 -12.77
CA SER B 420 -29.52 14.09 -13.99
C SER B 420 -28.22 14.85 -13.69
N HIS B 421 -27.27 14.69 -14.59
CA HIS B 421 -25.93 15.25 -14.44
C HIS B 421 -25.27 15.18 -15.80
N PRO B 422 -24.04 15.71 -15.97
CA PRO B 422 -23.42 15.72 -17.31
C PRO B 422 -23.40 14.35 -17.98
N ASN B 423 -23.76 14.33 -19.26
CA ASN B 423 -23.90 13.10 -20.06
C ASN B 423 -24.96 12.10 -19.57
N SER B 424 -25.82 12.52 -18.65
CA SER B 424 -26.91 11.68 -18.14
C SER B 424 -28.20 12.52 -18.01
N PRO B 425 -28.86 12.79 -19.14
CA PRO B 425 -30.20 13.39 -19.10
C PRO B 425 -31.31 12.35 -18.90
N PHE B 426 -31.61 12.05 -17.65
CA PHE B 426 -32.58 10.98 -17.33
C PHE B 426 -34.03 11.31 -17.68
N GLU B 427 -34.35 12.60 -17.80
CA GLU B 427 -35.70 13.01 -18.21
C GLU B 427 -35.89 12.76 -19.71
N VAL B 428 -34.87 13.10 -20.51
CA VAL B 428 -34.83 12.78 -21.94
C VAL B 428 -34.92 11.25 -22.14
N TRP B 429 -34.02 10.53 -21.46
CA TRP B 429 -33.95 9.04 -21.41
C TRP B 429 -35.33 8.38 -21.23
N GLU B 430 -36.01 8.71 -20.15
CA GLU B 430 -37.32 8.10 -19.86
C GLU B 430 -38.45 8.59 -20.79
N LYS B 431 -38.28 9.76 -21.41
CA LYS B 431 -39.27 10.31 -22.33
C LYS B 431 -39.26 9.59 -23.68
N TYR B 432 -38.10 9.55 -24.33
CA TYR B 432 -37.97 8.95 -25.65
C TYR B 432 -37.68 7.45 -25.66
N GLY B 433 -37.11 6.92 -24.57
CA GLY B 433 -36.62 5.54 -24.52
C GLY B 433 -35.36 5.34 -25.34
N PHE B 434 -34.57 6.40 -25.48
CA PHE B 434 -33.24 6.37 -26.10
C PHE B 434 -32.63 7.78 -25.97
N MET B 435 -31.37 7.94 -26.35
CA MET B 435 -30.75 9.26 -26.40
C MET B 435 -30.87 9.71 -27.83
N PRO B 436 -31.61 10.82 -28.07
CA PRO B 436 -31.64 11.33 -29.45
C PRO B 436 -30.32 12.00 -29.79
N GLU B 437 -29.76 11.73 -30.97
CA GLU B 437 -28.42 12.25 -31.32
C GLU B 437 -28.34 13.77 -31.36
N ASN B 438 -29.42 14.39 -31.82
CA ASN B 438 -29.51 15.86 -31.83
C ASN B 438 -29.57 16.52 -30.43
N ILE B 439 -30.12 15.80 -29.43
CA ILE B 439 -30.18 16.31 -28.03
C ILE B 439 -28.94 15.98 -27.17
N GLN B 440 -28.35 14.80 -27.35
CA GLN B 440 -27.20 14.33 -26.56
C GLN B 440 -26.22 13.61 -27.47
N THR B 441 -24.96 14.03 -27.46
CA THR B 441 -23.96 13.38 -28.31
C THR B 441 -23.51 12.00 -27.73
N GLN B 442 -22.82 11.22 -28.58
CA GLN B 442 -22.42 9.84 -28.25
C GLN B 442 -23.65 9.00 -27.86
N SER B 443 -24.74 9.22 -28.59
CA SER B 443 -26.08 8.79 -28.17
C SER B 443 -26.29 7.30 -28.23
N VAL B 444 -25.68 6.64 -29.21
CA VAL B 444 -25.88 5.22 -29.42
C VAL B 444 -25.10 4.47 -28.33
N SER B 445 -23.81 4.79 -28.21
CA SER B 445 -22.95 4.31 -27.11
C SER B 445 -23.60 4.48 -25.74
N ILE B 446 -24.09 5.68 -25.47
CA ILE B 446 -24.68 5.97 -24.17
C ILE B 446 -25.93 5.14 -23.98
N THR B 447 -26.73 5.00 -25.03
CA THR B 447 -27.96 4.23 -24.94
C THR B 447 -27.66 2.77 -24.57
N LEU B 448 -26.66 2.20 -25.22
CA LEU B 448 -26.26 0.83 -24.99
C LEU B 448 -25.68 0.65 -23.59
N GLU B 449 -24.66 1.44 -23.24
CA GLU B 449 -24.02 1.29 -21.95
C GLU B 449 -24.96 1.62 -20.76
N GLN B 450 -25.79 2.65 -20.90
CA GLN B 450 -26.71 3.06 -19.82
C GLN B 450 -27.82 2.04 -19.59
N ALA B 451 -28.32 1.47 -20.67
CA ALA B 451 -29.27 0.37 -20.57
C ALA B 451 -28.71 -0.79 -19.73
N PHE B 452 -27.42 -1.11 -19.91
CA PHE B 452 -26.75 -2.11 -19.09
C PHE B 452 -26.67 -1.68 -17.62
N ASP B 453 -26.19 -0.46 -17.35
CA ASP B 453 -26.19 0.10 -15.97
C ASP B 453 -27.57 -0.04 -15.31
N ASP B 454 -28.63 0.20 -16.07
CA ASP B 454 -30.00 0.08 -15.52
C ASP B 454 -30.43 -1.37 -15.27
N TRP B 455 -29.96 -2.30 -16.11
CA TRP B 455 -30.11 -3.72 -15.82
C TRP B 455 -29.51 -4.04 -14.45
N CYS B 456 -28.30 -3.54 -14.18
CA CYS B 456 -27.67 -3.76 -12.86
C CYS B 456 -28.54 -3.21 -11.75
N VAL B 457 -29.08 -2.00 -11.96
CA VAL B 457 -29.96 -1.36 -10.96
C VAL B 457 -31.17 -2.25 -10.70
N ALA B 458 -31.77 -2.74 -11.78
CA ALA B 458 -32.92 -3.65 -11.68
C ALA B 458 -32.63 -4.93 -10.86
N GLN B 459 -31.45 -5.53 -11.05
CA GLN B 459 -31.07 -6.72 -10.27
C GLN B 459 -30.98 -6.42 -8.78
N LEU B 460 -30.41 -5.27 -8.46
CA LEU B 460 -30.28 -4.83 -7.08
C LEU B 460 -31.66 -4.58 -6.45
N ALA B 461 -32.55 -3.96 -7.22
CA ALA B 461 -33.91 -3.69 -6.77
C ALA B 461 -34.68 -4.97 -6.45
N ALA B 462 -34.53 -5.96 -7.32
CA ALA B 462 -35.15 -7.27 -7.10
C ALA B 462 -34.58 -7.98 -5.85
N LYS B 463 -33.29 -7.80 -5.61
CA LYS B 463 -32.63 -8.39 -4.43
C LYS B 463 -33.14 -7.78 -3.12
N LEU B 464 -33.62 -6.53 -3.19
CA LEU B 464 -34.18 -5.84 -2.02
C LEU B 464 -35.72 -5.75 -2.09
N ASN B 465 -36.35 -6.58 -2.92
CA ASN B 465 -37.80 -6.64 -3.06
C ASN B 465 -38.48 -5.27 -3.29
N LYS B 466 -37.88 -4.49 -4.17
CA LYS B 466 -38.41 -3.17 -4.54
C LYS B 466 -39.05 -3.31 -5.91
N ASP B 467 -40.32 -3.74 -5.90
CA ASP B 467 -40.99 -4.21 -7.12
C ASP B 467 -41.22 -3.11 -8.14
N ALA B 468 -41.63 -1.93 -7.67
CA ALA B 468 -41.85 -0.77 -8.52
C ALA B 468 -40.55 -0.36 -9.21
N ASP B 469 -39.49 -0.28 -8.41
CA ASP B 469 -38.15 0.07 -8.91
C ASP B 469 -37.67 -0.96 -9.93
N TYR B 470 -37.89 -2.25 -9.66
CA TYR B 470 -37.47 -3.28 -10.59
C TYR B 470 -38.08 -3.02 -11.97
N GLN B 471 -39.39 -2.77 -11.98
CA GLN B 471 -40.15 -2.56 -13.21
C GLN B 471 -39.63 -1.35 -13.98
N ARG B 472 -39.34 -0.27 -13.25
CA ARG B 472 -38.85 0.96 -13.87
C ARG B 472 -37.56 0.72 -14.62
N PHE B 473 -36.59 0.13 -13.92
CA PHE B 473 -35.25 -0.07 -14.46
C PHE B 473 -35.14 -1.24 -15.42
N HIS B 474 -35.99 -2.26 -15.24
CA HIS B 474 -36.06 -3.33 -16.22
C HIS B 474 -36.45 -2.76 -17.58
N LYS B 475 -37.51 -1.95 -17.59
CA LYS B 475 -37.96 -1.24 -18.82
C LYS B 475 -36.83 -0.44 -19.46
N ARG B 476 -36.14 0.36 -18.67
CA ARG B 476 -35.00 1.13 -19.16
C ARG B 476 -33.86 0.27 -19.73
N SER B 477 -33.61 -0.89 -19.11
CA SER B 477 -32.58 -1.84 -19.60
C SER B 477 -32.90 -2.41 -20.97
N GLU B 478 -34.18 -2.42 -21.34
CA GLU B 478 -34.58 -2.82 -22.69
C GLU B 478 -34.57 -1.72 -23.77
N TYR B 479 -34.13 -0.49 -23.45
CA TYR B 479 -34.17 0.63 -24.41
C TYR B 479 -33.29 0.47 -25.63
N TYR B 480 -32.27 -0.38 -25.58
CA TYR B 480 -31.45 -0.72 -26.77
C TYR B 480 -32.34 -1.08 -27.96
N ARG B 481 -33.50 -1.71 -27.70
CA ARG B 481 -34.43 -2.06 -28.77
C ARG B 481 -34.84 -0.87 -29.66
N ASN B 482 -35.02 0.30 -29.06
CA ASN B 482 -35.47 1.49 -29.79
C ASN B 482 -34.43 2.10 -30.75
N LEU B 483 -33.18 1.63 -30.75
CA LEU B 483 -32.21 2.03 -31.74
C LEU B 483 -31.77 0.92 -32.67
N PHE B 484 -32.48 -0.21 -32.63
CA PHE B 484 -32.16 -1.33 -33.52
C PHE B 484 -32.93 -1.16 -34.82
N HIS B 485 -32.21 -1.08 -35.92
CA HIS B 485 -32.82 -0.84 -37.22
C HIS B 485 -33.30 -2.17 -37.87
N PRO B 486 -34.63 -2.29 -38.17
CA PRO B 486 -35.16 -3.58 -38.63
C PRO B 486 -34.67 -4.04 -39.99
N LYS B 487 -34.32 -3.10 -40.87
CA LYS B 487 -33.72 -3.42 -42.16
C LYS B 487 -32.21 -3.62 -42.08
N THR B 488 -31.46 -2.65 -41.54
CA THR B 488 -29.98 -2.72 -41.59
C THR B 488 -29.35 -3.71 -40.61
N LYS B 489 -30.08 -4.03 -39.52
CA LYS B 489 -29.60 -4.91 -38.43
C LYS B 489 -28.39 -4.33 -37.67
N PHE B 490 -28.43 -3.03 -37.42
CA PHE B 490 -27.42 -2.34 -36.64
C PHE B 490 -28.12 -1.45 -35.63
N PHE B 491 -27.38 -1.09 -34.57
CA PHE B 491 -27.81 -0.01 -33.69
C PHE B 491 -27.37 1.27 -34.35
N GLN B 492 -28.31 2.21 -34.47
CA GLN B 492 -28.09 3.48 -35.17
C GLN B 492 -28.72 4.65 -34.42
N SER B 493 -28.27 5.85 -34.76
CA SER B 493 -28.77 7.10 -34.14
C SER B 493 -30.18 7.48 -34.62
N LYS B 494 -30.96 8.04 -33.72
CA LYS B 494 -32.24 8.66 -34.06
C LYS B 494 -32.28 10.09 -33.52
N ASN B 495 -33.15 10.91 -34.12
CA ASN B 495 -33.41 12.25 -33.63
C ASN B 495 -34.66 12.26 -32.73
N ASP B 496 -34.97 13.41 -32.13
CA ASP B 496 -36.12 13.51 -31.19
C ASP B 496 -37.47 13.42 -31.88
N LYS B 497 -37.52 13.55 -33.20
CA LYS B 497 -38.73 13.27 -33.96
C LYS B 497 -39.02 11.75 -34.08
N GLY B 498 -37.99 10.92 -33.90
CA GLY B 498 -38.12 9.47 -34.04
C GLY B 498 -37.53 8.93 -35.32
N GLU B 499 -36.85 9.79 -36.08
CA GLU B 499 -36.34 9.44 -37.40
C GLU B 499 -34.92 8.91 -37.33
N TRP B 500 -34.63 7.91 -38.14
CA TRP B 500 -33.27 7.43 -38.31
C TRP B 500 -32.48 8.51 -39.01
N ILE B 501 -31.29 8.82 -38.49
CA ILE B 501 -30.36 9.75 -39.14
C ILE B 501 -29.89 9.09 -40.43
N GLU B 502 -30.23 9.69 -41.58
CA GLU B 502 -29.66 9.30 -42.87
C GLU B 502 -28.67 10.37 -43.34
N PRO B 503 -27.62 10.01 -44.07
CA PRO B 503 -27.20 8.62 -44.30
C PRO B 503 -26.56 8.02 -43.01
N PHE B 504 -26.20 6.74 -43.05
CA PHE B 504 -25.56 6.07 -41.90
C PHE B 504 -24.61 5.00 -42.40
N ASP B 505 -23.32 5.17 -42.11
CA ASP B 505 -22.27 4.22 -42.51
C ASP B 505 -21.78 3.47 -41.26
N PRO B 506 -22.03 2.15 -41.18
CA PRO B 506 -21.64 1.40 -39.99
C PRO B 506 -20.12 1.24 -39.83
N TYR B 507 -19.35 1.51 -40.88
CA TYR B 507 -17.88 1.55 -40.80
C TYR B 507 -17.32 2.90 -40.30
N GLN B 508 -18.15 3.92 -40.13
CA GLN B 508 -17.64 5.29 -39.87
C GLN B 508 -17.32 5.61 -38.40
N TYR B 509 -16.06 5.95 -38.14
CA TYR B 509 -15.59 6.31 -36.79
C TYR B 509 -16.14 7.65 -36.28
N GLY B 510 -16.30 8.62 -37.18
CA GLY B 510 -16.81 9.94 -36.82
C GLY B 510 -15.78 10.75 -36.05
N GLY B 514 -22.63 13.85 -36.95
CA GLY B 514 -22.57 13.79 -35.49
C GLY B 514 -21.40 12.95 -34.98
N HIS B 515 -21.51 12.53 -33.72
CA HIS B 515 -20.53 11.64 -33.07
C HIS B 515 -21.32 10.61 -32.23
N PRO B 516 -22.05 9.69 -32.89
CA PRO B 516 -22.99 8.83 -32.15
C PRO B 516 -22.31 7.69 -31.34
N PHE B 517 -21.04 7.40 -31.62
CA PHE B 517 -20.27 6.40 -30.92
C PHE B 517 -19.05 7.01 -30.26
N THR B 518 -18.85 6.67 -28.99
CA THR B 518 -17.61 6.96 -28.27
C THR B 518 -16.49 6.08 -28.84
N GLU B 519 -15.37 6.67 -29.22
CA GLU B 519 -14.25 5.90 -29.81
C GLU B 519 -14.65 4.53 -30.38
N GLY B 520 -15.01 4.53 -31.66
CA GLY B 520 -15.39 3.32 -32.41
C GLY B 520 -16.41 3.57 -33.52
N ASN B 521 -16.84 2.49 -34.19
CA ASN B 521 -17.93 2.55 -35.19
C ASN B 521 -19.11 1.68 -34.78
N ALA B 522 -20.16 1.63 -35.60
CA ALA B 522 -21.35 0.83 -35.30
C ALA B 522 -21.08 -0.68 -35.31
N TRP B 523 -20.14 -1.12 -36.13
CA TRP B 523 -19.65 -2.51 -36.13
C TRP B 523 -19.12 -2.94 -34.76
N GLN B 524 -18.30 -2.10 -34.15
CA GLN B 524 -17.72 -2.41 -32.86
C GLN B 524 -18.68 -2.32 -31.69
N TYR B 525 -19.59 -1.34 -31.74
CA TYR B 525 -20.59 -1.16 -30.69
C TYR B 525 -21.85 -2.04 -30.85
N PHE B 526 -22.01 -2.69 -32.00
CA PHE B 526 -23.20 -3.50 -32.24
C PHE B 526 -23.44 -4.56 -31.17
N TRP B 527 -22.33 -5.05 -30.62
CA TRP B 527 -22.33 -6.19 -29.74
C TRP B 527 -22.65 -5.87 -28.30
N TYR B 528 -22.75 -4.58 -27.93
CA TYR B 528 -22.89 -4.22 -26.52
C TYR B 528 -24.31 -4.32 -25.96
N VAL B 529 -24.78 -5.56 -25.82
CA VAL B 529 -26.00 -5.87 -25.02
C VAL B 529 -25.68 -7.09 -24.12
N PRO B 530 -24.72 -6.92 -23.18
CA PRO B 530 -24.23 -8.07 -22.38
C PRO B 530 -25.29 -8.71 -21.49
N HIS B 531 -26.24 -7.91 -21.07
CA HIS B 531 -27.34 -8.36 -20.23
C HIS B 531 -28.48 -9.08 -20.97
N ASN B 532 -28.45 -9.10 -22.31
CA ASN B 532 -29.48 -9.80 -23.06
C ASN B 532 -29.02 -10.19 -24.45
N ILE B 533 -27.96 -11.00 -24.48
CA ILE B 533 -27.40 -11.52 -25.71
C ILE B 533 -28.45 -12.33 -26.49
N GLN B 534 -29.34 -13.05 -25.78
CA GLN B 534 -30.38 -13.82 -26.47
CA GLN B 534 -30.44 -13.79 -26.41
C GLN B 534 -31.26 -12.87 -27.32
N ALA B 535 -31.69 -11.75 -26.76
CA ALA B 535 -32.49 -10.76 -27.50
C ALA B 535 -31.73 -10.19 -28.69
N LEU B 536 -30.46 -9.87 -28.48
CA LEU B 536 -29.64 -9.36 -29.58
C LEU B 536 -29.59 -10.37 -30.73
N MET B 537 -29.46 -11.65 -30.40
CA MET B 537 -29.41 -12.71 -31.45
C MET B 537 -30.76 -12.81 -32.19
N GLU B 538 -31.86 -12.76 -31.45
CA GLU B 538 -33.21 -12.71 -32.03
C GLU B 538 -33.35 -11.57 -33.06
N LEU B 539 -33.05 -10.34 -32.64
CA LEU B 539 -33.16 -9.15 -33.49
C LEU B 539 -32.31 -9.26 -34.77
N THR B 540 -31.13 -9.85 -34.63
CA THR B 540 -30.23 -10.09 -35.76
C THR B 540 -30.72 -11.16 -36.74
N GLY B 541 -31.64 -12.02 -36.29
CA GLY B 541 -32.19 -13.14 -37.10
C GLY B 541 -31.88 -14.55 -36.63
N GLY B 542 -31.57 -14.72 -35.35
CA GLY B 542 -31.25 -16.01 -34.75
C GLY B 542 -29.77 -16.31 -34.72
N THR B 543 -29.44 -17.50 -34.23
CA THR B 543 -28.06 -17.87 -33.89
C THR B 543 -27.13 -17.94 -35.09
N LYS B 544 -27.62 -18.48 -36.21
CA LYS B 544 -26.83 -18.55 -37.44
C LYS B 544 -26.60 -17.17 -38.04
N ALA B 545 -27.64 -16.35 -38.04
CA ALA B 545 -27.55 -14.97 -38.51
C ALA B 545 -26.47 -14.24 -37.72
N PHE B 546 -26.53 -14.40 -36.40
CA PHE B 546 -25.58 -13.81 -35.46
C PHE B 546 -24.15 -14.31 -35.72
N GLU B 547 -23.99 -15.62 -35.92
CA GLU B 547 -22.69 -16.20 -36.24
C GLU B 547 -22.08 -15.59 -37.51
N GLN B 548 -22.91 -15.46 -38.54
CA GLN B 548 -22.44 -14.95 -39.85
C GLN B 548 -22.06 -13.49 -39.76
N LYS B 549 -22.79 -12.73 -38.93
CA LYS B 549 -22.43 -11.34 -38.64
C LYS B 549 -21.10 -11.20 -37.89
N LEU B 550 -20.87 -12.02 -36.87
CA LEU B 550 -19.53 -12.11 -36.22
C LEU B 550 -18.41 -12.45 -37.20
N ASP B 551 -18.70 -13.37 -38.12
CA ASP B 551 -17.69 -13.78 -39.10
C ASP B 551 -17.27 -12.59 -39.97
N THR B 552 -18.26 -11.80 -40.40
CA THR B 552 -17.96 -10.59 -41.17
C THR B 552 -17.13 -9.63 -40.32
N PHE B 553 -17.60 -9.38 -39.10
CA PHE B 553 -16.89 -8.52 -38.14
C PHE B 553 -15.42 -8.89 -37.96
N PHE B 554 -15.11 -10.18 -37.83
CA PHE B 554 -13.71 -10.62 -37.61
C PHE B 554 -12.87 -10.85 -38.89
N THR B 555 -13.48 -10.69 -40.07
CA THR B 555 -12.79 -10.98 -41.35
C THR B 555 -12.74 -9.81 -42.37
N SER B 556 -13.82 -9.03 -42.46
CA SER B 556 -13.92 -7.86 -43.37
C SER B 556 -12.87 -6.77 -43.07
N THR B 557 -12.13 -6.34 -44.09
CA THR B 557 -11.04 -5.35 -43.94
C THR B 557 -11.32 -3.91 -44.50
N TYR B 558 -12.57 -3.59 -44.88
CA TYR B 558 -12.93 -2.23 -45.35
C TYR B 558 -12.80 -1.19 -44.24
N GLY B 569 -2.87 -3.81 -36.20
CA GLY B 569 -3.01 -5.21 -35.75
C GLY B 569 -4.46 -5.59 -35.46
N PHE B 570 -5.34 -5.25 -36.40
CA PHE B 570 -6.78 -5.48 -36.26
C PHE B 570 -7.10 -6.93 -36.67
N VAL B 571 -8.15 -7.50 -36.09
CA VAL B 571 -8.72 -8.76 -36.61
C VAL B 571 -10.02 -8.45 -37.33
N GLY B 572 -9.94 -8.24 -38.65
CA GLY B 572 -11.07 -7.67 -39.41
C GLY B 572 -11.38 -6.26 -38.92
N GLN B 573 -12.62 -6.05 -38.47
CA GLN B 573 -13.05 -4.80 -37.81
C GLN B 573 -12.80 -4.75 -36.29
N TYR B 574 -12.28 -5.84 -35.72
CA TYR B 574 -12.05 -5.94 -34.28
C TYR B 574 -10.72 -5.31 -33.93
N ALA B 575 -10.76 -4.34 -33.02
CA ALA B 575 -9.54 -3.72 -32.49
C ALA B 575 -9.43 -4.11 -31.03
N HIS B 576 -8.40 -4.87 -30.67
CA HIS B 576 -8.28 -5.31 -29.28
C HIS B 576 -8.12 -4.17 -28.27
N GLY B 577 -7.58 -3.02 -28.70
CA GLY B 577 -7.50 -1.80 -27.86
C GLY B 577 -8.82 -1.17 -27.43
N ASN B 578 -9.91 -1.52 -28.12
CA ASN B 578 -11.26 -0.96 -27.87
C ASN B 578 -12.06 -1.74 -26.85
N GLU B 579 -12.16 -1.24 -25.63
CA GLU B 579 -12.86 -2.02 -24.58
C GLU B 579 -14.31 -2.40 -24.91
N PRO B 580 -15.03 -1.57 -25.70
CA PRO B 580 -16.42 -1.97 -25.98
C PRO B 580 -16.58 -3.31 -26.71
N SER B 581 -15.56 -3.72 -27.48
CA SER B 581 -15.57 -5.02 -28.13
C SER B 581 -14.78 -6.17 -27.38
N HIS B 582 -14.36 -5.94 -26.13
CA HIS B 582 -13.49 -6.90 -25.40
C HIS B 582 -14.16 -8.24 -25.14
N HIS B 583 -15.48 -8.22 -25.02
CA HIS B 583 -16.28 -9.43 -24.81
C HIS B 583 -16.63 -10.21 -26.09
N VAL B 584 -16.34 -9.67 -27.28
CA VAL B 584 -17.01 -10.12 -28.52
C VAL B 584 -16.55 -11.52 -28.96
N ALA B 585 -15.25 -11.80 -28.87
CA ALA B 585 -14.73 -13.14 -29.20
C ALA B 585 -15.48 -14.27 -28.49
N TYR B 586 -15.94 -14.00 -27.26
CA TYR B 586 -16.68 -14.97 -26.47
C TYR B 586 -18.13 -15.19 -26.92
N LEU B 587 -18.61 -14.43 -27.92
CA LEU B 587 -20.03 -14.50 -28.27
C LEU B 587 -20.39 -15.64 -29.22
N TYR B 588 -19.40 -16.23 -29.87
CA TYR B 588 -19.62 -17.44 -30.66
C TYR B 588 -20.22 -18.59 -29.82
N ASN B 589 -19.84 -18.70 -28.54
CA ASN B 589 -20.50 -19.64 -27.62
C ASN B 589 -22.01 -19.51 -27.65
N PHE B 590 -22.49 -18.28 -27.62
CA PHE B 590 -23.94 -18.01 -27.56
C PHE B 590 -24.60 -18.35 -28.91
N ALA B 591 -23.86 -18.13 -29.99
CA ALA B 591 -24.28 -18.46 -31.36
C ALA B 591 -24.20 -19.95 -31.71
N GLY B 592 -23.73 -20.80 -30.77
CA GLY B 592 -23.64 -22.24 -31.00
C GLY B 592 -22.40 -22.70 -31.73
N GLN B 593 -21.33 -21.91 -31.70
CA GLN B 593 -20.05 -22.30 -32.30
C GLN B 593 -18.81 -21.98 -31.42
N PRO B 594 -18.70 -22.63 -30.23
CA PRO B 594 -17.57 -22.43 -29.31
C PRO B 594 -16.18 -22.51 -29.91
N TRP B 595 -16.02 -23.34 -30.92
CA TRP B 595 -14.72 -23.49 -31.57
C TRP B 595 -14.23 -22.18 -32.14
N LYS B 596 -15.13 -21.33 -32.60
CA LYS B 596 -14.74 -20.02 -33.13
C LYS B 596 -14.33 -19.05 -32.02
N THR B 597 -15.07 -19.03 -30.91
CA THR B 597 -14.57 -18.37 -29.69
C THR B 597 -13.14 -18.82 -29.38
N GLN B 598 -12.91 -20.14 -29.40
CA GLN B 598 -11.61 -20.69 -29.01
C GLN B 598 -10.53 -20.28 -30.00
N LYS B 599 -10.86 -20.29 -31.29
CA LYS B 599 -9.91 -19.84 -32.30
C LYS B 599 -9.48 -18.39 -32.11
N TYR B 600 -10.46 -17.49 -32.00
CA TYR B 600 -10.17 -16.06 -31.92
C TYR B 600 -9.52 -15.65 -30.62
N VAL B 601 -10.00 -16.20 -29.48
CA VAL B 601 -9.36 -15.89 -28.20
C VAL B 601 -7.89 -16.28 -28.23
N SER B 602 -7.62 -17.49 -28.72
CA SER B 602 -6.25 -17.98 -28.83
C SER B 602 -5.41 -17.08 -29.72
N HIS B 603 -5.97 -16.66 -30.86
CA HIS B 603 -5.29 -15.72 -31.77
C HIS B 603 -4.92 -14.40 -31.10
N ILE B 604 -5.87 -13.82 -30.37
CA ILE B 604 -5.62 -12.58 -29.68
C ILE B 604 -4.51 -12.78 -28.64
N LEU B 605 -4.64 -13.81 -27.80
CA LEU B 605 -3.63 -14.08 -26.76
C LEU B 605 -2.20 -14.26 -27.30
N ASN B 606 -2.07 -14.95 -28.42
CA ASN B 606 -0.75 -15.23 -28.99
C ASN B 606 -0.18 -14.11 -29.88
N THR B 607 -1.06 -13.37 -30.54
CA THR B 607 -0.65 -12.36 -31.54
C THR B 607 -0.60 -10.94 -30.99
N LEU B 608 -1.51 -10.59 -30.08
CA LEU B 608 -1.72 -9.20 -29.70
C LEU B 608 -1.20 -8.82 -28.30
N TYR B 609 -0.55 -9.76 -27.61
CA TYR B 609 0.23 -9.45 -26.41
C TYR B 609 1.68 -9.90 -26.62
N ASN B 610 2.62 -9.18 -26.02
CA ASN B 610 4.05 -9.49 -26.17
C ASN B 610 4.90 -9.05 -24.97
N ASN B 611 6.17 -9.44 -25.00
CA ASN B 611 7.13 -9.08 -23.95
C ASN B 611 8.19 -8.06 -24.39
N THR B 612 7.90 -7.32 -25.46
CA THR B 612 8.71 -6.18 -25.87
C THR B 612 8.17 -4.95 -25.14
N SER B 613 8.77 -3.79 -25.41
CA SER B 613 8.35 -2.56 -24.77
C SER B 613 6.92 -2.12 -25.17
N SER B 614 6.45 -2.50 -26.36
CA SER B 614 5.09 -2.17 -26.81
C SER B 614 4.03 -2.84 -25.90
N GLY B 615 4.17 -4.15 -25.72
CA GLY B 615 3.41 -4.88 -24.69
C GLY B 615 1.98 -5.24 -25.03
N TYR B 616 1.17 -4.20 -25.27
CA TYR B 616 -0.28 -4.34 -25.46
C TYR B 616 -0.72 -3.71 -26.78
N ALA B 617 -1.95 -4.03 -27.20
CA ALA B 617 -2.56 -3.48 -28.41
C ALA B 617 -3.28 -2.15 -28.16
N GLY B 618 -2.60 -1.22 -27.49
CA GLY B 618 -3.21 0.02 -27.01
C GLY B 618 -2.85 0.27 -25.57
N ASN B 619 -3.29 1.41 -25.03
CA ASN B 619 -3.00 1.77 -23.65
C ASN B 619 -3.57 0.74 -22.69
N ASP B 620 -2.85 0.45 -21.60
CA ASP B 620 -3.27 -0.57 -20.63
C ASP B 620 -4.64 -0.27 -19.94
N ASP B 621 -4.98 1.01 -19.83
CA ASP B 621 -6.29 1.48 -19.30
C ASP B 621 -6.47 1.10 -17.84
N CYS B 622 -5.46 1.45 -17.03
CA CYS B 622 -5.42 1.08 -15.61
C CYS B 622 -5.54 -0.42 -15.43
N GLY B 623 -4.86 -1.16 -16.29
CA GLY B 623 -4.82 -2.62 -16.20
C GLY B 623 -5.95 -3.43 -16.82
N GLN B 624 -6.91 -2.79 -17.49
CA GLN B 624 -8.00 -3.54 -18.16
C GLN B 624 -7.50 -4.42 -19.31
N MET B 625 -6.52 -3.94 -20.08
CA MET B 625 -5.92 -4.76 -21.14
C MET B 625 -5.21 -5.95 -20.52
N SER B 626 -4.50 -5.68 -19.42
CA SER B 626 -3.83 -6.71 -18.67
C SER B 626 -4.83 -7.69 -18.03
N ALA B 627 -5.94 -7.18 -17.48
CA ALA B 627 -7.00 -8.04 -16.91
C ALA B 627 -7.66 -8.98 -17.92
N TRP B 628 -7.75 -8.56 -19.17
CA TRP B 628 -8.30 -9.38 -20.25
C TRP B 628 -7.39 -10.60 -20.48
N TYR B 629 -6.08 -10.39 -20.56
CA TYR B 629 -5.10 -11.49 -20.63
C TYR B 629 -5.19 -12.46 -19.43
N VAL B 630 -5.26 -11.93 -18.20
CA VAL B 630 -5.27 -12.78 -17.03
C VAL B 630 -6.45 -13.75 -17.11
N PHE B 631 -7.65 -13.19 -17.29
CA PHE B 631 -8.88 -13.99 -17.46
C PHE B 631 -8.79 -14.96 -18.62
N SER B 632 -8.44 -14.45 -19.80
CA SER B 632 -8.52 -15.25 -21.01
C SER B 632 -7.48 -16.38 -21.04
N ALA B 633 -6.28 -16.11 -20.52
CA ALA B 633 -5.24 -17.14 -20.39
C ALA B 633 -5.69 -18.28 -19.44
N MET B 634 -6.43 -17.93 -18.37
CA MET B 634 -6.99 -18.93 -17.45
C MET B 634 -8.06 -19.77 -18.17
N GLY B 635 -8.84 -19.12 -19.05
CA GLY B 635 -9.83 -19.79 -19.88
C GLY B 635 -11.27 -19.35 -19.75
N PHE B 636 -11.53 -18.18 -19.18
CA PHE B 636 -12.90 -17.67 -19.09
C PHE B 636 -12.92 -16.15 -18.90
N TYR B 637 -14.09 -15.54 -19.07
CA TYR B 637 -14.19 -14.09 -19.10
C TYR B 637 -15.58 -13.61 -18.70
N PRO B 638 -15.65 -12.51 -17.93
CA PRO B 638 -16.97 -12.05 -17.51
C PRO B 638 -17.66 -11.14 -18.56
N VAL B 639 -18.40 -11.77 -19.48
CA VAL B 639 -19.06 -11.07 -20.59
C VAL B 639 -20.08 -10.05 -20.05
N ASN B 640 -21.00 -10.51 -19.22
CA ASN B 640 -21.82 -9.61 -18.41
C ASN B 640 -21.11 -9.49 -17.06
N PRO B 641 -20.45 -8.35 -16.77
CA PRO B 641 -19.61 -8.29 -15.56
C PRO B 641 -20.36 -8.07 -14.24
N ALA B 642 -21.66 -8.34 -14.24
CA ALA B 642 -22.46 -8.33 -13.02
C ALA B 642 -23.44 -9.50 -12.86
N ASP B 643 -23.44 -10.48 -13.76
CA ASP B 643 -24.26 -11.70 -13.54
C ASP B 643 -23.55 -12.83 -12.78
N GLY B 644 -22.26 -12.66 -12.47
CA GLY B 644 -21.49 -13.69 -11.79
C GLY B 644 -21.30 -14.97 -12.60
N ARG B 645 -21.20 -14.85 -13.92
CA ARG B 645 -20.87 -15.97 -14.79
C ARG B 645 -19.64 -15.62 -15.57
N TYR B 646 -18.80 -16.62 -15.82
CA TYR B 646 -17.61 -16.43 -16.62
C TYR B 646 -17.75 -17.38 -17.79
N ILE B 647 -17.65 -16.82 -18.99
CA ILE B 647 -17.89 -17.52 -20.23
C ILE B 647 -16.57 -18.16 -20.65
N ILE B 648 -16.64 -19.44 -21.03
CA ILE B 648 -15.45 -20.24 -21.30
C ILE B 648 -14.85 -19.86 -22.66
N GLY B 649 -13.55 -19.58 -22.69
CA GLY B 649 -12.84 -19.36 -23.93
C GLY B 649 -11.98 -20.54 -24.29
N SER B 650 -10.67 -20.35 -24.29
CA SER B 650 -9.70 -21.42 -24.50
C SER B 650 -8.50 -21.17 -23.59
N PRO B 651 -8.22 -22.10 -22.68
CA PRO B 651 -7.13 -21.84 -21.73
C PRO B 651 -5.78 -21.88 -22.41
N LEU B 652 -5.04 -20.80 -22.30
CA LEU B 652 -3.71 -20.70 -22.90
C LEU B 652 -2.66 -21.47 -22.09
N LEU B 653 -2.74 -21.31 -20.77
CA LEU B 653 -1.80 -21.92 -19.84
C LEU B 653 -2.13 -23.40 -19.64
N ASP B 654 -1.11 -24.21 -19.37
CA ASP B 654 -1.31 -25.63 -19.06
C ASP B 654 -2.13 -25.80 -17.79
N GLU B 655 -1.79 -25.02 -16.75
CA GLU B 655 -2.47 -25.09 -15.45
C GLU B 655 -2.49 -23.74 -14.75
N CYS B 656 -3.54 -23.49 -13.96
CA CYS B 656 -3.68 -22.32 -13.09
C CYS B 656 -4.28 -22.77 -11.78
N THR B 657 -3.85 -22.14 -10.70
CA THR B 657 -4.47 -22.38 -9.42
C THR B 657 -4.74 -21.05 -8.74
N LEU B 658 -6.00 -20.82 -8.38
CA LEU B 658 -6.41 -19.61 -7.70
C LEU B 658 -6.41 -19.92 -6.22
N LYS B 659 -5.51 -19.27 -5.49
CA LYS B 659 -5.43 -19.41 -4.03
C LYS B 659 -6.46 -18.50 -3.39
N LEU B 660 -7.51 -19.05 -2.81
CA LEU B 660 -8.67 -18.27 -2.36
C LEU B 660 -8.80 -18.21 -0.84
N ALA B 661 -9.75 -17.39 -0.40
CA ALA B 661 -10.13 -17.27 1.02
C ALA B 661 -10.50 -18.62 1.67
N GLY B 662 -9.80 -18.98 2.75
CA GLY B 662 -10.18 -20.13 3.59
C GLY B 662 -9.38 -21.38 3.36
N ASN B 663 -8.11 -21.25 2.97
CA ASN B 663 -7.29 -22.37 2.46
C ASN B 663 -7.95 -23.13 1.29
N LYS B 664 -8.74 -22.42 0.47
CA LYS B 664 -9.46 -22.98 -0.70
C LYS B 664 -8.63 -22.78 -1.98
N GLU B 665 -8.82 -23.67 -2.95
CA GLU B 665 -8.17 -23.54 -4.25
C GLU B 665 -9.14 -23.82 -5.37
N PHE B 666 -9.06 -23.03 -6.44
CA PHE B 666 -9.75 -23.38 -7.69
C PHE B 666 -8.69 -23.74 -8.69
N ARG B 667 -8.76 -24.99 -9.15
CA ARG B 667 -7.66 -25.63 -9.85
C ARG B 667 -8.09 -25.85 -11.30
N ILE B 668 -7.35 -25.27 -12.22
CA ILE B 668 -7.66 -25.38 -13.63
C ILE B 668 -6.57 -26.23 -14.26
N ARG B 669 -6.97 -27.31 -14.91
CA ARG B 669 -6.02 -28.26 -15.49
C ARG B 669 -6.38 -28.58 -16.94
N THR B 670 -5.37 -28.84 -17.75
CA THR B 670 -5.56 -29.22 -19.15
C THR B 670 -4.97 -30.58 -19.51
N ILE B 671 -5.67 -31.29 -20.39
CA ILE B 671 -5.15 -32.47 -21.04
C ILE B 671 -4.81 -32.07 -22.47
N ARG B 672 -3.53 -32.02 -22.80
CA ARG B 672 -3.11 -31.64 -24.14
C ARG B 672 -1.75 -32.22 -24.56
N LYS B 673 -1.58 -32.45 -25.86
CA LYS B 673 -0.34 -32.99 -26.44
C LYS B 673 0.64 -31.90 -26.84
N SER B 674 0.13 -30.78 -27.37
CA SER B 674 0.99 -29.68 -27.84
C SER B 674 0.31 -28.32 -27.69
N PRO B 675 1.07 -27.22 -27.91
CA PRO B 675 0.43 -25.88 -27.92
C PRO B 675 -0.55 -25.63 -29.06
N GLU B 676 -0.54 -26.45 -30.12
CA GLU B 676 -1.55 -26.36 -31.17
C GLU B 676 -2.95 -26.81 -30.70
N ASP B 677 -3.05 -27.48 -29.55
CA ASP B 677 -4.32 -27.98 -29.03
C ASP B 677 -5.11 -26.88 -28.32
N ILE B 678 -5.74 -26.03 -29.13
CA ILE B 678 -6.51 -24.89 -28.65
C ILE B 678 -8.03 -25.12 -28.57
N TYR B 679 -8.54 -26.22 -29.12
CA TYR B 679 -9.99 -26.50 -29.13
C TYR B 679 -10.41 -27.42 -28.00
N ILE B 680 -11.55 -27.11 -27.38
CA ILE B 680 -12.08 -27.88 -26.28
C ILE B 680 -12.88 -29.08 -26.76
N GLN B 681 -12.46 -30.27 -26.34
CA GLN B 681 -13.17 -31.51 -26.64
C GLN B 681 -14.20 -31.81 -25.55
N SER B 682 -13.84 -31.55 -24.29
CA SER B 682 -14.80 -31.63 -23.17
C SER B 682 -14.26 -30.97 -21.92
N VAL B 683 -15.14 -30.83 -20.93
CA VAL B 683 -14.81 -30.13 -19.70
C VAL B 683 -15.47 -30.87 -18.53
N THR B 684 -14.70 -31.02 -17.46
CA THR B 684 -15.19 -31.61 -16.23
C THR B 684 -15.00 -30.60 -15.10
N LEU B 685 -15.98 -30.54 -14.20
CA LEU B 685 -15.94 -29.68 -13.03
C LEU B 685 -16.27 -30.54 -11.81
N ASN B 686 -15.32 -30.64 -10.88
CA ASN B 686 -15.48 -31.48 -9.69
C ASN B 686 -15.88 -32.90 -10.03
N GLY B 687 -15.23 -33.47 -11.04
CA GLY B 687 -15.49 -34.83 -11.44
C GLY B 687 -16.70 -35.13 -12.29
N LYS B 688 -17.62 -34.16 -12.47
CA LYS B 688 -18.78 -34.36 -13.32
C LYS B 688 -18.58 -33.68 -14.66
N LYS B 689 -19.15 -34.27 -15.71
CA LYS B 689 -19.05 -33.71 -17.06
C LYS B 689 -19.82 -32.38 -17.08
N HIS B 690 -19.23 -31.37 -17.71
CA HIS B 690 -19.74 -30.00 -17.60
C HIS B 690 -20.33 -29.58 -18.94
N LYS B 691 -21.65 -29.44 -18.97
CA LYS B 691 -22.41 -29.27 -20.22
C LYS B 691 -22.93 -27.82 -20.40
N ASP B 692 -22.12 -26.84 -20.04
CA ASP B 692 -22.47 -25.43 -20.13
C ASP B 692 -21.19 -24.67 -20.53
N PHE B 693 -21.34 -23.56 -21.28
CA PHE B 693 -20.20 -22.78 -21.75
C PHE B 693 -19.79 -21.69 -20.75
N PHE B 694 -20.26 -21.81 -19.51
CA PHE B 694 -19.87 -20.92 -18.44
C PHE B 694 -19.68 -21.64 -17.09
N ILE B 695 -18.98 -20.97 -16.18
CA ILE B 695 -18.92 -21.36 -14.78
C ILE B 695 -19.28 -20.15 -13.94
N THR B 696 -19.82 -20.40 -12.75
CA THR B 696 -20.27 -19.32 -11.89
C THR B 696 -19.21 -18.90 -10.90
N HIS B 697 -19.46 -17.77 -10.25
CA HIS B 697 -18.54 -17.20 -9.29
C HIS B 697 -18.46 -18.10 -8.08
N GLN B 698 -19.62 -18.59 -7.65
CA GLN B 698 -19.69 -19.57 -6.56
C GLN B 698 -18.92 -20.88 -6.88
N ASP B 699 -19.00 -21.36 -8.13
CA ASP B 699 -18.22 -22.51 -8.59
C ASP B 699 -16.74 -22.30 -8.30
N ILE B 700 -16.24 -21.09 -8.53
CA ILE B 700 -14.84 -20.79 -8.28
C ILE B 700 -14.56 -20.61 -6.79
N MET B 701 -15.38 -19.80 -6.12
CA MET B 701 -15.09 -19.40 -4.74
C MET B 701 -15.28 -20.56 -3.73
N ASN B 702 -16.17 -21.51 -4.01
CA ASN B 702 -16.28 -22.74 -3.22
C ASN B 702 -15.01 -23.60 -3.26
N GLY B 703 -14.16 -23.41 -4.26
CA GLY B 703 -13.00 -24.25 -4.46
C GLY B 703 -13.40 -25.46 -5.27
N GLY B 704 -12.43 -26.02 -5.98
CA GLY B 704 -12.72 -27.17 -6.84
C GLY B 704 -11.72 -27.26 -7.95
N THR B 705 -11.99 -28.20 -8.86
CA THR B 705 -11.04 -28.46 -9.95
C THR B 705 -11.82 -28.65 -11.25
N MET B 706 -11.32 -27.99 -12.28
CA MET B 706 -11.93 -27.90 -13.59
C MET B 706 -10.91 -28.44 -14.59
N VAL B 707 -11.29 -29.44 -15.38
CA VAL B 707 -10.38 -30.05 -16.33
C VAL B 707 -10.87 -29.86 -17.76
N PHE B 708 -9.99 -29.37 -18.62
CA PHE B 708 -10.25 -29.21 -20.05
C PHE B 708 -9.49 -30.27 -20.84
N LYS B 709 -10.21 -31.10 -21.58
CA LYS B 709 -9.61 -31.98 -22.57
C LYS B 709 -9.53 -31.19 -23.87
N MET B 710 -8.32 -31.04 -24.41
CA MET B 710 -8.05 -30.18 -25.57
C MET B 710 -7.65 -31.00 -26.78
N GLY B 711 -7.76 -30.43 -27.98
CA GLY B 711 -7.40 -31.10 -29.25
C GLY B 711 -6.99 -30.15 -30.35
N LYS B 712 -6.40 -30.69 -31.44
CA LYS B 712 -5.99 -29.89 -32.63
C LYS B 712 -7.16 -29.49 -33.53
N LYS B 713 -8.29 -30.19 -33.42
CA LYS B 713 -9.43 -30.03 -34.31
C LYS B 713 -10.68 -29.60 -33.51
N PRO B 714 -11.53 -28.74 -34.09
CA PRO B 714 -12.80 -28.39 -33.45
C PRO B 714 -13.60 -29.64 -33.12
N SER B 715 -14.32 -29.62 -32.00
CA SER B 715 -15.00 -30.83 -31.53
C SER B 715 -16.51 -30.82 -31.73
N GLY B 716 -17.12 -29.66 -31.55
CA GLY B 716 -18.56 -29.58 -31.40
C GLY B 716 -18.97 -29.94 -29.99
N TRP B 717 -18.21 -29.45 -29.01
CA TRP B 717 -18.60 -29.47 -27.61
C TRP B 717 -19.58 -28.29 -27.44
N GLY B 718 -20.65 -28.47 -26.67
CA GLY B 718 -21.71 -27.46 -26.53
C GLY B 718 -21.31 -26.27 -25.66
N GLU C 6 -29.77 54.02 22.62
CA GLU C 6 -29.46 55.48 22.42
C GLU C 6 -28.26 55.69 21.49
N ILE C 7 -27.14 55.03 21.78
CA ILE C 7 -25.87 55.23 21.04
C ILE C 7 -25.95 54.81 19.56
N THR C 8 -26.62 53.68 19.27
CA THR C 8 -26.67 53.12 17.90
C THR C 8 -27.45 53.99 16.88
N LYS C 9 -28.38 54.83 17.36
CA LYS C 9 -29.11 55.78 16.49
C LYS C 9 -28.19 56.77 15.74
N TYR C 10 -27.02 57.05 16.32
CA TYR C 10 -26.05 57.96 15.70
C TYR C 10 -25.27 57.36 14.51
N VAL C 11 -25.11 56.04 14.46
CA VAL C 11 -24.30 55.41 13.39
C VAL C 11 -25.04 55.43 12.06
N ASN C 12 -24.42 56.05 11.04
CA ASN C 12 -24.94 56.09 9.67
C ASN C 12 -24.02 55.27 8.75
N PRO C 13 -24.47 54.06 8.31
CA PRO C 13 -23.61 53.19 7.48
C PRO C 13 -23.42 53.63 6.02
N PHE C 14 -24.20 54.60 5.54
CA PHE C 14 -24.01 55.15 4.20
C PHE C 14 -22.81 56.09 4.09
N ILE C 15 -22.24 56.45 5.22
CA ILE C 15 -21.01 57.25 5.26
C ILE C 15 -19.85 56.44 4.68
N GLY C 16 -19.35 56.90 3.53
CA GLY C 16 -18.23 56.28 2.84
C GLY C 16 -18.59 55.34 1.69
N THR C 17 -19.87 55.28 1.33
CA THR C 17 -20.39 54.39 0.30
C THR C 17 -20.51 54.99 -1.09
N GLY C 18 -19.81 56.08 -1.40
CA GLY C 18 -19.92 56.67 -2.74
C GLY C 18 -19.26 58.02 -2.95
N ALA C 19 -18.55 58.14 -4.08
CA ALA C 19 -17.93 59.40 -4.47
C ALA C 19 -18.97 60.43 -4.92
N ILE C 20 -18.58 61.70 -4.87
CA ILE C 20 -19.42 62.83 -5.32
C ILE C 20 -18.65 63.56 -6.41
N ASP C 21 -19.29 63.74 -7.58
CA ASP C 21 -18.58 64.03 -8.84
C ASP C 21 -17.53 62.93 -9.04
N GLY C 22 -16.30 63.27 -9.45
CA GLY C 22 -15.20 62.29 -9.51
C GLY C 22 -14.35 62.26 -8.24
N GLY C 23 -14.99 62.39 -7.08
CA GLY C 23 -14.29 62.57 -5.82
C GLY C 23 -13.78 61.30 -5.18
N LEU C 24 -13.14 61.47 -4.03
CA LEU C 24 -12.66 60.35 -3.21
C LEU C 24 -13.79 59.83 -2.32
N SER C 25 -13.66 58.57 -1.90
CA SER C 25 -14.69 57.91 -1.09
C SER C 25 -14.11 56.83 -0.18
N GLY C 26 -14.92 56.37 0.75
CA GLY C 26 -14.47 55.43 1.77
C GLY C 26 -14.43 53.98 1.33
N ASN C 27 -15.21 53.61 0.31
CA ASN C 27 -15.43 52.21 -0.10
C ASN C 27 -16.01 51.38 1.03
N ASN C 28 -16.96 51.96 1.74
CA ASN C 28 -17.62 51.29 2.86
C ASN C 28 -18.92 50.66 2.35
N TYR C 29 -19.50 49.78 3.17
CA TYR C 29 -20.74 49.09 2.80
C TYR C 29 -21.83 49.42 3.82
N PRO C 30 -23.07 49.57 3.34
CA PRO C 30 -24.18 49.83 4.23
C PRO C 30 -24.75 48.58 4.93
N GLY C 31 -24.55 47.40 4.34
CA GLY C 31 -25.27 46.20 4.78
C GLY C 31 -24.95 45.75 6.18
N ALA C 32 -25.81 44.88 6.70
CA ALA C 32 -25.74 44.39 8.07
C ALA C 32 -24.50 43.53 8.35
N THR C 33 -24.04 43.59 9.58
CA THR C 33 -22.92 42.78 10.04
C THR C 33 -22.96 42.78 11.58
N SER C 34 -21.99 42.10 12.18
CA SER C 34 -21.86 42.04 13.63
C SER C 34 -20.41 42.35 13.97
N PRO C 35 -20.13 42.68 15.23
CA PRO C 35 -18.77 43.12 15.54
C PRO C 35 -17.74 42.02 15.27
N PHE C 36 -16.71 42.37 14.50
CA PHE C 36 -15.66 41.44 14.12
C PHE C 36 -16.20 40.11 13.54
N GLY C 37 -17.29 40.21 12.78
CA GLY C 37 -18.02 39.05 12.28
C GLY C 37 -17.44 38.34 11.06
N MET C 38 -18.07 37.21 10.73
CA MET C 38 -17.78 36.44 9.51
C MET C 38 -18.69 36.86 8.34
N ILE C 39 -19.95 37.20 8.66
CA ILE C 39 -20.98 37.55 7.67
C ILE C 39 -21.14 39.06 7.50
N GLN C 40 -20.85 39.54 6.29
CA GLN C 40 -21.16 40.91 5.87
C GLN C 40 -22.29 40.89 4.83
N LEU C 41 -23.54 40.89 5.31
CA LEU C 41 -24.70 40.75 4.43
C LEU C 41 -25.18 42.10 3.88
N SER C 42 -24.88 42.34 2.60
CA SER C 42 -25.09 43.64 1.95
C SER C 42 -25.44 43.46 0.47
N PRO C 43 -26.27 44.35 -0.10
CA PRO C 43 -26.49 44.30 -1.55
C PRO C 43 -25.28 44.78 -2.34
N ASP C 44 -25.20 44.33 -3.59
CA ASP C 44 -24.12 44.71 -4.49
C ASP C 44 -24.74 45.45 -5.64
N THR C 45 -24.10 46.57 -6.02
CA THR C 45 -24.61 47.45 -7.07
C THR C 45 -23.90 47.21 -8.40
N SER C 46 -23.01 46.22 -8.41
CA SER C 46 -22.28 45.79 -9.59
C SER C 46 -22.63 44.33 -9.89
N GLU C 47 -22.63 43.96 -11.17
CA GLU C 47 -22.62 42.56 -11.59
C GLU C 47 -21.34 41.91 -11.04
N ALA C 48 -20.22 42.63 -11.11
CA ALA C 48 -18.90 42.15 -10.71
C ALA C 48 -18.06 43.24 -10.04
N PRO C 49 -18.17 43.36 -8.69
CA PRO C 49 -17.40 44.34 -7.93
C PRO C 49 -15.92 44.42 -8.28
N ASN C 50 -15.43 45.65 -8.46
CA ASN C 50 -14.04 45.90 -8.83
C ASN C 50 -13.43 46.95 -7.89
N TRP C 51 -12.19 47.38 -8.14
CA TRP C 51 -11.56 48.45 -7.35
C TRP C 51 -12.42 49.73 -7.18
N GLY C 52 -13.19 50.06 -8.21
CA GLY C 52 -14.15 51.16 -8.13
C GLY C 52 -15.18 51.04 -7.00
N ASP C 53 -15.72 49.84 -6.81
CA ASP C 53 -16.68 49.57 -5.72
C ASP C 53 -16.34 48.26 -4.99
N ALA C 54 -15.13 48.24 -4.45
CA ALA C 54 -14.54 47.06 -3.80
C ALA C 54 -15.43 46.38 -2.76
N SER C 55 -16.24 47.14 -2.04
CA SER C 55 -17.14 46.55 -1.03
C SER C 55 -18.43 45.92 -1.59
N GLY C 56 -18.72 46.12 -2.87
CA GLY C 56 -20.02 45.72 -3.43
C GLY C 56 -20.99 46.85 -3.72
N TYR C 57 -20.94 47.92 -2.90
CA TYR C 57 -21.92 49.03 -2.97
C TYR C 57 -21.31 50.34 -3.48
N ASP C 58 -22.12 51.09 -4.22
CA ASP C 58 -21.81 52.45 -4.65
C ASP C 58 -23.11 53.26 -4.61
N TYR C 59 -23.09 54.35 -3.84
CA TYR C 59 -24.25 55.24 -3.65
C TYR C 59 -24.75 55.87 -4.96
N ASN C 60 -23.85 56.05 -5.93
CA ASN C 60 -24.19 56.65 -7.23
C ASN C 60 -25.13 55.81 -8.08
N ARG C 61 -25.04 54.48 -7.97
CA ARG C 61 -25.79 53.55 -8.82
CA ARG C 61 -25.79 53.56 -8.83
C ARG C 61 -27.21 53.35 -8.29
N ASN C 62 -28.06 52.79 -9.14
CA ASN C 62 -29.50 52.61 -8.86
C ASN C 62 -30.02 51.19 -9.13
N THR C 63 -29.14 50.18 -9.03
CA THR C 63 -29.48 48.76 -9.31
C THR C 63 -28.79 47.79 -8.35
N ILE C 64 -29.59 47.04 -7.57
CA ILE C 64 -29.11 45.94 -6.72
C ILE C 64 -29.13 44.61 -7.51
N PHE C 65 -27.97 43.94 -7.60
CA PHE C 65 -27.82 42.67 -8.38
C PHE C 65 -27.89 41.39 -7.52
N GLY C 66 -28.32 41.51 -6.27
CA GLY C 66 -28.35 40.42 -5.31
C GLY C 66 -27.64 40.78 -4.02
N PHE C 67 -27.96 40.04 -2.96
CA PHE C 67 -27.36 40.25 -1.64
C PHE C 67 -26.33 39.16 -1.32
N SER C 68 -25.03 39.47 -1.42
CA SER C 68 -23.98 38.53 -1.04
C SER C 68 -23.75 38.49 0.50
N HIS C 69 -22.79 37.69 0.96
CA HIS C 69 -22.57 37.45 2.40
C HIS C 69 -21.17 37.75 2.96
N THR C 70 -20.22 38.13 2.10
CA THR C 70 -18.89 38.46 2.57
C THR C 70 -18.35 39.65 1.76
N ARG C 71 -17.51 40.46 2.38
CA ARG C 71 -16.80 41.55 1.69
C ARG C 71 -15.69 42.16 2.56
N LEU C 72 -14.91 43.03 1.93
CA LEU C 72 -13.97 43.92 2.60
C LEU C 72 -14.55 45.33 2.77
N SER C 73 -14.04 46.05 3.78
CA SER C 73 -14.45 47.44 4.06
C SER C 73 -13.32 48.41 3.76
N GLY C 74 -13.54 49.26 2.75
CA GLY C 74 -12.61 50.32 2.40
C GLY C 74 -11.28 49.86 1.85
N THR C 75 -11.29 48.84 1.00
CA THR C 75 -10.06 48.32 0.38
C THR C 75 -9.87 48.87 -1.03
N GLY C 76 -8.61 48.81 -1.49
CA GLY C 76 -8.26 49.19 -2.85
C GLY C 76 -8.56 48.14 -3.92
N ALA C 77 -8.69 46.88 -3.49
CA ALA C 77 -9.00 45.75 -4.37
C ALA C 77 -10.21 45.01 -3.82
N SER C 78 -10.94 44.35 -4.71
CA SER C 78 -12.14 43.61 -4.33
C SER C 78 -11.83 42.11 -4.23
N ASP C 79 -12.45 41.47 -3.25
CA ASP C 79 -12.45 40.02 -3.09
C ASP C 79 -13.73 39.62 -2.33
N LEU C 80 -13.90 38.33 -2.07
CA LEU C 80 -15.05 37.79 -1.35
C LEU C 80 -16.31 37.89 -2.22
N ILE C 81 -17.37 38.53 -1.75
CA ILE C 81 -18.62 38.61 -2.50
C ILE C 81 -19.16 37.20 -2.77
N ASP C 82 -19.36 36.43 -1.69
CA ASP C 82 -19.74 35.01 -1.78
C ASP C 82 -21.16 34.75 -1.34
N ILE C 83 -21.84 33.88 -2.07
CA ILE C 83 -23.15 33.33 -1.72
C ILE C 83 -24.20 34.44 -1.84
N THR C 84 -24.80 34.52 -3.00
CA THR C 84 -25.68 35.62 -3.38
C THR C 84 -27.13 35.19 -3.56
N LEU C 85 -28.03 35.77 -2.77
CA LEU C 85 -29.46 35.59 -2.96
C LEU C 85 -30.10 36.77 -3.71
N MET C 86 -31.33 36.54 -4.18
CA MET C 86 -32.12 37.55 -4.85
C MET C 86 -33.58 37.11 -4.88
N PRO C 87 -34.49 37.87 -4.24
CA PRO C 87 -35.92 37.54 -4.33
C PRO C 87 -36.47 37.97 -5.68
N THR C 88 -37.57 37.36 -6.10
CA THR C 88 -38.21 37.69 -7.38
C THR C 88 -39.53 36.97 -7.51
N SER C 89 -40.28 37.31 -8.56
CA SER C 89 -41.52 36.61 -8.93
C SER C 89 -41.59 36.19 -10.41
N SER C 90 -40.59 36.56 -11.20
CA SER C 90 -40.52 36.25 -12.63
C SER C 90 -39.10 35.77 -13.04
N GLY C 91 -38.35 35.23 -12.07
CA GLY C 91 -36.94 34.86 -12.25
C GLY C 91 -36.02 35.97 -12.73
N ARG C 92 -36.03 37.12 -12.03
CA ARG C 92 -35.25 38.30 -12.44
C ARG C 92 -33.88 38.33 -11.75
N THR C 93 -32.82 38.58 -12.53
CA THR C 93 -31.44 38.61 -12.03
C THR C 93 -31.13 39.86 -11.18
N SER C 94 -31.80 40.99 -11.48
CA SER C 94 -31.56 42.29 -10.82
C SER C 94 -32.84 43.14 -10.65
N SER C 95 -32.70 44.26 -9.94
CA SER C 95 -33.81 45.17 -9.63
C SER C 95 -33.32 46.60 -9.35
N ALA C 96 -34.20 47.58 -9.56
CA ALA C 96 -33.90 48.99 -9.30
C ALA C 96 -34.34 49.38 -7.89
N PHE C 97 -33.70 50.42 -7.35
CA PHE C 97 -33.99 50.91 -6.00
C PHE C 97 -33.68 52.41 -5.88
N THR C 98 -34.31 53.05 -4.90
CA THR C 98 -34.07 54.47 -4.56
C THR C 98 -33.68 54.56 -3.09
N HIS C 99 -32.82 55.52 -2.76
CA HIS C 99 -32.39 55.73 -1.38
C HIS C 99 -33.53 56.27 -0.47
N ASP C 100 -34.64 56.71 -1.06
CA ASP C 100 -35.88 57.04 -0.32
C ASP C 100 -36.39 55.90 0.57
N GLU C 101 -36.35 54.68 0.03
CA GLU C 101 -36.87 53.49 0.70
C GLU C 101 -35.68 52.57 0.99
N GLU C 102 -34.93 52.90 2.04
CA GLU C 102 -33.65 52.25 2.32
C GLU C 102 -33.04 52.62 3.68
N LYS C 103 -33.64 52.16 4.77
CA LYS C 103 -33.08 52.41 6.11
C LYS C 103 -31.79 51.58 6.32
N ALA C 104 -30.96 51.99 7.28
CA ALA C 104 -29.80 51.21 7.71
C ALA C 104 -29.30 51.69 9.07
N ARG C 105 -29.20 50.76 10.02
CA ARG C 105 -28.60 51.01 11.33
C ARG C 105 -27.72 49.80 11.70
N PRO C 106 -26.97 49.86 12.82
CA PRO C 106 -26.06 48.75 13.15
C PRO C 106 -26.75 47.41 13.36
N GLY C 107 -26.28 46.41 12.63
CA GLY C 107 -26.93 45.09 12.57
C GLY C 107 -28.22 45.05 11.76
N TYR C 108 -28.39 45.99 10.83
CA TYR C 108 -29.62 46.06 10.03
C TYR C 108 -29.44 46.77 8.69
N TYR C 109 -30.27 46.37 7.74
CA TYR C 109 -30.37 46.99 6.44
C TYR C 109 -31.75 46.62 5.86
N GLN C 110 -32.34 47.54 5.11
CA GLN C 110 -33.63 47.33 4.47
C GLN C 110 -33.62 48.09 3.16
N VAL C 111 -34.39 47.60 2.18
CA VAL C 111 -34.52 48.25 0.86
C VAL C 111 -35.77 47.72 0.14
N MET C 112 -36.29 48.51 -0.79
CA MET C 112 -37.42 48.10 -1.63
C MET C 112 -36.87 47.82 -3.03
N LEU C 113 -36.99 46.56 -3.43
CA LEU C 113 -36.70 46.16 -4.80
C LEU C 113 -37.92 46.62 -5.60
N LYS C 114 -37.70 47.55 -6.53
CA LYS C 114 -38.78 48.31 -7.16
C LYS C 114 -39.42 47.61 -8.35
N ASP C 115 -38.64 46.85 -9.11
CA ASP C 115 -39.12 46.20 -10.33
C ASP C 115 -40.29 45.23 -10.12
N GLU C 116 -40.34 44.59 -8.93
CA GLU C 116 -41.42 43.67 -8.55
C GLU C 116 -42.06 43.92 -7.15
N ASN C 117 -41.73 45.06 -6.51
CA ASN C 117 -42.30 45.46 -5.22
CA ASN C 117 -42.30 45.46 -5.21
C ASN C 117 -42.09 44.45 -4.07
N ILE C 118 -40.91 43.80 -4.06
CA ILE C 118 -40.54 42.88 -2.98
C ILE C 118 -39.66 43.65 -1.98
N ASN C 119 -39.94 43.49 -0.69
CA ASN C 119 -39.26 44.23 0.38
C ASN C 119 -38.20 43.39 1.09
N ALA C 120 -36.94 43.84 1.06
CA ALA C 120 -35.82 43.08 1.61
C ALA C 120 -35.40 43.60 2.97
N GLU C 121 -35.14 42.70 3.90
CA GLU C 121 -34.56 43.05 5.21
C GLU C 121 -33.46 42.07 5.60
N LEU C 122 -32.34 42.62 6.10
CA LEU C 122 -31.13 41.85 6.36
C LEU C 122 -30.66 42.09 7.79
N THR C 123 -30.30 41.02 8.50
CA THR C 123 -29.58 41.12 9.78
C THR C 123 -28.58 39.99 9.89
N THR C 124 -27.81 39.94 10.98
CA THR C 124 -26.76 38.96 11.15
C THR C 124 -26.53 38.54 12.59
N THR C 125 -25.88 37.38 12.74
CA THR C 125 -25.19 37.00 13.94
C THR C 125 -23.71 36.91 13.54
N GLN C 126 -22.86 36.41 14.44
CA GLN C 126 -21.42 36.34 14.19
C GLN C 126 -21.10 35.50 12.95
N ARG C 127 -21.84 34.41 12.75
CA ARG C 127 -21.62 33.50 11.63
C ARG C 127 -22.85 33.24 10.74
N ASN C 128 -24.00 33.85 11.03
CA ASN C 128 -25.17 33.71 10.14
C ASN C 128 -25.61 35.02 9.53
N GLY C 129 -26.33 34.92 8.43
CA GLY C 129 -26.95 36.06 7.78
C GLY C 129 -28.42 35.73 7.64
N ILE C 130 -29.28 36.57 8.21
CA ILE C 130 -30.74 36.34 8.22
C ILE C 130 -31.39 37.31 7.23
N HIS C 131 -32.29 36.79 6.39
CA HIS C 131 -33.02 37.58 5.41
C HIS C 131 -34.47 37.54 5.80
N ARG C 132 -35.20 38.58 5.42
CA ARG C 132 -36.66 38.57 5.42
C ARG C 132 -37.15 39.25 4.14
N TYR C 133 -38.05 38.59 3.43
CA TYR C 133 -38.61 39.10 2.18
C TYR C 133 -40.15 39.10 2.23
N GLN C 134 -40.74 40.30 2.18
CA GLN C 134 -42.19 40.47 2.03
C GLN C 134 -42.46 40.62 0.53
N TYR C 135 -43.33 39.76 0.01
CA TYR C 135 -43.70 39.77 -1.40
C TYR C 135 -45.12 40.35 -1.51
N PRO C 136 -45.45 40.96 -2.66
CA PRO C 136 -46.83 41.45 -2.90
C PRO C 136 -47.87 40.35 -2.78
N ALA C 137 -49.06 40.67 -2.28
CA ALA C 137 -50.17 39.70 -2.26
C ALA C 137 -50.62 39.41 -3.70
N GLY C 138 -51.02 38.16 -3.95
CA GLY C 138 -51.35 37.68 -5.29
C GLY C 138 -50.16 37.44 -6.22
N LYS C 139 -48.95 37.33 -5.66
CA LYS C 139 -47.74 37.11 -6.45
C LYS C 139 -46.92 35.96 -5.89
N ASP C 140 -46.14 35.34 -6.77
CA ASP C 140 -45.35 34.15 -6.43
C ASP C 140 -44.04 34.51 -5.76
N ALA C 141 -43.72 33.80 -4.68
CA ALA C 141 -42.40 33.91 -4.00
C ALA C 141 -41.35 32.98 -4.66
N GLU C 142 -40.33 33.58 -5.28
CA GLU C 142 -39.13 32.86 -5.77
C GLU C 142 -37.88 33.42 -5.10
N ILE C 143 -36.89 32.55 -4.87
CA ILE C 143 -35.54 32.95 -4.45
C ILE C 143 -34.56 32.44 -5.49
N ILE C 144 -33.71 33.31 -6.00
CA ILE C 144 -32.58 32.89 -6.82
C ILE C 144 -31.35 32.79 -5.93
N LEU C 145 -30.49 31.81 -6.23
CA LEU C 145 -29.17 31.66 -5.62
C LEU C 145 -28.12 31.63 -6.72
N ASP C 146 -27.16 32.55 -6.65
CA ASP C 146 -26.12 32.71 -7.66
C ASP C 146 -24.78 32.37 -7.00
N MET C 147 -24.11 31.32 -7.49
CA MET C 147 -22.79 30.92 -6.99
C MET C 147 -21.64 31.41 -7.87
N ASP C 148 -21.98 32.03 -9.00
CA ASP C 148 -20.98 32.64 -9.91
C ASP C 148 -20.63 34.08 -9.54
N HIS C 149 -21.65 34.84 -9.13
CA HIS C 149 -21.50 36.24 -8.76
C HIS C 149 -20.35 36.43 -7.77
N SER C 150 -19.34 37.17 -8.20
CA SER C 150 -18.16 37.40 -7.40
C SER C 150 -17.54 38.76 -7.79
N ALA C 151 -16.38 39.07 -7.22
CA ALA C 151 -15.57 40.17 -7.72
C ALA C 151 -15.11 39.88 -9.16
N ASP C 152 -14.59 40.93 -9.81
CA ASP C 152 -14.22 40.88 -11.23
C ASP C 152 -13.25 39.72 -11.53
N LYS C 153 -13.63 38.87 -12.49
CA LYS C 153 -12.80 37.71 -12.87
C LYS C 153 -11.65 38.06 -13.82
N GLY C 154 -11.61 39.30 -14.30
CA GLY C 154 -10.46 39.81 -15.04
C GLY C 154 -9.23 40.11 -14.21
N SER C 155 -9.34 40.09 -12.87
CA SER C 155 -8.23 40.42 -11.97
C SER C 155 -7.78 39.22 -11.15
N TRP C 156 -6.46 39.08 -10.96
CA TRP C 156 -5.85 38.08 -10.07
C TRP C 156 -6.00 36.60 -10.52
N GLY C 157 -6.15 36.36 -11.82
CA GLY C 157 -6.46 35.02 -12.36
C GLY C 157 -7.67 34.35 -11.72
N ARG C 158 -8.69 35.15 -11.40
CA ARG C 158 -9.82 34.73 -10.57
C ARG C 158 -10.73 33.79 -11.36
N ARG C 159 -10.90 32.57 -10.85
CA ARG C 159 -11.88 31.64 -11.41
CA ARG C 159 -11.76 31.54 -11.46
C ARG C 159 -12.38 30.66 -10.37
N ILE C 160 -13.63 30.25 -10.56
CA ILE C 160 -14.25 29.28 -9.69
C ILE C 160 -13.75 27.89 -10.10
N ILE C 161 -13.05 27.21 -9.19
CA ILE C 161 -12.43 25.90 -9.48
C ILE C 161 -13.49 24.80 -9.46
N ASN C 162 -14.38 24.84 -8.49
CA ASN C 162 -15.52 23.93 -8.43
C ASN C 162 -16.49 24.48 -7.42
N SER C 163 -17.77 24.13 -7.57
CA SER C 163 -18.79 24.51 -6.60
C SER C 163 -19.95 23.53 -6.68
N GLN C 164 -20.89 23.66 -5.74
CA GLN C 164 -22.04 22.76 -5.62
C GLN C 164 -23.23 23.51 -5.04
N ILE C 165 -24.42 23.18 -5.51
CA ILE C 165 -25.68 23.50 -4.83
C ILE C 165 -26.44 22.18 -4.63
N ARG C 166 -27.01 21.97 -3.44
CA ARG C 166 -27.63 20.71 -3.12
C ARG C 166 -28.86 20.91 -2.26
N ILE C 167 -30.00 20.46 -2.77
CA ILE C 167 -31.27 20.58 -2.09
C ILE C 167 -31.46 19.35 -1.21
N LEU C 168 -31.38 19.54 0.10
CA LEU C 168 -31.49 18.44 1.07
C LEU C 168 -32.91 18.03 1.34
N ASN C 169 -33.82 19.00 1.49
CA ASN C 169 -35.25 18.72 1.65
C ASN C 169 -36.11 19.90 1.14
N ASP C 170 -37.37 19.98 1.54
CA ASP C 170 -38.23 21.13 1.14
C ASP C 170 -37.85 22.49 1.77
N HIS C 171 -37.07 22.48 2.87
CA HIS C 171 -36.70 23.70 3.59
C HIS C 171 -35.18 23.85 3.89
N ALA C 172 -34.31 23.26 3.07
CA ALA C 172 -32.87 23.28 3.35
C ALA C 172 -32.02 23.05 2.10
N VAL C 173 -30.96 23.86 1.97
CA VAL C 173 -30.04 23.82 0.84
C VAL C 173 -28.65 24.05 1.37
N GLU C 174 -27.68 23.33 0.80
CA GLU C 174 -26.29 23.48 1.17
C GLU C 174 -25.47 23.53 -0.09
N GLY C 175 -24.19 23.83 0.07
CA GLY C 175 -23.31 23.92 -1.08
C GLY C 175 -21.98 24.53 -0.71
N TYR C 176 -21.17 24.78 -1.73
CA TYR C 176 -19.88 25.39 -1.51
C TYR C 176 -19.36 25.95 -2.81
N ARG C 177 -18.26 26.69 -2.73
CA ARG C 177 -17.59 27.24 -3.88
C ARG C 177 -16.12 27.29 -3.51
N ILE C 178 -15.25 26.88 -4.43
CA ILE C 178 -13.82 27.03 -4.25
C ILE C 178 -13.38 27.98 -5.34
N ILE C 179 -12.68 29.04 -4.94
CA ILE C 179 -12.43 30.16 -5.83
C ILE C 179 -11.09 30.78 -5.52
N THR C 180 -10.38 31.18 -6.58
CA THR C 180 -9.12 31.90 -6.48
C THR C 180 -9.42 33.39 -6.60
N GLY C 181 -8.38 34.20 -6.41
CA GLY C 181 -8.54 35.66 -6.46
C GLY C 181 -7.38 36.37 -5.79
N TRP C 182 -7.67 37.50 -5.14
CA TRP C 182 -6.63 38.31 -4.50
C TRP C 182 -5.95 37.47 -3.42
N ALA C 183 -6.76 36.86 -2.54
CA ALA C 183 -6.34 35.68 -1.78
C ALA C 183 -6.25 34.48 -2.74
N LYS C 184 -5.11 33.80 -2.73
CA LYS C 184 -4.81 32.74 -3.72
C LYS C 184 -5.87 31.65 -3.84
N LEU C 185 -6.47 31.23 -2.72
CA LEU C 185 -7.44 30.13 -2.73
C LEU C 185 -8.33 30.13 -1.51
N ARG C 186 -9.64 30.06 -1.75
CA ARG C 186 -10.63 30.17 -0.69
C ARG C 186 -11.75 29.14 -0.88
N LYS C 187 -12.15 28.48 0.19
CA LYS C 187 -13.27 27.55 0.16
C LYS C 187 -14.33 28.14 1.04
N ILE C 188 -15.52 28.33 0.48
CA ILE C 188 -16.63 28.93 1.18
C ILE C 188 -17.76 27.93 1.16
N TYR C 189 -17.96 27.26 2.28
CA TYR C 189 -19.04 26.30 2.45
C TYR C 189 -20.21 27.04 3.04
N PHE C 190 -21.43 26.67 2.66
CA PHE C 190 -22.65 27.26 3.23
C PHE C 190 -23.72 26.24 3.51
N TYR C 191 -24.59 26.61 4.45
CA TYR C 191 -25.83 25.89 4.76
C TYR C 191 -26.94 26.92 4.86
N MET C 192 -28.09 26.64 4.26
CA MET C 192 -29.20 27.59 4.20
C MET C 192 -30.52 26.89 4.50
N GLU C 193 -31.43 27.64 5.14
CA GLU C 193 -32.80 27.19 5.38
C GLU C 193 -33.83 28.27 4.98
N PHE C 194 -35.07 27.81 4.74
CA PHE C 194 -36.18 28.65 4.36
C PHE C 194 -37.35 28.43 5.33
N SER C 195 -38.08 29.51 5.63
CA SER C 195 -39.24 29.46 6.52
C SER C 195 -40.47 28.80 5.89
N SER C 196 -40.52 28.76 4.56
CA SER C 196 -41.62 28.15 3.81
C SER C 196 -41.06 27.11 2.83
N PRO C 197 -41.90 26.15 2.41
CA PRO C 197 -41.37 24.98 1.72
C PRO C 197 -41.22 25.24 0.24
N ILE C 198 -40.21 24.61 -0.37
CA ILE C 198 -40.00 24.67 -1.82
C ILE C 198 -41.01 23.75 -2.48
N LEU C 199 -41.57 24.19 -3.61
CA LEU C 199 -42.62 23.45 -4.32
C LEU C 199 -42.14 22.99 -5.69
N THR C 200 -41.51 23.89 -6.45
CA THR C 200 -40.71 23.52 -7.61
C THR C 200 -39.36 24.19 -7.49
N SER C 201 -38.40 23.72 -8.30
CA SER C 201 -37.05 24.28 -8.28
C SER C 201 -36.35 24.07 -9.60
N THR C 202 -35.21 24.74 -9.76
CA THR C 202 -34.35 24.57 -10.92
C THR C 202 -32.88 24.79 -10.51
N LEU C 203 -31.98 24.03 -11.11
CA LEU C 203 -30.53 24.25 -10.96
C LEU C 203 -29.94 24.25 -12.36
N ARG C 204 -28.87 25.01 -12.56
CA ARG C 204 -28.18 25.04 -13.84
C ARG C 204 -26.70 25.29 -13.67
N ASP C 205 -25.93 24.91 -14.69
CA ASP C 205 -24.51 25.15 -14.79
C ASP C 205 -24.31 25.65 -16.20
N GLY C 206 -24.04 26.95 -16.35
CA GLY C 206 -24.05 27.58 -17.67
C GLY C 206 -25.34 27.24 -18.41
N GLY C 207 -25.21 26.62 -19.59
CA GLY C 207 -26.37 26.20 -20.40
C GLY C 207 -27.04 24.87 -20.05
N ARG C 208 -26.41 24.09 -19.18
CA ARG C 208 -26.96 22.80 -18.74
C ARG C 208 -28.00 23.06 -17.64
N VAL C 209 -29.25 22.64 -17.87
CA VAL C 209 -30.37 22.94 -16.94
C VAL C 209 -31.12 21.68 -16.47
N HIS C 210 -31.29 21.55 -15.16
CA HIS C 210 -31.96 20.38 -14.57
C HIS C 210 -33.17 20.84 -13.74
N GLU C 211 -34.37 20.54 -14.21
CA GLU C 211 -35.60 20.90 -13.48
C GLU C 211 -35.81 19.90 -12.35
N ASN C 212 -36.19 20.41 -11.17
CA ASN C 212 -36.52 19.57 -10.00
C ASN C 212 -35.53 18.44 -9.74
N THR C 213 -34.27 18.85 -9.64
CA THR C 213 -33.13 17.97 -9.52
C THR C 213 -32.41 18.36 -8.26
N ALA C 214 -32.12 17.38 -7.41
CA ALA C 214 -31.66 17.67 -6.04
C ALA C 214 -30.22 18.15 -5.88
N VAL C 215 -29.38 18.04 -6.91
CA VAL C 215 -27.99 18.47 -6.78
C VAL C 215 -27.42 18.86 -8.13
N ILE C 216 -26.40 19.71 -8.10
CA ILE C 216 -25.63 20.05 -9.29
C ILE C 216 -24.20 20.42 -8.89
N ASN C 217 -23.25 20.13 -9.78
CA ASN C 217 -21.84 20.50 -9.59
C ASN C 217 -21.30 21.12 -10.87
N GLY C 218 -20.35 22.02 -10.71
CA GLY C 218 -19.73 22.74 -11.83
C GLY C 218 -19.15 24.07 -11.39
N THR C 219 -18.79 24.90 -12.38
CA THR C 219 -18.13 26.18 -12.11
C THR C 219 -19.02 27.43 -12.25
N ASN C 220 -20.26 27.27 -12.72
CA ASN C 220 -21.15 28.39 -12.99
C ASN C 220 -22.57 28.05 -12.59
N LEU C 221 -22.79 27.93 -11.29
CA LEU C 221 -24.04 27.40 -10.75
C LEU C 221 -25.00 28.46 -10.29
N HIS C 222 -26.27 28.27 -10.66
CA HIS C 222 -27.37 29.12 -10.26
C HIS C 222 -28.54 28.18 -9.97
N GLY C 223 -29.26 28.48 -8.90
CA GLY C 223 -30.53 27.80 -8.62
C GLY C 223 -31.66 28.81 -8.45
N CYS C 224 -32.88 28.39 -8.78
CA CYS C 224 -34.08 29.17 -8.52
C CYS C 224 -35.04 28.31 -7.71
N PHE C 225 -35.41 28.77 -6.52
CA PHE C 225 -36.31 28.04 -5.63
C PHE C 225 -37.66 28.78 -5.53
N ARG C 226 -38.72 28.08 -5.90
CA ARG C 226 -40.06 28.67 -6.01
C ARG C 226 -40.94 28.18 -4.87
N PHE C 227 -41.49 29.12 -4.12
CA PHE C 227 -42.28 28.82 -2.93
C PHE C 227 -43.80 28.99 -3.17
N GLY C 228 -44.18 29.46 -4.38
CA GLY C 228 -45.60 29.67 -4.71
C GLY C 228 -46.20 30.93 -4.10
N GLN C 229 -47.52 30.92 -3.93
CA GLN C 229 -48.26 32.05 -3.33
C GLN C 229 -47.97 32.19 -1.84
N LEU C 230 -47.04 33.08 -1.50
CA LEU C 230 -46.76 33.39 -0.09
C LEU C 230 -48.00 34.01 0.62
N ASN C 231 -48.85 34.71 -0.16
CA ASN C 231 -50.18 35.18 0.27
C ASN C 231 -50.17 36.03 1.54
N GLY C 232 -49.20 36.96 1.63
CA GLY C 232 -49.04 37.83 2.79
C GLY C 232 -47.81 37.54 3.62
N LYS C 233 -47.59 36.27 3.98
CA LYS C 233 -46.50 35.88 4.90
C LYS C 233 -45.13 36.19 4.29
N PRO C 234 -44.18 36.61 5.14
CA PRO C 234 -42.85 36.90 4.62
C PRO C 234 -41.94 35.65 4.64
N LEU C 235 -41.12 35.51 3.59
CA LEU C 235 -40.12 34.44 3.49
C LEU C 235 -38.84 34.80 4.22
N THR C 236 -38.56 34.10 5.32
CA THR C 236 -37.30 34.26 6.04
C THR C 236 -36.26 33.25 5.51
N CYS C 237 -35.02 33.70 5.33
CA CYS C 237 -33.93 32.83 4.88
C CYS C 237 -32.77 32.96 5.86
N LYS C 238 -32.29 31.83 6.39
CA LYS C 238 -31.08 31.81 7.22
C LYS C 238 -29.94 31.20 6.42
N VAL C 239 -28.74 31.81 6.50
CA VAL C 239 -27.56 31.35 5.78
C VAL C 239 -26.36 31.37 6.69
N ALA C 240 -25.74 30.23 6.94
CA ALA C 240 -24.48 30.16 7.67
C ALA C 240 -23.35 29.83 6.72
N LEU C 241 -22.14 30.25 7.08
CA LEU C 241 -20.95 30.03 6.26
C LEU C 241 -19.86 29.30 7.07
N SER C 242 -18.88 28.80 6.34
CA SER C 242 -17.69 28.20 6.93
C SER C 242 -16.56 28.18 5.91
N SER C 243 -15.33 28.36 6.39
CA SER C 243 -14.14 28.15 5.57
C SER C 243 -13.71 26.66 5.48
N VAL C 244 -14.41 25.76 6.18
CA VAL C 244 -13.99 24.35 6.33
C VAL C 244 -14.99 23.32 5.76
N SER C 245 -16.27 23.45 6.09
CA SER C 245 -17.25 22.43 5.69
C SER C 245 -18.69 22.87 5.79
N MET C 246 -19.58 22.09 5.19
CA MET C 246 -21.02 22.32 5.27
C MET C 246 -21.60 21.88 6.61
N GLU C 247 -20.99 20.86 7.21
CA GLU C 247 -21.37 20.41 8.54
C GLU C 247 -21.14 21.54 9.54
N ASN C 248 -19.92 22.09 9.51
CA ASN C 248 -19.55 23.21 10.37
C ASN C 248 -20.50 24.38 10.26
N ALA C 249 -20.85 24.76 9.04
CA ALA C 249 -21.82 25.82 8.78
C ALA C 249 -23.16 25.50 9.42
N ARG C 250 -23.62 24.26 9.29
CA ARG C 250 -24.89 23.84 9.87
C ARG C 250 -24.87 24.01 11.39
N GLN C 251 -23.75 23.64 12.00
CA GLN C 251 -23.52 23.77 13.44
C GLN C 251 -23.47 25.26 13.86
N ASN C 252 -22.84 26.10 13.03
CA ASN C 252 -22.90 27.56 13.18
C ASN C 252 -24.36 28.04 13.27
N MET C 253 -25.23 27.58 12.36
CA MET C 253 -26.65 27.93 12.43
C MET C 253 -27.36 27.32 13.63
N GLU C 254 -27.02 26.10 14.01
CA GLU C 254 -27.66 25.45 15.17
C GLU C 254 -27.44 26.25 16.47
N GLN C 255 -26.19 26.64 16.72
CA GLN C 255 -25.80 27.32 17.96
C GLN C 255 -26.15 28.82 18.00
N GLU C 256 -26.02 29.52 16.88
CA GLU C 256 -26.23 30.99 16.83
C GLU C 256 -27.61 31.42 16.35
N ALA C 257 -28.27 30.61 15.52
CA ALA C 257 -29.52 31.02 14.89
C ALA C 257 -30.55 29.88 14.76
N PRO C 258 -30.88 29.21 15.89
CA PRO C 258 -31.89 28.15 15.85
C PRO C 258 -33.32 28.61 15.58
N HIS C 259 -33.67 29.86 15.92
CA HIS C 259 -35.08 30.33 15.86
C HIS C 259 -35.42 31.07 14.56
N TRP C 260 -36.71 31.36 14.38
CA TRP C 260 -37.22 32.03 13.18
C TRP C 260 -37.86 33.42 13.41
N ASP C 261 -37.67 33.99 14.59
CA ASP C 261 -38.03 35.38 14.88
C ASP C 261 -36.99 36.37 14.32
N PHE C 262 -37.30 36.98 13.18
CA PHE C 262 -36.40 37.96 12.54
C PHE C 262 -36.14 39.16 13.44
N ASP C 263 -37.22 39.73 13.98
CA ASP C 263 -37.12 40.91 14.86
C ASP C 263 -36.23 40.68 16.09
N ARG C 264 -36.23 39.46 16.62
CA ARG C 264 -35.34 39.11 17.74
C ARG C 264 -33.85 39.09 17.33
N TYR C 265 -33.56 38.72 16.08
CA TYR C 265 -32.18 38.75 15.56
C TYR C 265 -31.70 40.19 15.44
N VAL C 266 -32.59 41.07 14.99
CA VAL C 266 -32.27 42.51 14.82
C VAL C 266 -31.94 43.15 16.18
N ALA C 267 -32.85 42.96 17.12
CA ALA C 267 -32.71 43.46 18.48
C ALA C 267 -31.43 42.95 19.15
N ALA C 268 -31.13 41.67 18.96
CA ALA C 268 -29.90 41.08 19.51
C ALA C 268 -28.64 41.65 18.85
N ALA C 269 -28.72 41.92 17.54
CA ALA C 269 -27.59 42.53 16.82
C ALA C 269 -27.37 43.98 17.25
N ASP C 270 -28.47 44.73 17.36
CA ASP C 270 -28.44 46.09 17.86
C ASP C 270 -27.86 46.20 19.29
N ALA C 271 -28.39 45.39 20.21
CA ALA C 271 -27.94 45.34 21.60
C ALA C 271 -26.47 44.96 21.76
N ASP C 272 -25.96 44.18 20.81
CA ASP C 272 -24.54 43.81 20.75
C ASP C 272 -23.68 45.00 20.27
N TRP C 273 -24.18 45.77 19.30
CA TRP C 273 -23.50 47.00 18.86
C TRP C 273 -23.54 48.09 19.94
N GLU C 274 -24.66 48.17 20.67
CA GLU C 274 -24.80 49.06 21.84
C GLU C 274 -23.67 48.84 22.86
N LYS C 275 -23.49 47.60 23.33
CA LYS C 275 -22.42 47.29 24.30
C LYS C 275 -21.01 47.51 23.73
N GLN C 276 -20.86 47.36 22.41
CA GLN C 276 -19.55 47.56 21.77
C GLN C 276 -19.23 49.02 21.62
N LEU C 277 -20.15 49.77 21.03
CA LEU C 277 -20.01 51.22 20.85
C LEU C 277 -20.00 51.97 22.19
N GLY C 278 -20.77 51.46 23.16
CA GLY C 278 -20.80 51.97 24.53
C GLY C 278 -19.51 51.86 25.32
N LYS C 279 -18.48 51.21 24.74
CA LYS C 279 -17.12 51.29 25.26
C LYS C 279 -16.56 52.74 25.24
N ILE C 280 -17.17 53.63 24.44
CA ILE C 280 -16.91 55.09 24.50
C ILE C 280 -18.22 55.92 24.50
N GLU C 281 -18.59 56.46 25.66
CA GLU C 281 -19.69 57.44 25.77
C GLU C 281 -19.13 58.84 25.52
N VAL C 282 -19.77 59.62 24.64
CA VAL C 282 -19.33 61.00 24.34
C VAL C 282 -20.49 62.01 24.34
N LYS C 283 -20.17 63.24 24.77
CA LYS C 283 -21.03 64.41 24.62
C LYS C 283 -20.42 65.32 23.56
N GLY C 284 -21.26 65.88 22.70
CA GLY C 284 -20.81 66.74 21.59
C GLY C 284 -21.96 67.11 20.67
N THR C 285 -21.66 67.72 19.53
CA THR C 285 -22.72 68.18 18.59
C THR C 285 -23.45 66.96 17.98
N GLU C 286 -24.60 67.19 17.34
CA GLU C 286 -25.35 66.08 16.73
C GLU C 286 -24.65 65.51 15.49
N VAL C 287 -24.08 66.39 14.67
CA VAL C 287 -23.26 65.97 13.53
C VAL C 287 -21.96 65.29 13.98
N GLN C 288 -21.38 65.69 15.11
CA GLN C 288 -20.11 65.10 15.59
C GLN C 288 -20.25 63.65 16.12
N LYS C 289 -21.31 63.37 16.86
CA LYS C 289 -21.57 62.04 17.41
C LYS C 289 -21.92 61.03 16.29
N GLU C 290 -22.61 61.50 15.26
CA GLU C 290 -22.85 60.72 14.04
C GLU C 290 -21.54 60.26 13.38
N ILE C 291 -20.61 61.18 13.14
CA ILE C 291 -19.31 60.87 12.51
C ILE C 291 -18.39 60.09 13.46
N PHE C 292 -18.44 60.38 14.76
CA PHE C 292 -17.61 59.66 15.74
C PHE C 292 -18.00 58.19 15.86
N TYR C 293 -19.28 57.94 16.09
CA TYR C 293 -19.74 56.57 16.27
C TYR C 293 -19.68 55.76 14.97
N THR C 294 -20.02 56.40 13.85
CA THR C 294 -19.86 55.78 12.53
C THR C 294 -18.41 55.35 12.30
N ALA C 295 -17.45 56.19 12.66
CA ALA C 295 -16.03 55.82 12.57
C ALA C 295 -15.65 54.68 13.54
N LEU C 296 -16.20 54.72 14.75
CA LEU C 296 -15.97 53.67 15.73
C LEU C 296 -16.50 52.30 15.23
N TYR C 297 -17.72 52.31 14.67
CA TYR C 297 -18.34 51.13 14.01
C TYR C 297 -17.42 50.54 12.93
N HIS C 298 -16.99 51.37 11.99
CA HIS C 298 -16.04 51.00 10.91
C HIS C 298 -14.70 50.42 11.41
N THR C 299 -14.33 50.81 12.63
CA THR C 299 -13.19 50.25 13.35
C THR C 299 -13.43 48.78 13.83
N MET C 300 -14.70 48.43 14.05
CA MET C 300 -15.07 47.18 14.74
C MET C 300 -15.69 46.09 13.84
N ILE C 301 -15.85 46.37 12.53
CA ILE C 301 -16.42 45.43 11.56
C ILE C 301 -15.37 44.54 10.89
N GLN C 302 -14.12 44.70 11.32
CA GLN C 302 -13.05 43.75 11.09
C GLN C 302 -11.99 44.01 12.19
N PRO C 303 -11.03 43.13 12.43
CA PRO C 303 -10.81 41.86 11.75
C PRO C 303 -11.99 40.92 11.79
N ASN C 304 -12.02 39.98 10.84
CA ASN C 304 -13.17 39.11 10.63
C ASN C 304 -12.99 37.71 11.25
N THR C 305 -14.03 37.25 11.96
CA THR C 305 -14.09 35.89 12.51
C THR C 305 -13.98 34.84 11.39
N MET C 306 -12.95 34.00 11.44
CA MET C 306 -12.79 32.91 10.48
C MET C 306 -13.11 31.52 11.05
N SER C 307 -12.74 31.27 12.32
CA SER C 307 -13.02 29.97 12.95
C SER C 307 -14.51 29.76 13.15
N ASP C 308 -14.93 28.50 13.01
CA ASP C 308 -16.32 28.13 13.21
C ASP C 308 -16.61 27.96 14.72
N VAL C 309 -17.88 27.79 15.04
CA VAL C 309 -18.35 27.44 16.40
C VAL C 309 -17.59 26.30 17.09
N ASN C 310 -17.16 25.28 16.33
CA ASN C 310 -16.34 24.18 16.88
C ASN C 310 -14.84 24.47 16.94
N GLY C 311 -14.43 25.67 16.53
CA GLY C 311 -13.04 26.10 16.59
C GLY C 311 -12.20 25.79 15.36
N GLU C 312 -12.83 25.25 14.31
CA GLU C 312 -12.11 24.86 13.10
C GLU C 312 -12.01 26.02 12.12
N TYR C 313 -10.90 26.07 11.41
CA TYR C 313 -10.60 27.14 10.48
C TYR C 313 -9.63 26.58 9.44
N MET C 314 -9.64 27.12 8.22
CA MET C 314 -8.58 26.79 7.26
C MET C 314 -7.33 27.59 7.61
N ALA C 315 -6.24 26.89 7.90
CA ALA C 315 -4.94 27.51 8.17
C ALA C 315 -4.24 27.95 6.88
N ALA C 316 -3.11 28.61 7.04
CA ALA C 316 -2.34 29.17 5.94
C ALA C 316 -1.54 28.16 5.12
N ASP C 317 -1.40 26.94 5.64
CA ASP C 317 -0.94 25.81 4.82
C ASP C 317 -2.14 25.04 4.20
N TYR C 318 -3.32 25.65 4.22
CA TYR C 318 -4.54 25.10 3.60
C TYR C 318 -5.09 23.81 4.24
N THR C 319 -4.54 23.43 5.41
CA THR C 319 -5.04 22.32 6.17
C THR C 319 -6.13 22.83 7.10
N THR C 320 -6.99 21.93 7.55
CA THR C 320 -8.00 22.24 8.55
C THR C 320 -7.41 22.02 9.96
N ARG C 321 -7.54 23.04 10.82
CA ARG C 321 -7.03 23.01 12.19
C ARG C 321 -8.11 23.51 13.14
N LYS C 322 -7.91 23.25 14.43
CA LYS C 322 -8.82 23.73 15.49
C LYS C 322 -8.00 24.62 16.42
N VAL C 323 -8.70 25.55 17.07
CA VAL C 323 -8.14 26.38 18.15
C VAL C 323 -8.67 25.81 19.48
N ALA C 324 -8.16 26.32 20.60
CA ALA C 324 -8.62 25.89 21.95
C ALA C 324 -10.07 26.31 22.26
N ASN C 325 -10.64 25.79 23.35
CA ASN C 325 -12.05 26.03 23.71
C ASN C 325 -12.41 27.53 23.89
N ASN C 326 -11.50 28.28 24.50
CA ASN C 326 -11.67 29.73 24.73
C ASN C 326 -11.39 30.64 23.51
N GLU C 327 -10.54 30.20 22.58
CA GLU C 327 -9.95 31.04 21.54
C GLU C 327 -10.87 31.32 20.34
N THR C 328 -10.41 32.22 19.45
CA THR C 328 -11.06 32.51 18.16
C THR C 328 -10.00 32.91 17.11
N HIS C 329 -10.12 32.32 15.91
CA HIS C 329 -9.24 32.64 14.78
C HIS C 329 -9.85 33.80 14.03
N TYR C 330 -9.00 34.77 13.69
CA TYR C 330 -9.41 35.94 12.90
C TYR C 330 -8.52 36.09 11.68
N THR C 331 -9.01 36.88 10.74
CA THR C 331 -8.20 37.33 9.61
C THR C 331 -8.78 38.68 9.13
N THR C 332 -8.29 39.19 8.00
CA THR C 332 -8.56 40.56 7.53
C THR C 332 -7.63 41.47 8.34
N PHE C 333 -6.34 41.39 8.02
CA PHE C 333 -5.30 42.17 8.65
C PHE C 333 -4.67 43.06 7.59
N SER C 334 -5.27 44.23 7.39
CA SER C 334 -4.79 45.23 6.44
C SER C 334 -3.66 46.03 7.10
N LEU C 335 -2.56 45.35 7.41
CA LEU C 335 -1.64 45.79 8.45
C LEU C 335 -0.94 47.10 8.15
N TRP C 336 -0.34 47.22 6.97
CA TRP C 336 0.34 48.46 6.55
C TRP C 336 -0.47 49.74 6.83
N ASP C 337 -1.79 49.63 6.82
CA ASP C 337 -2.66 50.71 7.28
C ASP C 337 -2.89 50.62 8.79
N THR C 338 -3.42 49.49 9.23
CA THR C 338 -4.01 49.35 10.57
C THR C 338 -3.05 49.34 11.78
N PHE C 339 -1.75 49.11 11.54
CA PHE C 339 -0.78 49.12 12.65
C PHE C 339 -0.57 50.54 13.18
N ARG C 340 -0.83 51.53 12.32
CA ARG C 340 -0.63 52.93 12.65
C ARG C 340 -1.56 53.42 13.76
N ALA C 341 -2.85 53.07 13.68
CA ALA C 341 -3.84 53.54 14.66
C ALA C 341 -4.87 52.50 15.10
N SER C 342 -5.49 51.83 14.13
CA SER C 342 -6.46 50.75 14.42
C SER C 342 -6.01 49.78 15.55
N HIS C 343 -4.79 49.26 15.46
CA HIS C 343 -4.29 48.25 16.42
C HIS C 343 -3.98 48.80 17.81
N PRO C 344 -3.38 50.01 17.89
CA PRO C 344 -3.36 50.73 19.16
C PRO C 344 -4.76 51.00 19.75
N LEU C 345 -5.73 51.41 18.93
CA LEU C 345 -7.11 51.56 19.41
C LEU C 345 -7.70 50.26 19.97
N TYR C 346 -7.32 49.12 19.37
CA TYR C 346 -7.78 47.82 19.87
C TYR C 346 -7.17 47.50 21.25
N THR C 347 -5.91 47.87 21.47
CA THR C 347 -5.27 47.67 22.79
C THR C 347 -5.98 48.42 23.92
N LEU C 348 -6.67 49.51 23.60
CA LEU C 348 -7.52 50.20 24.57
C LEU C 348 -8.85 49.49 24.79
N LEU C 349 -9.61 49.22 23.72
CA LEU C 349 -11.01 48.75 23.80
C LEU C 349 -11.28 47.22 23.71
N GLU C 350 -10.32 46.47 23.16
CA GLU C 350 -10.51 45.06 22.82
C GLU C 350 -9.28 44.22 23.23
N PRO C 351 -8.87 44.32 24.51
CA PRO C 351 -7.65 43.61 24.93
C PRO C 351 -7.73 42.07 24.82
N GLU C 352 -8.93 41.51 24.95
CA GLU C 352 -9.14 40.06 24.79
C GLU C 352 -8.92 39.67 23.32
N ARG C 353 -9.57 40.41 22.41
CA ARG C 353 -9.44 40.18 20.97
C ARG C 353 -8.04 40.37 20.43
N VAL C 354 -7.26 41.26 21.03
CA VAL C 354 -5.86 41.49 20.62
C VAL C 354 -5.02 40.23 20.84
N THR C 355 -5.31 39.51 21.93
CA THR C 355 -4.68 38.22 22.19
C THR C 355 -4.99 37.26 21.04
N ASP C 356 -6.28 37.12 20.72
CA ASP C 356 -6.71 36.31 19.58
C ASP C 356 -6.10 36.73 18.24
N PHE C 357 -6.06 38.04 17.98
CA PHE C 357 -5.43 38.58 16.77
C PHE C 357 -3.96 38.19 16.71
N VAL C 358 -3.26 38.35 17.83
CA VAL C 358 -1.83 38.06 17.91
C VAL C 358 -1.57 36.56 17.70
N LYS C 359 -2.38 35.73 18.36
CA LYS C 359 -2.38 34.28 18.13
C LYS C 359 -2.63 33.94 16.65
N SER C 360 -3.66 34.58 16.07
CA SER C 360 -4.00 34.40 14.65
C SER C 360 -2.83 34.72 13.74
N MET C 361 -2.10 35.78 14.07
CA MET C 361 -0.93 36.16 13.30
C MET C 361 0.17 35.12 13.44
N ILE C 362 0.39 34.68 14.68
CA ILE C 362 1.48 33.73 14.96
C ILE C 362 1.25 32.41 14.21
N ARG C 363 -0.01 31.98 14.11
CA ARG C 363 -0.35 30.79 13.31
C ARG C 363 0.16 30.85 11.85
N GLN C 364 0.09 32.00 11.19
CA GLN C 364 0.68 32.09 9.86
C GLN C 364 2.18 31.81 9.94
N TYR C 365 2.85 32.32 10.97
CA TYR C 365 4.25 31.98 11.14
C TYR C 365 4.40 30.45 11.30
N GLU C 366 3.56 29.85 12.13
CA GLU C 366 3.66 28.40 12.44
C GLU C 366 3.55 27.54 11.18
N TYR C 367 2.65 27.92 10.27
CA TYR C 367 2.33 27.09 9.10
C TYR C 367 2.88 27.59 7.77
N TYR C 368 3.17 28.89 7.66
CA TYR C 368 3.66 29.50 6.43
C TYR C 368 5.16 29.87 6.43
N GLY C 369 5.75 30.07 7.62
CA GLY C 369 7.17 30.44 7.74
C GLY C 369 7.44 31.86 8.24
N TYR C 370 6.45 32.75 8.10
CA TYR C 370 6.58 34.13 8.56
C TYR C 370 5.24 34.82 8.77
N LEU C 371 5.30 35.96 9.46
CA LEU C 371 4.10 36.66 9.95
C LEU C 371 3.35 37.41 8.84
N PRO C 372 2.04 37.64 9.03
CA PRO C 372 1.26 38.32 7.98
C PRO C 372 1.71 39.75 7.64
N ILE C 373 1.75 40.01 6.35
CA ILE C 373 2.06 41.31 5.77
C ILE C 373 0.73 41.96 5.43
N TRP C 374 -0.09 41.28 4.62
CA TRP C 374 -1.49 41.65 4.41
C TRP C 374 -2.33 40.38 4.33
N GLN C 375 -3.18 40.14 5.33
CA GLN C 375 -3.91 38.89 5.41
C GLN C 375 -5.40 38.99 5.06
N LEU C 376 -5.84 38.01 4.25
CA LEU C 376 -7.16 37.94 3.67
C LEU C 376 -7.56 36.47 3.64
N TRP C 377 -8.76 36.16 4.12
CA TRP C 377 -9.26 34.77 4.17
C TRP C 377 -8.17 33.75 4.58
N GLY C 378 -7.45 34.08 5.66
CA GLY C 378 -6.50 33.17 6.31
C GLY C 378 -5.11 33.08 5.68
N GLN C 379 -4.84 33.90 4.66
CA GLN C 379 -3.58 33.81 3.94
C GLN C 379 -3.05 35.17 3.50
N ASP C 380 -1.75 35.23 3.30
CA ASP C 380 -1.06 36.46 2.92
C ASP C 380 -1.21 36.73 1.43
N ASN C 381 -1.51 37.98 1.04
CA ASN C 381 -1.40 38.41 -0.37
C ASN C 381 -0.25 39.41 -0.65
N TYR C 382 0.61 39.65 0.35
CA TYR C 382 1.81 40.50 0.24
C TYR C 382 1.59 41.99 -0.15
N CYS C 383 0.38 42.51 0.01
CA CYS C 383 0.05 43.87 -0.41
C CYS C 383 0.83 44.91 0.41
N MET C 384 1.22 45.99 -0.26
CA MET C 384 2.01 47.09 0.32
CA MET C 384 2.01 47.08 0.33
C MET C 384 3.39 46.59 0.75
N ILE C 385 3.93 47.07 1.89
CA ILE C 385 5.34 46.80 2.27
C ILE C 385 5.52 46.59 3.77
N GLY C 386 6.74 46.20 4.14
CA GLY C 386 7.11 45.98 5.52
C GLY C 386 6.52 44.71 6.13
N ASN C 387 6.85 44.49 7.39
CA ASN C 387 6.43 43.31 8.13
C ASN C 387 5.65 43.78 9.34
N HIS C 388 4.53 44.45 9.08
CA HIS C 388 3.82 45.20 10.11
C HIS C 388 2.83 44.41 10.94
N SER C 389 3.07 43.11 11.05
CA SER C 389 2.56 42.34 12.17
C SER C 389 3.43 42.66 13.40
N ILE C 390 4.74 42.85 13.17
CA ILE C 390 5.72 43.00 14.24
C ILE C 390 5.39 44.13 15.25
N PRO C 391 5.06 45.35 14.78
CA PRO C 391 4.60 46.42 15.69
C PRO C 391 3.37 46.05 16.51
N VAL C 392 2.40 45.38 15.89
CA VAL C 392 1.16 45.00 16.61
C VAL C 392 1.47 44.06 17.76
N ILE C 393 2.32 43.07 17.50
CA ILE C 393 2.70 42.05 18.49
C ILE C 393 3.55 42.68 19.60
N THR C 394 4.56 43.48 19.21
CA THR C 394 5.43 44.21 20.16
C THR C 394 4.61 45.13 21.06
N ASP C 395 3.69 45.89 20.45
CA ASP C 395 2.79 46.78 21.19
C ASP C 395 2.00 46.04 22.27
N ALA C 396 1.38 44.93 21.88
CA ALA C 396 0.56 44.15 22.80
C ALA C 396 1.37 43.56 23.95
N ILE C 397 2.59 43.11 23.66
CA ILE C 397 3.48 42.51 24.67
C ILE C 397 3.98 43.59 25.67
N LEU C 398 4.47 44.72 25.15
CA LEU C 398 4.99 45.81 25.99
C LEU C 398 3.89 46.47 26.85
N LYS C 399 2.70 46.62 26.30
CA LYS C 399 1.55 47.11 27.07
C LYS C 399 0.97 46.06 28.04
N GLY C 400 1.46 44.82 27.97
CA GLY C 400 1.05 43.77 28.90
C GLY C 400 -0.35 43.27 28.64
N ILE C 401 -0.65 43.00 27.37
CA ILE C 401 -1.93 42.40 26.99
C ILE C 401 -1.90 40.95 27.50
N PRO C 402 -3.00 40.50 28.13
CA PRO C 402 -3.01 39.16 28.74
C PRO C 402 -3.04 37.96 27.77
N GLY C 403 -2.35 36.89 28.14
CA GLY C 403 -2.50 35.58 27.51
C GLY C 403 -1.67 35.33 26.27
N ILE C 404 -0.59 36.09 26.09
CA ILE C 404 0.27 35.97 24.91
C ILE C 404 1.57 35.27 25.28
N ASP C 405 1.76 34.08 24.73
CA ASP C 405 2.99 33.31 24.95
C ASP C 405 4.16 34.08 24.35
N MET C 406 4.94 34.72 25.21
CA MET C 406 5.94 35.70 24.79
C MET C 406 7.10 35.09 23.99
N GLU C 407 7.56 33.91 24.41
CA GLU C 407 8.72 33.27 23.76
C GLU C 407 8.37 32.77 22.34
N LYS C 408 7.15 32.27 22.14
CA LYS C 408 6.68 31.89 20.80
C LYS C 408 6.50 33.16 19.94
N ALA C 409 5.86 34.17 20.52
CA ALA C 409 5.71 35.46 19.84
C ALA C 409 7.05 36.04 19.39
N TYR C 410 8.08 35.91 20.22
CA TYR C 410 9.41 36.40 19.87
C TYR C 410 10.07 35.55 18.76
N GLU C 411 9.86 34.23 18.81
CA GLU C 411 10.36 33.29 17.78
C GLU C 411 9.78 33.66 16.41
N ALA C 412 8.46 33.89 16.38
CA ALA C 412 7.77 34.36 15.18
C ALA C 412 8.40 35.64 14.65
N VAL C 413 8.51 36.63 15.53
CA VAL C 413 9.01 37.96 15.18
C VAL C 413 10.46 37.91 14.70
N TYR C 414 11.31 37.23 15.46
CA TYR C 414 12.72 37.11 15.14
C TYR C 414 12.91 36.45 13.78
N ASN C 415 12.29 35.27 13.60
CA ASN C 415 12.38 34.52 12.33
C ASN C 415 11.76 35.26 11.15
N SER C 416 10.65 35.97 11.39
CA SER C 416 10.08 36.87 10.36
C SER C 416 11.06 37.96 9.93
N SER C 417 11.94 38.37 10.85
CA SER C 417 12.93 39.42 10.61
C SER C 417 14.29 38.96 10.08
N VAL C 418 14.67 37.67 10.25
CA VAL C 418 15.94 37.14 9.65
C VAL C 418 15.78 36.27 8.40
N THR C 419 14.63 35.60 8.26
CA THR C 419 14.33 34.72 7.12
C THR C 419 13.81 35.52 5.93
N SER C 420 14.60 35.61 4.87
CA SER C 420 14.29 36.44 3.72
C SER C 420 13.08 35.92 2.93
N HIS C 421 12.33 36.85 2.35
CA HIS C 421 11.08 36.53 1.65
C HIS C 421 10.69 37.74 0.78
N PRO C 422 9.56 37.69 0.04
CA PRO C 422 9.28 38.77 -0.91
C PRO C 422 9.23 40.17 -0.28
N ASN C 423 9.93 41.11 -0.91
CA ASN C 423 10.13 42.50 -0.42
C ASN C 423 10.99 42.67 0.87
N SER C 424 11.67 41.61 1.30
CA SER C 424 12.52 41.62 2.49
C SER C 424 13.79 40.79 2.25
N PRO C 425 14.72 41.27 1.41
CA PRO C 425 16.03 40.61 1.31
C PRO C 425 16.96 41.02 2.47
N PHE C 426 16.88 40.29 3.58
CA PHE C 426 17.59 40.62 4.82
C PHE C 426 19.11 40.40 4.79
N GLU C 427 19.60 39.64 3.82
CA GLU C 427 21.05 39.51 3.61
C GLU C 427 21.58 40.78 2.91
N VAL C 428 20.78 41.32 1.99
CA VAL C 428 21.09 42.61 1.33
C VAL C 428 20.98 43.76 2.34
N TRP C 429 19.93 43.74 3.17
CA TRP C 429 19.70 44.70 4.25
C TRP C 429 20.97 44.92 5.09
N GLU C 430 21.49 43.83 5.65
CA GLU C 430 22.62 43.91 6.56
C GLU C 430 23.99 44.06 5.87
N LYS C 431 24.12 43.67 4.61
CA LYS C 431 25.36 43.91 3.85
C LYS C 431 25.56 45.39 3.54
N TYR C 432 24.47 46.12 3.34
CA TYR C 432 24.52 47.52 2.87
C TYR C 432 24.11 48.58 3.91
N GLY C 433 23.31 48.20 4.90
CA GLY C 433 22.69 49.17 5.81
C GLY C 433 21.55 49.97 5.20
N PHE C 434 21.00 49.49 4.09
CA PHE C 434 19.83 50.10 3.42
C PHE C 434 19.42 49.21 2.24
N MET C 435 18.24 49.48 1.68
CA MET C 435 17.78 48.83 0.45
C MET C 435 18.26 49.64 -0.74
N PRO C 436 19.18 49.09 -1.55
CA PRO C 436 19.54 49.79 -2.80
C PRO C 436 18.45 49.65 -3.87
N GLU C 437 17.98 50.77 -4.42
CA GLU C 437 16.84 50.79 -5.36
C GLU C 437 16.97 49.82 -6.55
N ASN C 438 18.18 49.73 -7.11
CA ASN C 438 18.44 48.79 -8.21
C ASN C 438 18.49 47.29 -7.79
N ILE C 439 18.77 47.00 -6.52
CA ILE C 439 18.75 45.63 -6.00
C ILE C 439 17.35 45.25 -5.48
N GLN C 440 16.63 46.20 -4.87
CA GLN C 440 15.25 45.99 -4.37
C GLN C 440 14.42 47.28 -4.55
N THR C 441 13.27 47.20 -5.21
CA THR C 441 12.45 48.40 -5.48
C THR C 441 11.66 48.85 -4.24
N GLN C 442 10.95 49.98 -4.35
CA GLN C 442 10.29 50.66 -3.21
C GLN C 442 11.25 50.91 -2.02
N SER C 443 12.51 51.19 -2.37
CA SER C 443 13.65 51.05 -1.43
C SER C 443 13.63 52.01 -0.23
N VAL C 444 13.22 53.24 -0.44
CA VAL C 444 13.28 54.25 0.62
C VAL C 444 12.18 53.98 1.65
N SER C 445 10.94 53.82 1.18
CA SER C 445 9.81 53.47 2.06
C SER C 445 10.07 52.21 2.89
N ILE C 446 10.60 51.18 2.23
CA ILE C 446 10.94 49.92 2.91
C ILE C 446 12.05 50.15 3.94
N THR C 447 13.10 50.88 3.54
CA THR C 447 14.19 51.21 4.46
C THR C 447 13.66 51.89 5.72
N LEU C 448 12.81 52.90 5.55
CA LEU C 448 12.22 53.62 6.68
C LEU C 448 11.29 52.76 7.52
N GLU C 449 10.36 52.08 6.86
CA GLU C 449 9.34 51.26 7.55
C GLU C 449 9.94 50.00 8.21
N GLN C 450 10.90 49.35 7.53
CA GLN C 450 11.59 48.17 8.09
C GLN C 450 12.50 48.51 9.29
N ALA C 451 13.09 49.71 9.27
CA ALA C 451 13.85 50.23 10.42
C ALA C 451 12.97 50.34 11.68
N PHE C 452 11.76 50.87 11.51
CA PHE C 452 10.79 50.90 12.61
C PHE C 452 10.40 49.50 13.07
N ASP C 453 10.25 48.57 12.11
CA ASP C 453 9.94 47.17 12.46
C ASP C 453 11.08 46.58 13.29
N ASP C 454 12.32 46.74 12.79
CA ASP C 454 13.52 46.31 13.52
C ASP C 454 13.69 46.98 14.91
N TRP C 455 13.20 48.21 15.07
CA TRP C 455 13.14 48.86 16.39
C TRP C 455 12.25 48.05 17.33
N CYS C 456 11.01 47.80 16.90
CA CYS C 456 10.06 46.98 17.67
C CYS C 456 10.64 45.61 18.04
N VAL C 457 11.41 45.00 17.14
CA VAL C 457 12.09 43.73 17.42
C VAL C 457 13.02 43.91 18.62
N ALA C 458 13.93 44.87 18.52
CA ALA C 458 14.89 45.15 19.60
C ALA C 458 14.22 45.43 20.95
N GLN C 459 13.01 46.04 20.96
CA GLN C 459 12.30 46.30 22.22
C GLN C 459 11.88 45.01 22.93
N LEU C 460 11.21 44.11 22.20
CA LEU C 460 10.89 42.78 22.73
C LEU C 460 12.19 42.01 23.09
N ALA C 461 13.26 42.19 22.30
CA ALA C 461 14.59 41.57 22.61
C ALA C 461 15.21 42.05 23.92
N ALA C 462 15.04 43.35 24.21
CA ALA C 462 15.38 43.91 25.53
C ALA C 462 14.43 43.41 26.63
N LYS C 463 13.14 43.36 26.33
CA LYS C 463 12.12 42.85 27.27
C LYS C 463 12.40 41.40 27.71
N LEU C 464 12.95 40.58 26.81
CA LEU C 464 13.35 39.19 27.10
C LEU C 464 14.88 39.01 27.25
N ASN C 465 15.59 40.09 27.59
CA ASN C 465 17.01 40.09 28.01
C ASN C 465 18.03 39.46 27.05
N LYS C 466 17.90 39.77 25.76
CA LYS C 466 18.81 39.21 24.74
C LYS C 466 19.70 40.33 24.19
N ASP C 467 20.79 40.58 24.92
CA ASP C 467 21.73 41.67 24.61
C ASP C 467 22.47 41.48 23.29
N ALA C 468 22.64 40.23 22.85
CA ALA C 468 23.20 39.92 21.53
C ALA C 468 22.21 40.31 20.43
N ASP C 469 20.93 39.99 20.63
CA ASP C 469 19.86 40.31 19.67
C ASP C 469 19.50 41.81 19.66
N TYR C 470 19.36 42.42 20.83
CA TYR C 470 19.13 43.89 20.94
C TYR C 470 20.18 44.69 20.15
N GLN C 471 21.46 44.34 20.30
CA GLN C 471 22.57 45.01 19.61
C GLN C 471 22.52 44.86 18.08
N ARG C 472 22.02 43.72 17.61
CA ARG C 472 21.83 43.48 16.17
C ARG C 472 20.70 44.33 15.59
N PHE C 473 19.52 44.29 16.22
CA PHE C 473 18.33 44.98 15.70
C PHE C 473 18.31 46.49 15.97
N HIS C 474 19.03 46.94 17.00
CA HIS C 474 19.25 48.38 17.22
C HIS C 474 20.05 49.00 16.08
N LYS C 475 21.20 48.40 15.74
CA LYS C 475 22.04 48.89 14.61
C LYS C 475 21.26 48.93 13.30
N ARG C 476 20.35 47.96 13.14
CA ARG C 476 19.44 47.90 11.98
C ARG C 476 18.37 48.99 12.00
N SER C 477 17.77 49.25 13.17
CA SER C 477 16.76 50.30 13.34
C SER C 477 17.30 51.72 13.07
N GLU C 478 18.61 51.88 13.14
CA GLU C 478 19.27 53.14 12.77
C GLU C 478 19.75 53.19 11.30
N TYR C 479 19.28 52.28 10.44
CA TYR C 479 19.68 52.28 9.03
C TYR C 479 19.11 53.46 8.22
N TYR C 480 18.02 54.08 8.69
CA TYR C 480 17.47 55.29 8.03
C TYR C 480 18.51 56.40 7.79
N ARG C 481 19.48 56.51 8.73
CA ARG C 481 20.63 57.44 8.62
C ARG C 481 21.45 57.28 7.33
N ASN C 482 21.56 56.05 6.84
CA ASN C 482 22.34 55.77 5.63
C ASN C 482 21.65 56.21 4.33
N LEU C 483 20.34 56.49 4.38
CA LEU C 483 19.59 57.04 3.23
C LEU C 483 19.15 58.52 3.44
N PHE C 484 19.92 59.28 4.23
CA PHE C 484 19.70 60.72 4.47
C PHE C 484 20.80 61.54 3.77
N HIS C 485 20.40 62.52 2.95
CA HIS C 485 21.35 63.39 2.22
C HIS C 485 21.65 64.67 3.06
N PRO C 486 22.94 64.92 3.41
CA PRO C 486 23.26 66.16 4.14
C PRO C 486 23.00 67.46 3.35
N LYS C 487 23.38 67.50 2.08
CA LYS C 487 23.14 68.66 1.21
C LYS C 487 21.66 68.97 0.94
N THR C 488 20.80 67.95 0.88
CA THR C 488 19.36 68.15 0.58
C THR C 488 18.45 68.18 1.83
N LYS C 489 18.87 67.48 2.90
CA LYS C 489 18.05 67.28 4.10
C LYS C 489 16.73 66.53 3.81
N PHE C 490 16.80 65.52 2.93
CA PHE C 490 15.70 64.58 2.64
C PHE C 490 16.19 63.15 2.71
N PHE C 491 15.24 62.22 2.80
CA PHE C 491 15.53 60.80 2.62
C PHE C 491 15.46 60.50 1.13
N GLN C 492 16.54 59.93 0.61
CA GLN C 492 16.71 59.69 -0.83
C GLN C 492 17.29 58.30 -1.13
N SER C 493 17.26 57.93 -2.41
CA SER C 493 17.64 56.60 -2.88
C SER C 493 19.12 56.51 -3.28
N LYS C 494 19.85 55.57 -2.68
CA LYS C 494 21.21 55.20 -3.10
C LYS C 494 21.16 53.95 -4.00
N ASN C 495 22.34 53.48 -4.43
CA ASN C 495 22.47 52.22 -5.19
C ASN C 495 23.55 51.33 -4.58
N ASP C 496 23.83 50.18 -5.20
CA ASP C 496 24.78 49.19 -4.64
C ASP C 496 26.27 49.58 -4.77
N LYS C 497 26.58 50.49 -5.70
CA LYS C 497 27.90 51.13 -5.74
C LYS C 497 28.14 52.06 -4.53
N GLY C 498 27.05 52.45 -3.84
CA GLY C 498 27.08 53.34 -2.68
C GLY C 498 26.60 54.75 -3.01
N GLU C 499 26.41 55.02 -4.30
CA GLU C 499 26.26 56.37 -4.84
C GLU C 499 24.80 56.81 -4.78
N TRP C 500 24.57 58.09 -4.50
CA TRP C 500 23.22 58.69 -4.54
C TRP C 500 22.73 58.74 -5.99
N ILE C 501 21.42 58.75 -6.18
CA ILE C 501 20.82 58.74 -7.51
C ILE C 501 20.45 60.16 -7.93
N GLU C 502 21.33 60.79 -8.71
CA GLU C 502 20.99 62.01 -9.46
C GLU C 502 20.38 61.53 -10.81
N PRO C 503 19.36 62.21 -11.33
CA PRO C 503 18.64 63.31 -10.67
C PRO C 503 17.70 62.81 -9.57
N PHE C 504 17.29 63.72 -8.69
CA PHE C 504 16.29 63.43 -7.66
C PHE C 504 15.29 64.60 -7.58
N ASP C 505 14.02 64.26 -7.44
CA ASP C 505 12.94 65.23 -7.31
C ASP C 505 12.06 64.78 -6.12
N PRO C 506 12.11 65.52 -4.99
CA PRO C 506 11.33 65.07 -3.82
C PRO C 506 9.80 65.24 -3.92
N TYR C 507 9.30 65.89 -4.97
CA TYR C 507 7.84 66.03 -5.21
C TYR C 507 7.25 64.89 -6.05
N GLN C 508 8.10 64.03 -6.63
CA GLN C 508 7.67 63.05 -7.63
C GLN C 508 6.94 61.84 -7.04
N TYR C 509 5.70 61.61 -7.47
CA TYR C 509 4.86 60.52 -6.95
C TYR C 509 5.31 59.13 -7.46
N GLY C 510 4.82 58.09 -6.78
CA GLY C 510 5.13 56.69 -7.11
C GLY C 510 4.00 55.72 -6.81
N GLY C 511 4.00 54.57 -7.50
CA GLY C 511 2.97 53.53 -7.36
C GLY C 511 3.41 52.42 -6.41
N ASN C 512 3.57 51.21 -6.94
CA ASN C 512 4.14 50.06 -6.21
C ASN C 512 5.13 49.28 -7.09
N GLY C 513 6.36 49.80 -7.18
CA GLY C 513 7.43 49.24 -8.04
C GLY C 513 7.86 50.22 -9.13
N GLY C 514 9.17 50.25 -9.41
CA GLY C 514 9.77 51.20 -10.38
C GLY C 514 10.11 52.58 -9.82
N HIS C 515 9.94 52.75 -8.51
CA HIS C 515 10.12 54.03 -7.83
C HIS C 515 10.51 53.69 -6.39
N PRO C 516 11.34 54.53 -5.73
CA PRO C 516 11.73 54.20 -4.35
C PRO C 516 10.69 54.52 -3.26
N PHE C 517 9.54 55.09 -3.65
CA PHE C 517 8.46 55.43 -2.70
C PHE C 517 7.14 54.75 -3.08
N THR C 518 6.34 54.47 -2.05
CA THR C 518 5.11 53.69 -2.16
C THR C 518 3.89 54.61 -1.91
N GLU C 519 3.05 54.78 -2.93
CA GLU C 519 1.85 55.64 -2.84
C GLU C 519 2.14 57.00 -2.17
N GLY C 520 3.19 57.66 -2.63
CA GLY C 520 3.64 58.95 -2.08
C GLY C 520 4.96 59.45 -2.67
N ASN C 521 5.48 60.54 -2.09
CA ASN C 521 6.78 61.15 -2.50
C ASN C 521 7.71 61.37 -1.31
N ALA C 522 8.94 61.78 -1.58
CA ALA C 522 9.96 61.98 -0.54
C ALA C 522 9.56 62.96 0.58
N TRP C 523 8.78 63.99 0.24
CA TRP C 523 8.25 64.95 1.21
C TRP C 523 7.35 64.29 2.25
N GLN C 524 6.54 63.34 1.79
CA GLN C 524 5.57 62.66 2.66
C GLN C 524 6.22 61.56 3.49
N TYR C 525 7.18 60.85 2.89
CA TYR C 525 7.95 59.81 3.60
C TYR C 525 9.08 60.36 4.49
N PHE C 526 9.48 61.63 4.29
CA PHE C 526 10.51 62.27 5.13
C PHE C 526 10.22 62.14 6.63
N TRP C 527 8.94 62.20 7.00
CA TRP C 527 8.50 62.19 8.39
C TRP C 527 8.50 60.83 9.08
N TYR C 528 8.72 59.72 8.35
CA TYR C 528 8.58 58.39 8.95
C TYR C 528 9.86 57.84 9.64
N VAL C 529 10.12 58.38 10.84
CA VAL C 529 11.10 57.82 11.78
C VAL C 529 10.53 57.92 13.20
N PRO C 530 9.33 57.34 13.42
CA PRO C 530 8.61 57.57 14.69
C PRO C 530 9.31 56.98 15.93
N HIS C 531 10.16 55.97 15.74
CA HIS C 531 11.03 55.47 16.81
C HIS C 531 12.16 56.42 17.28
N ASN C 532 12.48 57.45 16.49
CA ASN C 532 13.56 58.38 16.84
C ASN C 532 13.38 59.79 16.24
N ILE C 533 12.41 60.54 16.79
CA ILE C 533 12.13 61.90 16.30
C ILE C 533 13.23 62.87 16.71
N GLN C 534 13.73 62.74 17.94
CA GLN C 534 14.87 63.54 18.43
C GLN C 534 16.07 63.50 17.48
N ALA C 535 16.30 62.35 16.85
CA ALA C 535 17.36 62.18 15.86
C ALA C 535 16.99 62.70 14.46
N LEU C 536 15.69 62.69 14.13
CA LEU C 536 15.21 63.30 12.87
C LEU C 536 15.42 64.80 12.87
N MET C 537 15.05 65.44 13.99
CA MET C 537 15.20 66.89 14.15
C MET C 537 16.69 67.29 14.11
N GLU C 538 17.53 66.57 14.86
CA GLU C 538 18.99 66.71 14.79
C GLU C 538 19.53 66.68 13.34
N LEU C 539 19.11 65.67 12.57
CA LEU C 539 19.55 65.51 11.18
C LEU C 539 19.04 66.60 10.22
N THR C 540 17.84 67.12 10.49
CA THR C 540 17.27 68.23 9.73
C THR C 540 18.09 69.51 9.94
N GLY C 541 18.45 69.77 11.19
CA GLY C 541 19.32 70.90 11.59
C GLY C 541 18.79 71.69 12.77
N GLY C 542 18.59 71.01 13.91
CA GLY C 542 17.99 71.63 15.10
C GLY C 542 16.48 71.80 14.99
N THR C 543 15.83 72.06 16.12
CA THR C 543 14.36 72.08 16.20
C THR C 543 13.72 73.24 15.43
N LYS C 544 14.45 74.35 15.27
CA LYS C 544 13.96 75.49 14.47
C LYS C 544 13.79 75.07 13.01
N ALA C 545 14.82 74.41 12.45
CA ALA C 545 14.79 73.91 11.07
C ALA C 545 13.64 72.93 10.80
N PHE C 546 13.39 72.04 11.77
CA PHE C 546 12.29 71.06 11.70
C PHE C 546 10.93 71.74 11.58
N GLU C 547 10.69 72.78 12.37
CA GLU C 547 9.49 73.61 12.26
C GLU C 547 9.37 74.22 10.85
N GLN C 548 10.50 74.70 10.30
CA GLN C 548 10.52 75.27 8.95
C GLN C 548 10.13 74.25 7.87
N LYS C 549 10.74 73.05 7.93
CA LYS C 549 10.42 71.94 6.99
C LYS C 549 8.95 71.56 7.05
N LEU C 550 8.44 71.36 8.28
CA LEU C 550 7.00 71.12 8.50
C LEU C 550 6.12 72.21 7.92
N ASP C 551 6.52 73.47 8.12
CA ASP C 551 5.75 74.62 7.61
C ASP C 551 5.63 74.63 6.06
N THR C 552 6.73 74.36 5.37
CA THR C 552 6.71 74.25 3.91
C THR C 552 5.78 73.11 3.47
N PHE C 553 6.01 71.93 4.05
CA PHE C 553 5.22 70.72 3.78
C PHE C 553 3.72 71.01 3.84
N PHE C 554 3.29 71.66 4.92
CA PHE C 554 1.86 71.96 5.14
C PHE C 554 1.28 73.14 4.33
N THR C 555 2.11 73.84 3.55
CA THR C 555 1.65 75.03 2.78
C THR C 555 2.03 75.10 1.29
N SER C 556 2.81 74.14 0.75
CA SER C 556 3.34 74.21 -0.63
C SER C 556 2.40 74.80 -1.72
N THR C 557 1.21 74.21 -1.89
CA THR C 557 0.16 74.72 -2.81
C THR C 557 0.61 74.81 -4.27
N GLY C 569 -8.63 68.09 -1.98
CA GLY C 569 -8.80 68.19 -0.53
C GLY C 569 -7.52 67.98 0.26
N PHE C 570 -6.47 68.70 -0.14
CA PHE C 570 -5.13 68.61 0.47
C PHE C 570 -4.90 69.69 1.53
N VAL C 571 -3.80 69.55 2.27
CA VAL C 571 -3.29 70.62 3.14
C VAL C 571 -1.82 70.81 2.78
N GLY C 572 -1.59 71.42 1.61
CA GLY C 572 -0.25 71.52 1.04
C GLY C 572 0.15 70.17 0.49
N GLN C 573 1.35 69.70 0.83
CA GLN C 573 1.79 68.35 0.45
C GLN C 573 1.15 67.22 1.28
N TYR C 574 0.52 67.55 2.40
CA TYR C 574 -0.19 66.57 3.23
C TYR C 574 -1.50 66.17 2.55
N ALA C 575 -1.61 64.87 2.23
CA ALA C 575 -2.86 64.25 1.80
C ALA C 575 -3.32 63.30 2.89
N HIS C 576 -4.51 63.50 3.41
CA HIS C 576 -5.00 62.70 4.54
C HIS C 576 -5.29 61.22 4.18
N GLY C 577 -5.64 60.94 2.91
CA GLY C 577 -5.89 59.56 2.45
C GLY C 577 -4.70 58.61 2.41
N ASN C 578 -3.49 59.18 2.39
CA ASN C 578 -2.26 58.40 2.37
C ASN C 578 -1.67 58.24 3.80
N GLU C 579 -1.50 56.97 4.19
CA GLU C 579 -1.23 56.58 5.58
C GLU C 579 0.16 56.91 6.13
N PRO C 580 1.18 57.06 5.27
CA PRO C 580 2.49 57.49 5.83
C PRO C 580 2.50 58.90 6.47
N SER C 581 1.56 59.76 6.06
CA SER C 581 1.40 61.11 6.59
C SER C 581 0.55 61.19 7.87
N HIS C 582 -0.15 60.12 8.24
CA HIS C 582 -1.15 60.16 9.34
C HIS C 582 -0.68 60.67 10.73
N HIS C 583 0.62 60.52 11.01
CA HIS C 583 1.25 61.02 12.25
C HIS C 583 1.82 62.45 12.25
N VAL C 584 1.83 63.13 11.10
CA VAL C 584 2.69 64.33 10.88
C VAL C 584 2.18 65.64 11.51
N ALA C 585 0.86 65.80 11.59
CA ALA C 585 0.27 66.96 12.28
C ALA C 585 0.70 67.04 13.77
N TYR C 586 0.96 65.89 14.38
CA TYR C 586 1.38 65.81 15.78
C TYR C 586 2.90 66.01 15.98
N LEU C 587 3.65 66.26 14.90
CA LEU C 587 5.11 66.45 15.00
C LEU C 587 5.53 67.90 15.35
N TYR C 588 4.59 68.84 15.38
CA TYR C 588 4.88 70.19 15.85
C TYR C 588 5.17 70.20 17.37
N ASN C 589 4.47 69.35 18.14
CA ASN C 589 4.79 69.14 19.58
C ASN C 589 6.27 68.89 19.83
N PHE C 590 6.89 68.11 18.94
CA PHE C 590 8.30 67.74 19.04
C PHE C 590 9.20 68.91 18.62
N ALA C 591 8.77 69.65 17.59
CA ALA C 591 9.46 70.86 17.10
C ALA C 591 9.55 71.99 18.14
N GLY C 592 8.53 72.11 19.00
CA GLY C 592 8.43 73.16 20.01
C GLY C 592 7.29 74.16 19.82
N GLN C 593 6.43 73.94 18.82
CA GLN C 593 5.25 74.79 18.58
C GLN C 593 3.91 74.00 18.61
N PRO C 594 3.50 73.48 19.79
CA PRO C 594 2.22 72.79 20.02
C PRO C 594 0.92 73.40 19.48
N TRP C 595 0.85 74.72 19.43
CA TRP C 595 -0.32 75.41 18.85
C TRP C 595 -0.53 75.03 17.36
N LYS C 596 0.57 74.80 16.63
CA LYS C 596 0.54 74.42 15.19
C LYS C 596 0.01 72.97 14.97
N THR C 597 0.36 72.05 15.88
CA THR C 597 -0.30 70.73 15.96
C THR C 597 -1.80 70.88 16.19
N GLN C 598 -2.18 71.67 17.18
CA GLN C 598 -3.60 71.91 17.50
C GLN C 598 -4.38 72.52 16.33
N LYS C 599 -3.71 73.36 15.56
CA LYS C 599 -4.28 74.04 14.41
C LYS C 599 -4.67 73.05 13.30
N TYR C 600 -3.69 72.29 12.83
CA TYR C 600 -3.89 71.38 11.69
C TYR C 600 -4.78 70.18 12.00
N VAL C 601 -4.54 69.53 13.14
CA VAL C 601 -5.38 68.41 13.62
C VAL C 601 -6.88 68.81 13.69
N SER C 602 -7.15 70.04 14.14
CA SER C 602 -8.54 70.56 14.16
C SER C 602 -9.08 70.87 12.77
N HIS C 603 -8.21 71.33 11.86
CA HIS C 603 -8.59 71.57 10.46
C HIS C 603 -9.02 70.25 9.80
N ILE C 604 -8.18 69.23 9.98
CA ILE C 604 -8.41 67.90 9.41
C ILE C 604 -9.72 67.33 9.92
N LEU C 605 -9.89 67.31 11.25
CA LEU C 605 -11.11 66.78 11.90
C LEU C 605 -12.40 67.45 11.41
N ASN C 606 -12.33 68.73 11.10
CA ASN C 606 -13.50 69.52 10.74
C ASN C 606 -13.76 69.56 9.23
N THR C 607 -12.70 69.62 8.42
CA THR C 607 -12.83 69.70 6.95
C THR C 607 -12.92 68.33 6.25
N LEU C 608 -11.94 67.46 6.52
CA LEU C 608 -11.72 66.23 5.74
C LEU C 608 -12.54 64.98 6.12
N TYR C 609 -13.37 65.08 7.15
CA TYR C 609 -14.37 64.07 7.50
C TYR C 609 -15.75 64.69 7.39
N ASN C 610 -16.72 63.89 6.95
CA ASN C 610 -18.07 64.38 6.73
C ASN C 610 -19.12 63.28 6.92
N ASN C 611 -20.39 63.66 6.73
CA ASN C 611 -21.54 62.76 6.86
C ASN C 611 -22.34 62.62 5.54
N THR C 612 -21.64 62.82 4.42
CA THR C 612 -22.17 62.55 3.08
C THR C 612 -21.84 61.09 2.71
N SER C 613 -22.24 60.68 1.50
CA SER C 613 -21.78 59.41 0.95
C SER C 613 -20.24 59.37 0.83
N SER C 614 -19.61 60.53 0.60
CA SER C 614 -18.13 60.62 0.51
C SER C 614 -17.45 60.13 1.79
N GLY C 615 -17.87 60.68 2.93
CA GLY C 615 -17.38 60.26 4.24
C GLY C 615 -15.95 60.61 4.64
N TYR C 616 -14.97 60.20 3.82
CA TYR C 616 -13.54 60.23 4.18
C TYR C 616 -12.71 60.72 3.01
N ALA C 617 -11.45 61.04 3.30
CA ALA C 617 -10.58 61.68 2.33
C ALA C 617 -9.70 60.62 1.68
N GLY C 618 -10.35 59.59 1.15
CA GLY C 618 -9.68 58.35 0.71
C GLY C 618 -10.43 57.14 1.23
N ASN C 619 -9.99 55.95 0.81
CA ASN C 619 -10.57 54.67 1.26
C ASN C 619 -10.33 54.44 2.76
N ASP C 620 -11.33 53.91 3.45
CA ASP C 620 -11.26 53.71 4.90
C ASP C 620 -10.08 52.82 5.36
N ASP C 621 -9.64 51.89 4.50
CA ASP C 621 -8.52 50.97 4.78
C ASP C 621 -8.79 50.14 6.05
N CYS C 622 -9.90 49.41 6.03
CA CYS C 622 -10.34 48.56 7.14
C CYS C 622 -10.38 49.35 8.46
N GLY C 623 -11.02 50.51 8.39
CA GLY C 623 -11.21 51.40 9.52
C GLY C 623 -10.05 52.28 9.97
N GLN C 624 -8.91 52.25 9.28
CA GLN C 624 -7.73 53.03 9.74
C GLN C 624 -7.95 54.55 9.66
N MET C 625 -8.72 55.01 8.67
CA MET C 625 -9.12 56.43 8.56
C MET C 625 -10.08 56.77 9.69
N SER C 626 -11.07 55.92 9.88
CA SER C 626 -11.97 56.04 11.03
C SER C 626 -11.28 55.98 12.41
N ALA C 627 -10.21 55.18 12.52
CA ALA C 627 -9.45 55.06 13.78
C ALA C 627 -8.68 56.33 14.10
N TRP C 628 -8.18 57.02 13.07
CA TRP C 628 -7.51 58.32 13.20
C TRP C 628 -8.46 59.35 13.86
N TYR C 629 -9.67 59.46 13.33
CA TYR C 629 -10.69 60.37 13.86
C TYR C 629 -11.06 60.03 15.30
N VAL C 630 -11.16 58.74 15.62
CA VAL C 630 -11.50 58.33 16.97
C VAL C 630 -10.42 58.81 17.94
N PHE C 631 -9.16 58.53 17.64
CA PHE C 631 -8.02 59.03 18.45
C PHE C 631 -7.94 60.57 18.51
N SER C 632 -8.03 61.22 17.35
CA SER C 632 -7.87 62.68 17.25
C SER C 632 -9.02 63.49 17.85
N ALA C 633 -10.26 62.99 17.75
CA ALA C 633 -11.38 63.63 18.42
C ALA C 633 -11.30 63.49 19.95
N MET C 634 -10.70 62.40 20.42
CA MET C 634 -10.46 62.19 21.85
C MET C 634 -9.34 63.11 22.37
N GLY C 635 -8.36 63.41 21.52
CA GLY C 635 -7.34 64.42 21.81
C GLY C 635 -5.88 64.01 21.74
N PHE C 636 -5.59 62.75 21.40
CA PHE C 636 -4.21 62.23 21.33
C PHE C 636 -4.10 61.18 20.21
N TYR C 637 -2.89 60.75 19.85
CA TYR C 637 -2.69 59.83 18.72
C TYR C 637 -1.32 59.11 18.75
N PRO C 638 -1.29 57.77 18.53
CA PRO C 638 -0.05 56.97 18.63
C PRO C 638 0.96 57.14 17.46
N VAL C 639 1.78 58.18 17.57
CA VAL C 639 2.78 58.55 16.55
C VAL C 639 3.82 57.44 16.35
N ASN C 640 4.31 56.92 17.47
CA ASN C 640 5.01 55.65 17.52
C ASN C 640 3.99 54.63 18.02
N PRO C 641 3.48 53.75 17.13
CA PRO C 641 2.43 52.81 17.55
C PRO C 641 2.86 51.70 18.53
N ALA C 642 4.16 51.60 18.81
CA ALA C 642 4.70 50.69 19.84
C ALA C 642 5.48 51.39 21.00
N ASP C 643 5.46 52.74 21.08
CA ASP C 643 6.10 53.51 22.18
C ASP C 643 5.35 53.42 23.50
N GLY C 644 4.05 53.12 23.45
CA GLY C 644 3.17 53.19 24.62
C GLY C 644 2.64 54.59 24.90
N ARG C 645 3.11 55.58 24.12
CA ARG C 645 2.86 57.00 24.39
C ARG C 645 1.93 57.57 23.30
N TYR C 646 0.86 58.25 23.73
CA TYR C 646 -0.11 58.88 22.83
C TYR C 646 0.04 60.42 22.81
N ILE C 647 0.54 60.96 21.70
CA ILE C 647 0.85 62.39 21.60
C ILE C 647 -0.40 63.25 21.48
N ILE C 648 -0.44 64.35 22.22
CA ILE C 648 -1.65 65.18 22.39
C ILE C 648 -1.84 66.13 21.20
N GLY C 649 -3.10 66.28 20.78
CA GLY C 649 -3.49 67.18 19.71
C GLY C 649 -4.48 68.23 20.19
N SER C 650 -5.74 68.10 19.79
CA SER C 650 -6.78 69.08 20.09
C SER C 650 -8.17 68.45 20.05
N PRO C 651 -8.80 68.23 21.21
CA PRO C 651 -10.14 67.58 21.21
C PRO C 651 -11.23 68.35 20.45
N LEU C 652 -12.11 67.63 19.76
CA LEU C 652 -13.28 68.22 19.09
C LEU C 652 -14.55 68.11 19.95
N LEU C 653 -14.49 67.30 21.01
CA LEU C 653 -15.67 66.89 21.79
C LEU C 653 -15.74 67.57 23.17
N ASP C 654 -16.94 67.61 23.75
CA ASP C 654 -17.16 68.20 25.06
C ASP C 654 -16.57 67.32 26.18
N GLU C 655 -16.89 66.03 26.13
CA GLU C 655 -16.41 65.07 27.13
C GLU C 655 -16.56 63.65 26.60
N CYS C 656 -15.67 62.74 27.03
CA CYS C 656 -15.85 61.32 26.71
C CYS C 656 -15.18 60.41 27.73
N THR C 657 -15.87 59.31 28.06
CA THR C 657 -15.37 58.32 29.00
C THR C 657 -15.21 56.97 28.30
N LEU C 658 -14.05 56.34 28.52
CA LEU C 658 -13.71 55.02 27.99
C LEU C 658 -13.99 53.96 29.05
N LYS C 659 -15.09 53.22 28.92
CA LYS C 659 -15.45 52.18 29.90
C LYS C 659 -14.54 50.96 29.69
N LEU C 660 -13.38 50.97 30.36
CA LEU C 660 -12.27 50.02 30.11
C LEU C 660 -12.30 48.73 30.96
N ALA C 661 -11.34 47.84 30.68
CA ALA C 661 -11.15 46.57 31.38
C ALA C 661 -10.75 46.76 32.85
N GLY C 662 -11.10 45.78 33.68
CA GLY C 662 -10.98 45.88 35.13
C GLY C 662 -12.06 46.76 35.74
N ASN C 663 -13.14 46.98 34.97
CA ASN C 663 -14.21 47.92 35.30
C ASN C 663 -13.73 49.34 35.65
N LYS C 664 -12.62 49.75 35.02
CA LYS C 664 -12.00 51.07 35.26
C LYS C 664 -12.67 52.09 34.34
N GLU C 665 -12.30 53.36 34.48
CA GLU C 665 -12.80 54.43 33.61
C GLU C 665 -11.78 55.54 33.49
N PHE C 666 -11.67 56.11 32.28
CA PHE C 666 -10.83 57.26 32.00
C PHE C 666 -11.70 58.37 31.42
N ARG C 667 -12.01 59.34 32.27
CA ARG C 667 -13.04 60.35 32.01
C ARG C 667 -12.40 61.64 31.48
N ILE C 668 -12.70 62.00 30.24
CA ILE C 668 -12.09 63.17 29.57
C ILE C 668 -13.10 64.32 29.49
N ARG C 669 -12.64 65.51 29.84
CA ARG C 669 -13.41 66.75 29.79
C ARG C 669 -12.65 67.83 29.01
N THR C 670 -13.39 68.66 28.26
CA THR C 670 -12.81 69.88 27.69
C THR C 670 -13.72 71.07 27.98
N ILE C 671 -13.10 72.16 28.45
CA ILE C 671 -13.82 73.38 28.81
C ILE C 671 -13.52 74.41 27.72
N ARG C 672 -14.58 74.84 27.03
CA ARG C 672 -14.50 75.83 25.94
C ARG C 672 -15.82 76.61 25.84
N LYS C 673 -15.72 77.91 25.57
CA LYS C 673 -16.88 78.82 25.57
C LYS C 673 -17.65 78.85 24.24
N SER C 674 -16.98 78.58 23.12
CA SER C 674 -17.61 78.63 21.78
C SER C 674 -17.05 77.54 20.83
N PRO C 675 -17.72 77.31 19.67
CA PRO C 675 -17.19 76.41 18.64
C PRO C 675 -15.75 76.72 18.16
N GLU C 676 -15.43 78.00 17.93
CA GLU C 676 -14.13 78.38 17.36
C GLU C 676 -12.89 78.20 18.28
N ASP C 677 -13.08 77.85 19.56
CA ASP C 677 -11.95 77.59 20.49
C ASP C 677 -11.26 76.25 20.20
N ILE C 678 -9.99 76.29 19.79
CA ILE C 678 -9.27 75.06 19.37
C ILE C 678 -7.84 74.89 19.94
N TYR C 679 -7.43 75.76 20.86
CA TYR C 679 -6.07 75.72 21.37
C TYR C 679 -6.07 75.36 22.86
N ILE C 680 -5.08 74.57 23.25
CA ILE C 680 -4.93 74.12 24.63
C ILE C 680 -4.28 75.25 25.42
N GLN C 681 -4.96 75.67 26.48
CA GLN C 681 -4.39 76.61 27.44
C GLN C 681 -3.65 75.82 28.51
N SER C 682 -4.31 74.82 29.09
CA SER C 682 -3.70 73.92 30.07
C SER C 682 -4.47 72.59 30.23
N VAL C 683 -3.74 71.55 30.63
CA VAL C 683 -4.29 70.21 30.84
C VAL C 683 -4.06 69.74 32.27
N THR C 684 -4.93 68.87 32.79
CA THR C 684 -4.76 68.27 34.12
C THR C 684 -5.03 66.74 34.15
N LEU C 685 -3.94 65.95 34.12
CA LEU C 685 -4.00 64.49 34.31
C LEU C 685 -4.10 64.15 35.81
N ASN C 686 -5.28 63.69 36.23
CA ASN C 686 -5.55 63.28 37.62
C ASN C 686 -5.41 64.43 38.63
N GLY C 687 -5.88 65.62 38.27
CA GLY C 687 -5.76 66.80 39.14
C GLY C 687 -4.50 67.63 38.89
N LYS C 688 -3.32 67.02 39.10
CA LYS C 688 -2.03 67.71 38.92
C LYS C 688 -1.87 68.30 37.51
N LYS C 689 -1.28 69.49 37.41
CA LYS C 689 -1.12 70.18 36.13
C LYS C 689 -0.22 69.37 35.17
N HIS C 690 -0.77 68.93 34.03
CA HIS C 690 -0.04 68.07 33.07
C HIS C 690 0.93 68.89 32.22
N LYS C 691 2.23 68.71 32.49
CA LYS C 691 3.32 69.45 31.82
C LYS C 691 3.72 68.85 30.44
N ASP C 692 3.80 67.52 30.36
CA ASP C 692 4.20 66.80 29.13
C ASP C 692 3.14 66.83 28.02
N PHE C 693 3.60 66.82 26.76
CA PHE C 693 2.70 66.80 25.57
C PHE C 693 2.22 65.39 25.13
N PHE C 694 2.42 64.38 26.00
CA PHE C 694 1.99 63.01 25.75
C PHE C 694 1.44 62.38 27.01
N ILE C 695 0.49 61.46 26.86
CA ILE C 695 0.08 60.56 27.96
C ILE C 695 0.43 59.12 27.62
N THR C 696 0.53 58.27 28.65
CA THR C 696 0.88 56.86 28.46
C THR C 696 -0.37 55.99 28.39
N HIS C 697 -0.15 54.73 28.01
CA HIS C 697 -1.21 53.72 28.00
C HIS C 697 -1.60 53.39 29.44
N GLN C 698 -0.60 53.18 30.31
CA GLN C 698 -0.83 52.93 31.76
C GLN C 698 -1.74 54.00 32.37
N ASP C 699 -1.50 55.28 32.02
CA ASP C 699 -2.38 56.40 32.43
C ASP C 699 -3.85 56.11 32.12
N ILE C 700 -4.10 55.69 30.88
CA ILE C 700 -5.47 55.45 30.43
C ILE C 700 -6.06 54.18 31.04
N MET C 701 -5.25 53.12 31.12
CA MET C 701 -5.70 51.83 31.67
C MET C 701 -5.78 51.79 33.21
N ASN C 702 -4.99 52.62 33.91
CA ASN C 702 -5.11 52.77 35.39
C ASN C 702 -6.46 53.39 35.83
N GLY C 703 -7.11 54.13 34.94
CA GLY C 703 -8.35 54.81 35.25
C GLY C 703 -8.03 56.16 35.86
N GLY C 704 -8.92 57.13 35.68
CA GLY C 704 -8.71 58.48 36.21
C GLY C 704 -9.50 59.59 35.54
N THR C 705 -8.90 60.79 35.51
CA THR C 705 -9.47 62.00 34.90
C THR C 705 -8.47 62.75 34.01
N MET C 706 -8.99 63.54 33.09
CA MET C 706 -8.20 64.46 32.26
C MET C 706 -9.10 65.64 31.88
N VAL C 707 -8.61 66.86 32.12
CA VAL C 707 -9.36 68.09 31.81
C VAL C 707 -8.53 69.06 30.94
N PHE C 708 -9.10 69.47 29.80
CA PHE C 708 -8.50 70.45 28.87
C PHE C 708 -9.18 71.81 29.04
N LYS C 709 -8.42 72.84 29.42
CA LYS C 709 -8.93 74.21 29.38
C LYS C 709 -8.57 74.78 28.02
N MET C 710 -9.58 75.07 27.20
CA MET C 710 -9.36 75.56 25.82
C MET C 710 -9.56 77.08 25.69
N GLY C 711 -9.29 77.62 24.49
CA GLY C 711 -9.50 79.04 24.21
C GLY C 711 -9.21 79.41 22.77
N LYS C 712 -9.51 80.66 22.40
CA LYS C 712 -9.45 81.12 21.00
C LYS C 712 -8.02 81.36 20.48
N LYS C 713 -7.02 81.40 21.35
CA LYS C 713 -5.63 81.68 20.94
C LYS C 713 -4.57 80.78 21.63
N PRO C 714 -3.37 80.64 21.01
CA PRO C 714 -2.18 79.90 21.52
C PRO C 714 -1.72 80.11 22.98
N SER C 715 -0.84 79.22 23.45
CA SER C 715 -0.20 79.33 24.79
C SER C 715 1.09 78.47 24.92
N GLY C 716 1.11 77.47 25.81
CA GLY C 716 2.28 76.58 26.00
C GLY C 716 1.88 75.15 26.29
#